data_2N5I
#
_entry.id   2N5I
#
loop_
_entity.id
_entity.type
_entity.pdbx_description
1 polymer 'Peptidyl carrier protein PltL'
2 non-polymer '(3R)-3-hydroxy-2,2-dimethyl-4-oxo-4-{[3-oxo-3-({2-[(1H-pyrrol-2-ylcarbonyl)amino]ethyl}amino)propyl]amino}butyl dihydrogen phosphate'
#
_entity_poly.entity_id   1
_entity_poly.type   'polypeptide(L)'
_entity_poly.pdbx_seq_one_letter_code
;MDGEEVKEKIRRYIMEDLIGPSAKEDELDDQTPLLEWGILNSMNIVKLMVYIRDEMGVSIPSTHITGKYFKDLNAISRTV
EQLKAESALE
;
_entity_poly.pdbx_strand_id   A
#
# COMPACT_ATOMS: atom_id res chain seq x y z
N MET A 1 7.10 -9.73 11.62
CA MET A 1 7.45 -8.34 11.17
C MET A 1 8.29 -8.41 9.89
N ASP A 2 8.02 -9.44 9.09
CA ASP A 2 8.82 -9.87 7.93
C ASP A 2 8.45 -9.08 6.66
N GLY A 3 7.41 -8.24 6.76
CA GLY A 3 6.90 -7.45 5.65
C GLY A 3 5.78 -8.17 4.93
N GLU A 4 6.00 -9.45 4.59
CA GLU A 4 5.05 -10.25 3.78
C GLU A 4 3.74 -10.55 4.53
N GLU A 5 3.85 -11.04 5.75
CA GLU A 5 2.69 -11.28 6.64
C GLU A 5 1.98 -9.95 7.03
N VAL A 6 2.68 -8.82 6.84
CA VAL A 6 2.10 -7.48 7.01
C VAL A 6 1.43 -7.00 5.71
N LYS A 7 2.01 -7.34 4.55
CA LYS A 7 1.54 -6.84 3.24
C LYS A 7 0.14 -7.39 2.91
N GLU A 8 -0.13 -8.61 3.33
CA GLU A 8 -1.46 -9.21 3.19
C GLU A 8 -2.51 -8.47 4.06
N LYS A 9 -2.08 -7.97 5.24
CA LYS A 9 -2.95 -7.18 6.14
C LYS A 9 -3.34 -5.85 5.49
N ILE A 10 -2.41 -5.31 4.67
CA ILE A 10 -2.65 -4.04 3.93
C ILE A 10 -3.91 -4.19 3.08
N ARG A 11 -4.01 -5.33 2.37
CA ARG A 11 -5.17 -5.68 1.50
C ARG A 11 -6.49 -5.67 2.27
N ARG A 12 -6.47 -6.17 3.52
CA ARG A 12 -7.66 -6.19 4.41
C ARG A 12 -8.12 -4.75 4.68
N TYR A 13 -7.16 -3.91 5.04
CA TYR A 13 -7.38 -2.47 5.28
C TYR A 13 -7.85 -1.75 4.00
N ILE A 14 -7.32 -2.19 2.84
CA ILE A 14 -7.64 -1.60 1.52
C ILE A 14 -9.12 -1.76 1.23
N MET A 15 -9.65 -2.97 1.47
CA MET A 15 -11.06 -3.26 1.18
C MET A 15 -11.99 -2.51 2.16
N GLU A 16 -11.59 -2.46 3.43
CA GLU A 16 -12.43 -1.86 4.50
C GLU A 16 -12.48 -0.33 4.42
N ASP A 17 -11.38 0.29 3.98
CA ASP A 17 -11.24 1.76 3.94
C ASP A 17 -11.22 2.27 2.50
N LEU A 18 -10.19 1.85 1.76
CA LEU A 18 -9.87 2.36 0.41
C LEU A 18 -11.02 2.06 -0.60
N ILE A 19 -11.70 0.90 -0.44
CA ILE A 19 -12.97 0.62 -1.15
C ILE A 19 -14.15 1.11 -0.28
N GLY A 20 -14.20 0.64 0.98
CA GLY A 20 -15.28 0.99 1.92
C GLY A 20 -16.10 -0.22 2.34
N PRO A 21 -17.37 -0.03 2.83
CA PRO A 21 -18.25 -1.14 3.30
C PRO A 21 -18.75 -2.03 2.14
N SER A 22 -18.62 -1.54 0.90
CA SER A 22 -18.99 -2.27 -0.33
C SER A 22 -17.76 -2.97 -0.93
N ALA A 23 -16.95 -3.55 -0.03
CA ALA A 23 -15.67 -4.18 -0.37
C ALA A 23 -15.85 -5.42 -1.25
N LYS A 24 -15.55 -5.27 -2.56
CA LYS A 24 -15.64 -6.35 -3.54
C LYS A 24 -14.44 -7.31 -3.39
N GLU A 25 -14.56 -8.19 -2.38
CA GLU A 25 -13.55 -9.21 -1.98
C GLU A 25 -13.10 -10.11 -3.14
N ASP A 26 -14.00 -10.21 -4.13
CA ASP A 26 -13.85 -11.08 -5.31
C ASP A 26 -12.61 -10.68 -6.10
N GLU A 27 -12.48 -9.36 -6.25
CA GLU A 27 -11.44 -8.72 -7.09
C GLU A 27 -10.17 -8.40 -6.28
N LEU A 28 -10.21 -8.62 -4.95
CA LEU A 28 -9.08 -8.36 -4.06
C LEU A 28 -7.96 -9.37 -4.34
N ASP A 29 -6.74 -8.84 -4.55
CA ASP A 29 -5.52 -9.63 -4.76
C ASP A 29 -4.31 -8.69 -4.63
N ASP A 30 -3.11 -9.27 -4.57
CA ASP A 30 -1.85 -8.53 -4.50
C ASP A 30 -1.42 -8.05 -5.90
N GLN A 31 -1.65 -8.92 -6.90
CA GLN A 31 -1.33 -8.64 -8.31
C GLN A 31 -2.45 -7.81 -8.99
N THR A 32 -3.61 -7.64 -8.30
CA THR A 32 -4.68 -6.74 -8.78
C THR A 32 -4.21 -5.27 -8.68
N PRO A 33 -4.12 -4.54 -9.84
CA PRO A 33 -3.65 -3.16 -9.88
C PRO A 33 -4.72 -2.18 -9.34
N LEU A 34 -4.44 -1.65 -8.14
CA LEU A 34 -5.32 -0.76 -7.40
C LEU A 34 -5.46 0.61 -8.09
N LEU A 35 -4.31 1.27 -8.37
CA LEU A 35 -4.24 2.57 -9.07
C LEU A 35 -4.94 2.50 -10.44
N GLU A 36 -4.70 1.38 -11.13
CA GLU A 36 -5.19 1.16 -12.49
C GLU A 36 -6.71 0.97 -12.49
N TRP A 37 -7.26 0.39 -11.39
CA TRP A 37 -8.71 0.11 -11.27
C TRP A 37 -9.42 1.24 -10.48
N GLY A 38 -8.71 2.38 -10.29
CA GLY A 38 -9.29 3.54 -9.62
C GLY A 38 -9.65 3.31 -8.15
N ILE A 39 -9.07 2.27 -7.55
CA ILE A 39 -9.27 1.89 -6.16
C ILE A 39 -8.61 2.94 -5.26
N LEU A 40 -7.45 3.43 -5.72
CA LEU A 40 -6.69 4.48 -5.06
C LEU A 40 -6.66 5.73 -5.95
N ASN A 41 -7.17 6.85 -5.45
CA ASN A 41 -7.10 8.16 -6.14
C ASN A 41 -7.04 9.29 -5.10
N SER A 42 -5.80 9.58 -4.64
CA SER A 42 -5.46 10.78 -3.83
C SER A 42 -6.13 10.82 -2.43
N MET A 43 -7.44 11.11 -2.40
CA MET A 43 -8.21 11.31 -1.14
C MET A 43 -8.06 10.14 -0.15
N ASN A 44 -8.02 8.94 -0.71
CA ASN A 44 -7.86 7.69 0.07
C ASN A 44 -6.37 7.25 0.11
N ILE A 45 -5.57 7.72 -0.85
CA ILE A 45 -4.16 7.28 -1.04
C ILE A 45 -3.25 7.68 0.14
N VAL A 46 -3.66 8.74 0.86
CA VAL A 46 -2.92 9.26 2.03
C VAL A 46 -2.94 8.23 3.19
N LYS A 47 -3.96 7.35 3.17
CA LYS A 47 -4.11 6.27 4.15
C LYS A 47 -2.95 5.26 4.05
N LEU A 48 -2.46 5.01 2.80
CA LEU A 48 -1.28 4.14 2.59
C LEU A 48 -0.03 4.74 3.27
N MET A 49 0.09 6.08 3.15
CA MET A 49 1.24 6.84 3.69
C MET A 49 1.29 6.69 5.22
N VAL A 50 0.17 7.04 5.88
CA VAL A 50 0.07 7.07 7.35
C VAL A 50 0.00 5.66 7.96
N TYR A 51 -0.53 4.68 7.19
CA TYR A 51 -0.69 3.29 7.67
C TYR A 51 0.69 2.70 7.93
N ILE A 52 1.51 2.74 6.88
CA ILE A 52 2.86 2.16 6.85
C ILE A 52 3.81 2.94 7.76
N ARG A 53 3.55 4.25 7.88
CA ARG A 53 4.23 5.14 8.84
C ARG A 53 3.99 4.67 10.29
N ASP A 54 2.75 4.24 10.56
CA ASP A 54 2.35 3.72 11.89
C ASP A 54 2.81 2.26 12.08
N GLU A 55 2.76 1.49 10.98
CA GLU A 55 3.01 0.05 10.97
C GLU A 55 4.51 -0.25 10.93
N MET A 56 5.13 -0.02 9.78
CA MET A 56 6.55 -0.35 9.52
C MET A 56 7.47 0.87 9.77
N GLY A 57 6.90 1.94 10.35
CA GLY A 57 7.66 3.12 10.77
C GLY A 57 8.27 3.92 9.62
N VAL A 58 7.73 3.76 8.41
CA VAL A 58 8.26 4.40 7.19
C VAL A 58 7.09 5.00 6.37
N SER A 59 7.17 6.29 6.08
CA SER A 59 6.19 6.99 5.26
C SER A 59 6.80 7.22 3.88
N ILE A 60 6.04 6.87 2.83
CA ILE A 60 6.43 7.13 1.43
C ILE A 60 6.45 8.66 1.19
N PRO A 61 7.64 9.25 0.84
CA PRO A 61 7.77 10.70 0.58
C PRO A 61 6.94 11.16 -0.63
N SER A 62 6.66 12.48 -0.68
CA SER A 62 5.84 13.10 -1.73
C SER A 62 6.48 12.95 -3.14
N THR A 63 7.81 12.75 -3.17
CA THR A 63 8.56 12.48 -4.42
C THR A 63 8.29 11.07 -4.98
N HIS A 64 8.02 10.11 -4.06
CA HIS A 64 7.71 8.69 -4.41
C HIS A 64 6.21 8.46 -4.56
N ILE A 65 5.40 9.53 -4.41
CA ILE A 65 3.96 9.43 -4.69
C ILE A 65 3.73 9.47 -6.19
N THR A 66 3.65 8.27 -6.78
CA THR A 66 3.36 8.10 -8.19
C THR A 66 2.64 6.76 -8.40
N GLY A 67 1.76 6.75 -9.39
CA GLY A 67 0.94 5.59 -9.72
C GLY A 67 1.75 4.35 -10.09
N LYS A 68 3.01 4.53 -10.53
CA LYS A 68 3.88 3.41 -10.91
C LYS A 68 4.45 2.66 -9.68
N TYR A 69 4.54 3.37 -8.54
CA TYR A 69 4.94 2.74 -7.26
C TYR A 69 3.70 2.25 -6.49
N PHE A 70 2.55 2.84 -6.78
CA PHE A 70 1.27 2.55 -6.10
C PHE A 70 0.32 1.70 -6.97
N LYS A 71 0.86 1.09 -8.07
CA LYS A 71 0.02 0.32 -9.04
C LYS A 71 -0.86 -0.72 -8.33
N ASP A 72 -0.23 -1.51 -7.46
CA ASP A 72 -0.85 -2.66 -6.78
C ASP A 72 -0.11 -2.93 -5.46
N LEU A 73 -0.46 -4.02 -4.75
CA LEU A 73 0.19 -4.35 -3.46
C LEU A 73 1.67 -4.69 -3.68
N ASN A 74 1.96 -5.44 -4.77
CA ASN A 74 3.34 -5.87 -5.08
C ASN A 74 4.19 -4.71 -5.59
N ALA A 75 3.55 -3.71 -6.22
CA ALA A 75 4.24 -2.45 -6.60
C ALA A 75 4.66 -1.68 -5.34
N ILE A 76 3.69 -1.52 -4.42
CA ILE A 76 3.90 -0.92 -3.08
C ILE A 76 4.89 -1.76 -2.27
N SER A 77 4.92 -3.09 -2.52
CA SER A 77 5.84 -4.02 -1.85
C SER A 77 7.28 -3.63 -2.14
N ARG A 78 7.59 -3.45 -3.43
CA ARG A 78 8.97 -3.16 -3.87
C ARG A 78 9.40 -1.79 -3.37
N THR A 79 8.44 -0.87 -3.31
CA THR A 79 8.65 0.49 -2.85
C THR A 79 8.86 0.54 -1.31
N VAL A 80 8.06 -0.21 -0.58
CA VAL A 80 8.03 -0.13 0.89
C VAL A 80 9.23 -0.89 1.49
N GLU A 81 9.63 -1.99 0.85
CA GLU A 81 10.74 -2.82 1.33
C GLU A 81 12.07 -2.19 0.97
N GLN A 82 12.13 -1.49 -0.19
CA GLN A 82 13.34 -0.75 -0.59
C GLN A 82 13.57 0.41 0.38
N LEU A 83 12.46 1.11 0.76
CA LEU A 83 12.52 2.27 1.68
C LEU A 83 12.98 1.85 3.08
N LYS A 84 12.55 0.66 3.54
CA LYS A 84 13.00 0.11 4.84
C LYS A 84 14.48 -0.31 4.77
N ALA A 85 14.95 -0.66 3.57
CA ALA A 85 16.37 -0.99 3.32
C ALA A 85 17.23 0.29 3.31
N GLU A 86 16.67 1.37 2.74
CA GLU A 86 17.36 2.67 2.65
C GLU A 86 17.34 3.40 4.00
N SER A 87 16.27 3.17 4.78
CA SER A 87 16.10 3.72 6.13
C SER A 87 16.94 2.92 7.15
N ALA A 88 17.30 1.66 6.80
CA ALA A 88 18.08 0.80 7.70
C ALA A 88 19.52 1.31 7.86
N LEU A 89 19.72 2.08 8.92
CA LEU A 89 21.03 2.60 9.34
C LEU A 89 21.90 1.46 9.92
N GLU A 90 21.23 0.36 10.32
CA GLU A 90 21.86 -0.81 10.91
C GLU A 90 22.45 -1.70 9.78
N MET A 1 5.19 -3.67 10.86
CA MET A 1 5.80 -4.86 11.46
C MET A 1 6.98 -5.33 10.60
N ASP A 2 6.70 -5.69 9.34
CA ASP A 2 7.70 -6.29 8.42
C ASP A 2 7.48 -5.80 6.98
N GLY A 3 6.65 -6.51 6.21
CA GLY A 3 6.50 -6.27 4.79
C GLY A 3 5.64 -7.34 4.20
N GLU A 4 6.16 -8.59 4.21
CA GLU A 4 5.40 -9.80 3.81
C GLU A 4 4.15 -9.95 4.68
N GLU A 5 4.34 -9.74 5.99
CA GLU A 5 3.29 -9.85 7.00
C GLU A 5 2.17 -8.80 6.79
N VAL A 6 2.54 -7.60 6.32
CA VAL A 6 1.60 -6.49 6.15
C VAL A 6 0.90 -6.54 4.80
N LYS A 7 1.50 -7.21 3.79
CA LYS A 7 0.98 -7.26 2.40
C LYS A 7 -0.53 -7.54 2.34
N GLU A 8 -0.96 -8.60 3.01
CA GLU A 8 -2.39 -8.98 3.09
C GLU A 8 -3.22 -7.91 3.82
N LYS A 9 -2.63 -7.29 4.86
CA LYS A 9 -3.31 -6.24 5.66
C LYS A 9 -3.42 -4.92 4.88
N ILE A 10 -2.56 -4.74 3.86
CA ILE A 10 -2.63 -3.57 2.95
C ILE A 10 -3.83 -3.76 2.03
N ARG A 11 -3.99 -5.00 1.52
CA ARG A 11 -5.12 -5.38 0.66
C ARG A 11 -6.44 -5.26 1.42
N ARG A 12 -6.44 -5.78 2.65
CA ARG A 12 -7.63 -5.75 3.51
C ARG A 12 -8.02 -4.34 3.83
N TYR A 13 -7.06 -3.56 4.32
CA TYR A 13 -7.26 -2.15 4.75
C TYR A 13 -8.01 -1.31 3.70
N ILE A 14 -7.68 -1.55 2.41
CA ILE A 14 -8.37 -0.93 1.28
C ILE A 14 -9.88 -1.25 1.36
N MET A 15 -10.19 -2.54 1.44
CA MET A 15 -11.58 -3.03 1.55
C MET A 15 -12.27 -2.61 2.87
N GLU A 16 -11.53 -2.69 4.01
CA GLU A 16 -12.13 -2.48 5.35
C GLU A 16 -12.55 -1.01 5.51
N ASP A 17 -11.59 -0.13 5.24
CA ASP A 17 -11.70 1.32 5.54
C ASP A 17 -12.06 2.12 4.29
N LEU A 18 -11.28 1.94 3.21
CA LEU A 18 -11.40 2.78 1.99
C LEU A 18 -12.67 2.49 1.20
N ILE A 19 -13.08 1.21 1.12
CA ILE A 19 -14.35 0.79 0.48
C ILE A 19 -15.46 0.77 1.55
N GLY A 20 -15.15 0.17 2.70
CA GLY A 20 -16.13 -0.05 3.77
C GLY A 20 -16.66 -1.51 3.77
N PRO A 21 -17.71 -1.82 4.59
CA PRO A 21 -18.30 -3.19 4.68
C PRO A 21 -19.06 -3.63 3.39
N SER A 22 -19.05 -2.77 2.36
CA SER A 22 -19.53 -3.08 1.01
C SER A 22 -18.41 -3.73 0.15
N ALA A 23 -17.34 -4.19 0.82
CA ALA A 23 -16.13 -4.73 0.17
C ALA A 23 -16.41 -5.98 -0.67
N LYS A 24 -15.90 -5.93 -1.90
CA LYS A 24 -15.87 -7.06 -2.82
C LYS A 24 -14.43 -7.58 -2.87
N GLU A 25 -14.06 -8.40 -1.88
CA GLU A 25 -12.70 -8.99 -1.77
C GLU A 25 -12.37 -9.87 -2.98
N ASP A 26 -13.42 -10.35 -3.68
CA ASP A 26 -13.30 -11.16 -4.88
C ASP A 26 -12.69 -10.34 -6.04
N GLU A 27 -13.04 -9.03 -6.07
CA GLU A 27 -12.49 -8.06 -7.03
C GLU A 27 -11.03 -7.67 -6.65
N LEU A 28 -10.66 -7.94 -5.39
CA LEU A 28 -9.34 -7.63 -4.82
C LEU A 28 -8.36 -8.80 -5.01
N ASP A 29 -7.09 -8.45 -5.24
CA ASP A 29 -5.95 -9.40 -5.23
C ASP A 29 -4.65 -8.60 -5.05
N ASP A 30 -3.52 -9.31 -4.83
CA ASP A 30 -2.20 -8.67 -4.73
C ASP A 30 -1.72 -8.20 -6.10
N GLN A 31 -2.04 -9.00 -7.13
CA GLN A 31 -1.68 -8.75 -8.52
C GLN A 31 -2.61 -7.70 -9.16
N THR A 32 -3.77 -7.42 -8.52
CA THR A 32 -4.76 -6.46 -9.04
C THR A 32 -4.16 -5.04 -9.09
N PRO A 33 -4.07 -4.44 -10.33
CA PRO A 33 -3.56 -3.07 -10.49
C PRO A 33 -4.59 -2.05 -9.98
N LEU A 34 -4.30 -1.46 -8.82
CA LEU A 34 -5.22 -0.55 -8.12
C LEU A 34 -5.47 0.73 -8.93
N LEU A 35 -4.41 1.23 -9.59
CA LEU A 35 -4.50 2.44 -10.45
C LEU A 35 -5.41 2.20 -11.64
N GLU A 36 -5.23 1.05 -12.31
CA GLU A 36 -6.03 0.68 -13.50
C GLU A 36 -7.49 0.42 -13.12
N TRP A 37 -7.73 0.05 -11.84
CA TRP A 37 -9.09 -0.19 -11.32
C TRP A 37 -9.66 1.08 -10.68
N GLY A 38 -8.95 2.22 -10.84
CA GLY A 38 -9.43 3.53 -10.38
C GLY A 38 -9.57 3.66 -8.87
N ILE A 39 -8.91 2.75 -8.13
CA ILE A 39 -8.99 2.63 -6.68
C ILE A 39 -8.19 3.74 -6.00
N LEU A 40 -7.03 4.10 -6.60
CA LEU A 40 -6.06 5.01 -5.97
C LEU A 40 -6.07 6.42 -6.55
N ASN A 41 -6.02 7.34 -5.59
CA ASN A 41 -5.84 8.80 -5.72
C ASN A 41 -5.93 9.34 -4.29
N SER A 42 -5.79 10.65 -4.09
CA SER A 42 -5.62 11.28 -2.76
C SER A 42 -6.52 10.68 -1.62
N MET A 43 -7.81 10.48 -1.91
CA MET A 43 -8.82 10.03 -0.91
C MET A 43 -8.61 8.56 -0.44
N ASN A 44 -7.64 7.87 -1.04
CA ASN A 44 -7.32 6.47 -0.74
C ASN A 44 -5.83 6.34 -0.42
N ILE A 45 -5.01 6.92 -1.31
CA ILE A 45 -3.56 6.69 -1.37
C ILE A 45 -2.82 7.26 -0.12
N VAL A 46 -3.35 8.37 0.42
CA VAL A 46 -2.77 9.06 1.59
C VAL A 46 -2.94 8.18 2.85
N LYS A 47 -3.96 7.32 2.82
CA LYS A 47 -4.29 6.40 3.90
C LYS A 47 -3.28 5.24 3.95
N LEU A 48 -2.70 4.89 2.79
CA LEU A 48 -1.59 3.92 2.71
C LEU A 48 -0.31 4.51 3.28
N MET A 49 -0.08 5.82 2.99
CA MET A 49 1.11 6.55 3.47
C MET A 49 1.17 6.52 5.00
N VAL A 50 0.05 6.92 5.64
CA VAL A 50 -0.07 6.98 7.12
C VAL A 50 -0.14 5.56 7.74
N TYR A 51 -0.65 4.58 6.96
CA TYR A 51 -0.77 3.17 7.43
C TYR A 51 0.62 2.61 7.70
N ILE A 52 1.43 2.64 6.65
CA ILE A 52 2.81 2.12 6.63
C ILE A 52 3.71 2.96 7.57
N ARG A 53 3.37 4.25 7.69
CA ARG A 53 4.06 5.20 8.59
C ARG A 53 3.88 4.79 10.07
N ASP A 54 2.75 4.17 10.39
CA ASP A 54 2.44 3.74 11.77
C ASP A 54 2.79 2.25 12.00
N GLU A 55 2.62 1.45 10.94
CA GLU A 55 2.74 -0.03 11.02
C GLU A 55 4.22 -0.44 10.92
N MET A 56 4.92 0.00 9.85
CA MET A 56 6.38 -0.27 9.66
C MET A 56 7.24 0.91 10.11
N GLY A 57 6.61 2.05 10.43
CA GLY A 57 7.32 3.25 10.87
C GLY A 57 7.97 4.02 9.74
N VAL A 58 7.49 3.83 8.50
CA VAL A 58 8.05 4.49 7.29
C VAL A 58 6.90 4.94 6.36
N SER A 59 6.89 6.21 5.95
CA SER A 59 5.99 6.70 4.90
C SER A 59 6.80 6.89 3.63
N ILE A 60 6.16 6.66 2.49
CA ILE A 60 6.73 7.01 1.18
C ILE A 60 6.80 8.55 1.08
N PRO A 61 8.03 9.15 0.87
CA PRO A 61 8.19 10.62 0.70
C PRO A 61 7.41 11.13 -0.52
N SER A 62 6.99 12.40 -0.46
CA SER A 62 6.08 13.01 -1.46
C SER A 62 6.65 13.01 -2.90
N THR A 63 7.99 12.98 -3.02
CA THR A 63 8.68 12.89 -4.33
C THR A 63 8.55 11.46 -4.90
N HIS A 64 8.54 10.46 -4.00
CA HIS A 64 8.34 9.04 -4.36
C HIS A 64 6.84 8.69 -4.46
N ILE A 65 5.95 9.66 -4.16
CA ILE A 65 4.52 9.47 -4.39
C ILE A 65 4.26 9.60 -5.90
N THR A 66 4.24 8.43 -6.53
CA THR A 66 3.93 8.27 -7.94
C THR A 66 3.31 6.88 -8.13
N GLY A 67 2.56 6.73 -9.21
CA GLY A 67 1.84 5.49 -9.49
C GLY A 67 2.76 4.28 -9.66
N LYS A 68 4.02 4.53 -10.08
CA LYS A 68 5.06 3.50 -10.25
C LYS A 68 5.21 2.58 -9.00
N TYR A 69 5.19 3.22 -7.83
CA TYR A 69 5.39 2.53 -6.54
C TYR A 69 4.06 2.12 -5.91
N PHE A 70 2.93 2.55 -6.51
CA PHE A 70 1.57 2.29 -5.99
C PHE A 70 0.70 1.54 -7.04
N LYS A 71 1.34 0.91 -8.05
CA LYS A 71 0.61 0.20 -9.15
C LYS A 71 -0.43 -0.79 -8.60
N ASP A 72 0.00 -1.53 -7.58
CA ASP A 72 -0.76 -2.63 -6.99
C ASP A 72 -0.16 -2.92 -5.60
N LEU A 73 -0.35 -4.13 -5.08
CA LEU A 73 0.29 -4.53 -3.81
C LEU A 73 1.78 -4.73 -4.03
N ASN A 74 2.13 -5.57 -5.03
CA ASN A 74 3.52 -5.97 -5.33
C ASN A 74 4.45 -4.76 -5.51
N ALA A 75 3.94 -3.72 -6.18
CA ALA A 75 4.65 -2.43 -6.33
C ALA A 75 5.08 -1.87 -4.95
N ILE A 76 4.09 -1.79 -4.05
CA ILE A 76 4.27 -1.29 -2.68
C ILE A 76 5.12 -2.25 -1.84
N SER A 77 4.96 -3.57 -2.08
CA SER A 77 5.63 -4.63 -1.31
C SER A 77 7.15 -4.59 -1.56
N ARG A 78 7.52 -4.19 -2.78
CA ARG A 78 8.93 -4.03 -3.17
C ARG A 78 9.48 -2.70 -2.65
N THR A 79 8.70 -1.63 -2.88
CA THR A 79 9.09 -0.25 -2.53
C THR A 79 9.30 -0.08 -1.02
N VAL A 80 8.39 -0.66 -0.23
CA VAL A 80 8.39 -0.52 1.24
C VAL A 80 9.66 -1.17 1.83
N GLU A 81 10.11 -2.28 1.21
CA GLU A 81 11.37 -2.95 1.57
C GLU A 81 12.58 -2.09 1.20
N GLN A 82 12.49 -1.40 0.05
CA GLN A 82 13.56 -0.47 -0.42
C GLN A 82 13.75 0.67 0.57
N LEU A 83 12.61 1.23 1.01
CA LEU A 83 12.59 2.38 1.93
C LEU A 83 13.19 2.00 3.29
N LYS A 84 12.85 0.82 3.80
CA LYS A 84 13.39 0.34 5.09
C LYS A 84 14.85 -0.12 4.97
N ALA A 85 15.27 -0.49 3.74
CA ALA A 85 16.66 -0.90 3.47
C ALA A 85 17.60 0.32 3.45
N GLU A 86 17.15 1.41 2.82
CA GLU A 86 17.96 2.63 2.63
C GLU A 86 17.84 3.60 3.82
N SER A 87 16.61 3.82 4.28
CA SER A 87 16.30 4.81 5.34
C SER A 87 16.47 4.19 6.75
N ALA A 88 16.54 2.86 6.85
CA ALA A 88 16.78 2.15 8.13
C ALA A 88 17.82 1.05 7.95
N LEU A 89 18.14 0.37 9.05
CA LEU A 89 19.08 -0.75 9.10
C LEU A 89 18.40 -2.00 9.69
N GLU A 90 17.14 -1.84 10.12
CA GLU A 90 16.33 -2.92 10.74
C GLU A 90 15.20 -3.33 9.78
N MET A 1 6.90 -6.89 12.95
CA MET A 1 7.07 -6.49 11.52
C MET A 1 7.54 -7.68 10.67
N ASP A 2 6.78 -8.00 9.62
CA ASP A 2 7.14 -9.02 8.62
C ASP A 2 6.58 -8.60 7.26
N GLY A 3 7.36 -8.85 6.20
CA GLY A 3 6.98 -8.47 4.83
C GLY A 3 5.65 -9.06 4.41
N GLU A 4 5.59 -10.39 4.27
CA GLU A 4 4.36 -11.10 3.83
C GLU A 4 3.12 -10.70 4.63
N GLU A 5 3.33 -10.55 5.95
CA GLU A 5 2.31 -10.15 6.91
C GLU A 5 1.71 -8.79 6.53
N VAL A 6 2.58 -7.77 6.41
CA VAL A 6 2.13 -6.38 6.31
C VAL A 6 1.62 -6.06 4.91
N LYS A 7 2.16 -6.78 3.92
CA LYS A 7 1.82 -6.60 2.51
C LYS A 7 0.35 -6.92 2.25
N GLU A 8 -0.10 -8.12 2.67
CA GLU A 8 -1.52 -8.48 2.50
C GLU A 8 -2.39 -7.56 3.37
N LYS A 9 -1.88 -7.17 4.55
CA LYS A 9 -2.56 -6.23 5.48
C LYS A 9 -2.82 -4.86 4.86
N ILE A 10 -1.97 -4.46 3.89
CA ILE A 10 -2.19 -3.23 3.09
C ILE A 10 -3.55 -3.36 2.38
N ARG A 11 -3.72 -4.48 1.65
CA ARG A 11 -4.94 -4.80 0.89
C ARG A 11 -6.19 -4.78 1.78
N ARG A 12 -6.07 -5.41 2.97
CA ARG A 12 -7.18 -5.51 3.96
C ARG A 12 -7.68 -4.11 4.32
N TYR A 13 -6.73 -3.28 4.75
CA TYR A 13 -6.98 -1.87 5.13
C TYR A 13 -7.65 -1.07 4.00
N ILE A 14 -7.18 -1.30 2.76
CA ILE A 14 -7.71 -0.65 1.56
C ILE A 14 -9.21 -0.98 1.38
N MET A 15 -9.55 -2.27 1.43
CA MET A 15 -10.93 -2.74 1.22
C MET A 15 -11.88 -2.22 2.33
N GLU A 16 -11.36 -2.16 3.58
CA GLU A 16 -12.16 -1.77 4.77
C GLU A 16 -12.53 -0.27 4.73
N ASP A 17 -11.49 0.57 4.76
CA ASP A 17 -11.64 2.03 4.89
C ASP A 17 -11.82 2.68 3.53
N LEU A 18 -10.79 2.50 2.67
CA LEU A 18 -10.62 3.24 1.41
C LEU A 18 -11.80 2.96 0.45
N ILE A 19 -12.20 1.68 0.33
CA ILE A 19 -13.38 1.28 -0.44
C ILE A 19 -14.65 1.56 0.39
N GLY A 20 -14.77 0.90 1.54
CA GLY A 20 -15.95 1.04 2.43
C GLY A 20 -16.35 -0.27 3.08
N PRO A 21 -17.44 -0.26 3.93
CA PRO A 21 -17.86 -1.43 4.72
C PRO A 21 -18.34 -2.61 3.85
N SER A 22 -18.71 -2.32 2.59
CA SER A 22 -19.13 -3.34 1.63
C SER A 22 -17.91 -4.13 1.12
N ALA A 23 -17.10 -3.48 0.25
CA ALA A 23 -15.90 -4.04 -0.40
C ALA A 23 -16.24 -5.20 -1.36
N LYS A 24 -15.63 -5.19 -2.56
CA LYS A 24 -15.79 -6.26 -3.54
C LYS A 24 -14.47 -7.03 -3.65
N GLU A 25 -14.41 -8.20 -3.00
CA GLU A 25 -13.15 -8.96 -2.80
C GLU A 25 -12.74 -9.72 -4.08
N ASP A 26 -13.61 -9.65 -5.09
CA ASP A 26 -13.45 -10.33 -6.38
C ASP A 26 -12.14 -9.95 -7.06
N GLU A 27 -11.85 -8.65 -7.07
CA GLU A 27 -10.63 -8.10 -7.70
C GLU A 27 -9.46 -8.02 -6.73
N LEU A 28 -9.73 -8.24 -5.43
CA LEU A 28 -8.71 -8.11 -4.40
C LEU A 28 -7.68 -9.24 -4.57
N ASP A 29 -6.47 -8.84 -4.96
CA ASP A 29 -5.35 -9.73 -5.27
C ASP A 29 -4.06 -8.94 -5.11
N ASP A 30 -2.93 -9.64 -5.13
CA ASP A 30 -1.61 -9.02 -4.94
C ASP A 30 -1.07 -8.42 -6.25
N GLN A 31 -1.40 -9.06 -7.37
CA GLN A 31 -0.94 -8.65 -8.71
C GLN A 31 -2.02 -7.87 -9.48
N THR A 32 -3.25 -7.75 -8.92
CA THR A 32 -4.30 -6.88 -9.51
C THR A 32 -3.92 -5.40 -9.36
N PRO A 33 -3.79 -4.64 -10.50
CA PRO A 33 -3.49 -3.21 -10.44
C PRO A 33 -4.63 -2.43 -9.77
N LEU A 34 -4.37 -2.02 -8.53
CA LEU A 34 -5.36 -1.41 -7.65
C LEU A 34 -5.79 -0.02 -8.18
N LEU A 35 -4.82 0.75 -8.72
CA LEU A 35 -5.10 2.06 -9.36
C LEU A 35 -6.07 1.90 -10.54
N GLU A 36 -5.73 0.96 -11.42
CA GLU A 36 -6.40 0.79 -12.72
C GLU A 36 -7.81 0.25 -12.53
N TRP A 37 -8.04 -0.46 -11.40
CA TRP A 37 -9.37 -1.04 -11.07
C TRP A 37 -10.14 -0.13 -10.09
N GLY A 38 -9.71 1.15 -9.96
CA GLY A 38 -10.43 2.16 -9.17
C GLY A 38 -10.50 1.87 -7.66
N ILE A 39 -9.54 1.06 -7.20
CA ILE A 39 -9.44 0.63 -5.80
C ILE A 39 -8.65 1.71 -5.02
N LEU A 40 -7.73 2.39 -5.73
CA LEU A 40 -6.94 3.51 -5.19
C LEU A 40 -7.32 4.83 -5.88
N ASN A 41 -6.91 5.93 -5.22
CA ASN A 41 -7.19 7.32 -5.60
C ASN A 41 -6.31 8.22 -4.71
N SER A 42 -6.00 9.46 -5.16
CA SER A 42 -5.10 10.40 -4.42
C SER A 42 -5.42 10.50 -2.92
N MET A 43 -6.69 10.80 -2.61
CA MET A 43 -7.11 11.08 -1.21
C MET A 43 -7.10 9.83 -0.33
N ASN A 44 -7.26 8.63 -0.96
CA ASN A 44 -7.26 7.36 -0.20
C ASN A 44 -5.83 6.80 -0.09
N ILE A 45 -4.96 7.25 -1.00
CA ILE A 45 -3.54 6.89 -1.05
C ILE A 45 -2.79 7.43 0.20
N VAL A 46 -3.28 8.56 0.70
CA VAL A 46 -2.72 9.24 1.87
C VAL A 46 -2.89 8.39 3.15
N LYS A 47 -3.89 7.49 3.12
CA LYS A 47 -4.16 6.52 4.20
C LYS A 47 -2.99 5.54 4.34
N LEU A 48 -2.38 5.15 3.19
CA LEU A 48 -1.23 4.23 3.17
C LEU A 48 0.02 4.88 3.80
N MET A 49 0.15 6.20 3.63
CA MET A 49 1.32 6.95 4.13
C MET A 49 1.38 6.86 5.67
N VAL A 50 0.24 7.18 6.31
CA VAL A 50 0.11 7.14 7.78
C VAL A 50 0.05 5.68 8.30
N TYR A 51 -0.49 4.77 7.46
CA TYR A 51 -0.62 3.35 7.80
C TYR A 51 0.76 2.75 8.07
N ILE A 52 1.59 2.80 7.03
CA ILE A 52 2.93 2.22 7.00
C ILE A 52 3.87 2.95 7.98
N ARG A 53 3.58 4.24 8.21
CA ARG A 53 4.28 5.04 9.24
C ARG A 53 4.07 4.44 10.66
N ASP A 54 2.82 4.13 10.99
CA ASP A 54 2.45 3.55 12.31
C ASP A 54 2.86 2.07 12.39
N GLU A 55 2.76 1.39 11.24
CA GLU A 55 2.98 -0.06 11.12
C GLU A 55 4.48 -0.42 11.19
N MET A 56 5.23 0.10 10.21
CA MET A 56 6.65 -0.27 9.99
C MET A 56 7.61 0.90 10.25
N GLY A 57 7.07 2.03 10.73
CA GLY A 57 7.88 3.20 11.09
C GLY A 57 8.39 3.97 9.89
N VAL A 58 7.81 3.75 8.70
CA VAL A 58 8.29 4.37 7.45
C VAL A 58 7.10 4.94 6.66
N SER A 59 7.12 6.25 6.37
CA SER A 59 6.17 6.88 5.44
C SER A 59 6.88 7.11 4.11
N ILE A 60 6.13 6.93 3.01
CA ILE A 60 6.62 7.25 1.66
C ILE A 60 6.66 8.78 1.50
N PRO A 61 7.82 9.37 1.06
CA PRO A 61 7.90 10.81 0.72
C PRO A 61 6.94 11.18 -0.43
N SER A 62 6.44 12.43 -0.40
CA SER A 62 5.38 12.92 -1.31
C SER A 62 5.80 12.89 -2.80
N THR A 63 7.12 12.99 -3.04
CA THR A 63 7.72 12.90 -4.38
C THR A 63 7.68 11.46 -4.93
N HIS A 64 7.74 10.48 -4.02
CA HIS A 64 7.74 9.03 -4.36
C HIS A 64 6.30 8.51 -4.46
N ILE A 65 5.31 9.38 -4.18
CA ILE A 65 3.89 9.06 -4.32
C ILE A 65 3.49 9.19 -5.80
N THR A 66 3.52 8.07 -6.51
CA THR A 66 3.18 8.04 -7.93
C THR A 66 2.66 6.65 -8.35
N GLY A 67 2.10 6.59 -9.57
CA GLY A 67 1.42 5.40 -10.09
C GLY A 67 2.27 4.13 -10.10
N LYS A 68 3.55 4.25 -10.51
CA LYS A 68 4.46 3.09 -10.66
C LYS A 68 4.70 2.33 -9.34
N TYR A 69 4.68 3.06 -8.21
CA TYR A 69 4.95 2.49 -6.87
C TYR A 69 3.65 2.08 -6.17
N PHE A 70 2.50 2.48 -6.73
CA PHE A 70 1.17 2.16 -6.18
C PHE A 70 0.31 1.36 -7.16
N LYS A 71 0.93 0.83 -8.24
CA LYS A 71 0.20 0.06 -9.29
C LYS A 71 -0.69 -1.03 -8.67
N ASP A 72 -0.05 -1.87 -7.88
CA ASP A 72 -0.65 -3.06 -7.24
C ASP A 72 0.17 -3.41 -6.00
N LEU A 73 -0.10 -4.57 -5.38
CA LEU A 73 0.61 -4.94 -4.15
C LEU A 73 2.07 -5.31 -4.46
N ASN A 74 2.37 -5.91 -5.62
CA ASN A 74 3.78 -6.26 -5.99
C ASN A 74 4.62 -4.98 -6.20
N ALA A 75 3.95 -3.90 -6.64
CA ALA A 75 4.57 -2.58 -6.74
C ALA A 75 4.83 -2.00 -5.33
N ILE A 76 3.76 -1.98 -4.50
CA ILE A 76 3.78 -1.45 -3.13
C ILE A 76 4.71 -2.24 -2.22
N SER A 77 4.81 -3.55 -2.45
CA SER A 77 5.60 -4.46 -1.60
C SER A 77 7.08 -4.18 -1.78
N ARG A 78 7.49 -4.04 -3.05
CA ARG A 78 8.87 -3.71 -3.42
C ARG A 78 9.24 -2.29 -2.97
N THR A 79 8.25 -1.40 -2.98
CA THR A 79 8.43 -0.02 -2.53
C THR A 79 8.58 0.06 -1.00
N VAL A 80 7.71 -0.65 -0.29
CA VAL A 80 7.59 -0.55 1.16
C VAL A 80 8.76 -1.27 1.84
N GLU A 81 9.27 -2.33 1.18
CA GLU A 81 10.43 -3.09 1.71
C GLU A 81 11.72 -2.32 1.43
N GLN A 82 11.80 -1.67 0.23
CA GLN A 82 13.01 -0.95 -0.18
C GLN A 82 13.25 0.24 0.75
N LEU A 83 12.17 0.96 1.10
CA LEU A 83 12.25 2.20 1.91
C LEU A 83 12.82 1.92 3.31
N LYS A 84 12.42 0.78 3.90
CA LYS A 84 12.98 0.32 5.19
C LYS A 84 14.48 0.01 5.03
N ALA A 85 14.85 -0.56 3.86
CA ALA A 85 16.25 -0.87 3.52
C ALA A 85 17.06 0.42 3.24
N GLU A 86 16.41 1.43 2.64
CA GLU A 86 17.06 2.69 2.23
C GLU A 86 17.30 3.57 3.46
N SER A 87 16.35 3.50 4.42
CA SER A 87 16.43 4.26 5.68
C SER A 87 17.41 3.59 6.66
N ALA A 88 17.32 2.24 6.77
CA ALA A 88 18.12 1.45 7.75
C ALA A 88 19.46 0.99 7.14
N LEU A 89 20.22 0.22 7.92
CA LEU A 89 21.54 -0.30 7.52
C LEU A 89 21.43 -1.66 6.78
N GLU A 90 20.23 -2.27 6.78
CA GLU A 90 20.00 -3.59 6.16
C GLU A 90 19.97 -3.48 4.60
N MET A 1 3.29 -5.58 12.54
CA MET A 1 4.49 -4.73 12.33
C MET A 1 5.70 -5.61 12.00
N ASP A 2 5.87 -5.94 10.70
CA ASP A 2 7.07 -6.65 10.20
C ASP A 2 7.14 -6.51 8.66
N GLY A 3 6.46 -7.41 7.91
CA GLY A 3 6.52 -7.38 6.43
C GLY A 3 5.47 -8.24 5.76
N GLU A 4 5.75 -9.56 5.66
CA GLU A 4 4.94 -10.54 4.89
C GLU A 4 3.48 -10.61 5.34
N GLU A 5 3.31 -10.50 6.66
CA GLU A 5 2.00 -10.53 7.35
C GLU A 5 1.17 -9.33 6.93
N VAL A 6 1.89 -8.21 6.82
CA VAL A 6 1.32 -6.89 6.65
C VAL A 6 0.92 -6.61 5.22
N LYS A 7 1.59 -7.29 4.26
CA LYS A 7 1.33 -7.11 2.81
C LYS A 7 -0.17 -7.20 2.50
N GLU A 8 -0.80 -8.32 2.89
CA GLU A 8 -2.23 -8.50 2.68
C GLU A 8 -3.03 -7.47 3.49
N LYS A 9 -2.56 -7.11 4.72
CA LYS A 9 -3.25 -6.12 5.58
C LYS A 9 -3.28 -4.71 4.95
N ILE A 10 -2.34 -4.44 4.03
CA ILE A 10 -2.32 -3.18 3.26
C ILE A 10 -3.57 -3.13 2.38
N ARG A 11 -3.84 -4.25 1.71
CA ARG A 11 -5.03 -4.42 0.84
C ARG A 11 -6.31 -4.51 1.67
N ARG A 12 -6.24 -5.22 2.81
CA ARG A 12 -7.37 -5.38 3.75
C ARG A 12 -7.79 -4.01 4.28
N TYR A 13 -6.80 -3.15 4.58
CA TYR A 13 -7.02 -1.77 5.07
C TYR A 13 -7.77 -0.94 4.02
N ILE A 14 -7.34 -1.05 2.76
CA ILE A 14 -7.95 -0.35 1.63
C ILE A 14 -9.42 -0.76 1.47
N MET A 15 -9.68 -2.06 1.41
CA MET A 15 -11.02 -2.59 1.11
C MET A 15 -12.00 -2.37 2.27
N GLU A 16 -11.57 -2.73 3.50
CA GLU A 16 -12.41 -2.63 4.72
C GLU A 16 -12.68 -1.16 5.10
N ASP A 17 -11.62 -0.34 5.18
CA ASP A 17 -11.75 1.07 5.61
C ASP A 17 -12.13 1.97 4.42
N LEU A 18 -11.25 2.02 3.41
CA LEU A 18 -11.34 3.01 2.31
C LEU A 18 -12.52 2.74 1.34
N ILE A 19 -12.82 1.46 1.07
CA ILE A 19 -14.03 1.08 0.30
C ILE A 19 -15.23 1.03 1.26
N GLY A 20 -15.06 0.31 2.37
CA GLY A 20 -16.12 0.13 3.38
C GLY A 20 -16.46 -1.34 3.58
N PRO A 21 -17.57 -1.65 4.34
CA PRO A 21 -18.06 -3.04 4.53
C PRO A 21 -18.56 -3.69 3.22
N SER A 22 -18.78 -2.87 2.19
CA SER A 22 -19.11 -3.33 0.83
C SER A 22 -17.81 -3.55 0.00
N ALA A 23 -16.76 -4.05 0.69
CA ALA A 23 -15.43 -4.30 0.12
C ALA A 23 -15.50 -5.29 -1.05
N LYS A 24 -14.98 -4.85 -2.20
CA LYS A 24 -15.01 -5.63 -3.45
C LYS A 24 -13.87 -6.66 -3.47
N GLU A 25 -14.05 -7.73 -2.68
CA GLU A 25 -13.09 -8.84 -2.56
C GLU A 25 -12.91 -9.57 -3.91
N ASP A 26 -13.98 -9.53 -4.71
CA ASP A 26 -14.01 -10.02 -6.11
C ASP A 26 -12.94 -9.30 -6.94
N GLU A 27 -12.93 -7.97 -6.85
CA GLU A 27 -12.01 -7.09 -7.61
C GLU A 27 -10.61 -7.04 -6.97
N LEU A 28 -10.53 -7.43 -5.69
CA LEU A 28 -9.27 -7.42 -4.94
C LEU A 28 -8.39 -8.63 -5.31
N ASP A 29 -7.09 -8.37 -5.48
CA ASP A 29 -6.04 -9.40 -5.67
C ASP A 29 -4.67 -8.76 -5.45
N ASP A 30 -3.65 -9.61 -5.39
CA ASP A 30 -2.25 -9.21 -5.26
C ASP A 30 -1.73 -8.63 -6.58
N GLN A 31 -2.23 -9.19 -7.69
CA GLN A 31 -1.80 -8.88 -9.07
C GLN A 31 -2.69 -7.80 -9.71
N THR A 32 -3.87 -7.54 -9.12
CA THR A 32 -4.80 -6.51 -9.60
C THR A 32 -4.12 -5.12 -9.51
N PRO A 33 -4.06 -4.35 -10.64
CA PRO A 33 -3.60 -2.95 -10.62
C PRO A 33 -4.68 -2.01 -10.04
N LEU A 34 -4.47 -1.58 -8.79
CA LEU A 34 -5.42 -0.78 -8.01
C LEU A 34 -5.62 0.61 -8.65
N LEU A 35 -4.51 1.23 -9.14
CA LEU A 35 -4.56 2.57 -9.82
C LEU A 35 -5.43 2.49 -11.09
N GLU A 36 -5.12 1.46 -11.89
CA GLU A 36 -5.78 1.21 -13.18
C GLU A 36 -7.27 0.90 -12.99
N TRP A 37 -7.61 0.29 -11.84
CA TRP A 37 -9.01 -0.10 -11.52
C TRP A 37 -9.71 1.00 -10.72
N GLY A 38 -9.09 2.21 -10.67
CA GLY A 38 -9.70 3.39 -10.02
C GLY A 38 -9.99 3.20 -8.53
N ILE A 39 -9.28 2.27 -7.90
CA ILE A 39 -9.42 1.93 -6.47
C ILE A 39 -8.63 2.93 -5.63
N LEU A 40 -7.48 3.36 -6.16
CA LEU A 40 -6.58 4.34 -5.49
C LEU A 40 -6.70 5.73 -6.14
N ASN A 41 -5.57 6.49 -6.21
CA ASN A 41 -5.51 7.89 -6.65
C ASN A 41 -6.04 8.82 -5.56
N SER A 42 -5.09 9.47 -4.84
CA SER A 42 -5.35 10.36 -3.68
C SER A 42 -6.16 9.66 -2.55
N MET A 43 -7.50 9.54 -2.77
CA MET A 43 -8.54 9.12 -1.80
C MET A 43 -8.04 8.08 -0.79
N ASN A 44 -7.61 6.95 -1.32
CA ASN A 44 -7.16 5.79 -0.51
C ASN A 44 -5.68 5.93 -0.16
N ILE A 45 -4.90 6.39 -1.16
CA ILE A 45 -3.43 6.46 -1.15
C ILE A 45 -2.84 7.25 0.05
N VAL A 46 -3.52 8.34 0.42
CA VAL A 46 -3.04 9.25 1.49
C VAL A 46 -3.06 8.54 2.86
N LYS A 47 -3.99 7.60 3.00
CA LYS A 47 -4.17 6.82 4.24
C LYS A 47 -3.10 5.73 4.33
N LEU A 48 -2.61 5.26 3.15
CA LEU A 48 -1.48 4.30 3.09
C LEU A 48 -0.17 4.97 3.52
N MET A 49 -0.05 6.29 3.25
CA MET A 49 1.14 7.09 3.64
C MET A 49 1.35 7.00 5.16
N VAL A 50 0.30 7.37 5.91
CA VAL A 50 0.31 7.32 7.39
C VAL A 50 0.27 5.87 7.93
N TYR A 51 -0.37 4.95 7.18
CA TYR A 51 -0.53 3.54 7.63
C TYR A 51 0.85 2.89 7.78
N ILE A 52 1.60 2.93 6.68
CA ILE A 52 2.92 2.31 6.56
C ILE A 52 3.95 3.04 7.47
N ARG A 53 3.68 4.33 7.73
CA ARG A 53 4.49 5.17 8.64
C ARG A 53 4.52 4.62 10.06
N ASP A 54 3.35 4.19 10.56
CA ASP A 54 3.21 3.55 11.87
C ASP A 54 3.63 2.07 11.79
N GLU A 55 3.00 1.36 10.85
CA GLU A 55 3.00 -0.12 10.76
C GLU A 55 4.40 -0.68 10.40
N MET A 56 4.99 -0.19 9.30
CA MET A 56 6.38 -0.59 8.91
C MET A 56 7.43 0.38 9.44
N GLY A 57 6.98 1.50 10.04
CA GLY A 57 7.88 2.52 10.55
C GLY A 57 8.53 3.34 9.45
N VAL A 58 7.89 3.42 8.28
CA VAL A 58 8.40 4.20 7.14
C VAL A 58 7.24 4.94 6.45
N SER A 59 7.28 6.27 6.46
CA SER A 59 6.32 7.09 5.73
C SER A 59 6.67 7.08 4.24
N ILE A 60 5.67 6.94 3.38
CA ILE A 60 5.84 7.16 1.94
C ILE A 60 5.88 8.69 1.70
N PRO A 61 7.07 9.27 1.33
CA PRO A 61 7.20 10.72 1.06
C PRO A 61 6.55 11.09 -0.29
N SER A 62 6.35 12.40 -0.49
CA SER A 62 5.68 12.95 -1.68
C SER A 62 6.42 12.61 -3.00
N THR A 63 7.74 12.36 -2.90
CA THR A 63 8.58 11.96 -4.05
C THR A 63 8.30 10.50 -4.46
N HIS A 64 7.92 9.65 -3.47
CA HIS A 64 7.60 8.23 -3.70
C HIS A 64 6.09 8.00 -3.79
N ILE A 65 5.31 9.10 -3.87
CA ILE A 65 3.88 9.00 -4.18
C ILE A 65 3.73 8.97 -5.70
N THR A 66 3.65 7.76 -6.24
CA THR A 66 3.51 7.54 -7.67
C THR A 66 2.77 6.23 -7.91
N GLY A 67 1.96 6.21 -8.98
CA GLY A 67 1.15 5.06 -9.34
C GLY A 67 1.96 3.81 -9.64
N LYS A 68 3.19 4.00 -10.17
CA LYS A 68 4.07 2.89 -10.59
C LYS A 68 4.60 2.07 -9.39
N TYR A 69 4.74 2.70 -8.22
CA TYR A 69 5.19 2.00 -6.98
C TYR A 69 4.00 1.49 -6.16
N PHE A 70 2.79 2.02 -6.45
CA PHE A 70 1.54 1.63 -5.74
C PHE A 70 0.66 0.70 -6.59
N LYS A 71 1.14 0.28 -7.79
CA LYS A 71 0.32 -0.44 -8.82
C LYS A 71 -0.51 -1.56 -8.21
N ASP A 72 0.19 -2.43 -7.51
CA ASP A 72 -0.35 -3.69 -7.00
C ASP A 72 0.43 -4.06 -5.75
N LEU A 73 0.10 -5.20 -5.14
CA LEU A 73 0.66 -5.58 -3.84
C LEU A 73 2.15 -5.88 -3.93
N ASN A 74 2.57 -6.43 -5.07
CA ASN A 74 3.98 -6.75 -5.35
C ASN A 74 4.80 -5.46 -5.51
N ALA A 75 4.23 -4.47 -6.21
CA ALA A 75 4.87 -3.14 -6.41
C ALA A 75 5.24 -2.48 -5.07
N ILE A 76 4.28 -2.51 -4.12
CA ILE A 76 4.44 -1.91 -2.78
C ILE A 76 5.39 -2.72 -1.91
N SER A 77 5.27 -4.06 -1.93
CA SER A 77 6.11 -4.94 -1.08
C SER A 77 7.60 -4.86 -1.46
N ARG A 78 7.90 -4.38 -2.68
CA ARG A 78 9.28 -4.12 -3.12
C ARG A 78 9.73 -2.72 -2.70
N THR A 79 8.88 -1.71 -2.99
CA THR A 79 9.19 -0.29 -2.73
C THR A 79 9.39 -0.01 -1.23
N VAL A 80 8.59 -0.68 -0.39
CA VAL A 80 8.60 -0.48 1.07
C VAL A 80 9.92 -1.02 1.68
N GLU A 81 10.48 -2.08 1.05
CA GLU A 81 11.80 -2.62 1.43
C GLU A 81 12.92 -1.63 1.07
N GLN A 82 12.78 -1.03 -0.12
CA GLN A 82 13.73 -0.03 -0.65
C GLN A 82 13.79 1.19 0.27
N LEU A 83 12.61 1.62 0.71
CA LEU A 83 12.45 2.80 1.58
C LEU A 83 13.00 2.56 2.98
N LYS A 84 12.81 1.34 3.52
CA LYS A 84 13.40 0.96 4.83
C LYS A 84 14.93 0.80 4.72
N ALA A 85 15.41 0.51 3.50
CA ALA A 85 16.85 0.43 3.21
C ALA A 85 17.48 1.83 3.19
N GLU A 86 16.76 2.78 2.57
CA GLU A 86 17.19 4.19 2.47
C GLU A 86 17.13 4.89 3.84
N SER A 87 16.00 4.69 4.51
CA SER A 87 15.69 5.27 5.83
C SER A 87 16.50 4.57 6.95
N ALA A 88 17.07 3.37 6.64
CA ALA A 88 17.80 2.50 7.58
C ALA A 88 16.82 1.85 8.57
N LEU A 89 16.76 0.51 8.56
CA LEU A 89 15.76 -0.26 9.33
C LEU A 89 16.29 -0.69 10.72
N GLU A 90 17.44 -0.12 11.15
CA GLU A 90 18.05 -0.43 12.44
C GLU A 90 17.22 0.20 13.59
N MET A 1 8.04 -13.16 10.59
CA MET A 1 8.40 -11.72 10.54
C MET A 1 7.48 -10.97 9.59
N ASP A 2 7.72 -9.65 9.47
CA ASP A 2 6.99 -8.78 8.53
C ASP A 2 7.50 -8.99 7.09
N GLY A 3 7.27 -8.00 6.20
CA GLY A 3 7.67 -8.08 4.82
C GLY A 3 6.62 -8.78 3.99
N GLU A 4 6.39 -10.05 4.32
CA GLU A 4 5.32 -10.87 3.69
C GLU A 4 3.98 -10.72 4.45
N GLU A 5 4.09 -10.73 5.78
CA GLU A 5 2.95 -10.63 6.72
C GLU A 5 2.09 -9.39 6.44
N VAL A 6 2.78 -8.27 6.22
CA VAL A 6 2.15 -6.96 6.09
C VAL A 6 1.45 -6.79 4.73
N LYS A 7 1.96 -7.51 3.69
CA LYS A 7 1.47 -7.39 2.30
C LYS A 7 -0.06 -7.48 2.23
N GLU A 8 -0.59 -8.60 2.75
CA GLU A 8 -2.02 -8.89 2.74
C GLU A 8 -2.80 -7.93 3.65
N LYS A 9 -2.17 -7.46 4.75
CA LYS A 9 -2.81 -6.49 5.65
C LYS A 9 -3.03 -5.14 4.97
N ILE A 10 -2.18 -4.84 3.97
CA ILE A 10 -2.35 -3.65 3.11
C ILE A 10 -3.67 -3.77 2.34
N ARG A 11 -3.91 -4.97 1.77
CA ARG A 11 -5.17 -5.29 1.06
C ARG A 11 -6.39 -5.10 1.97
N ARG A 12 -6.32 -5.71 3.17
CA ARG A 12 -7.42 -5.66 4.16
C ARG A 12 -7.76 -4.21 4.55
N TYR A 13 -6.71 -3.40 4.72
CA TYR A 13 -6.85 -1.96 5.05
C TYR A 13 -7.56 -1.19 3.94
N ILE A 14 -7.14 -1.45 2.69
CA ILE A 14 -7.70 -0.79 1.49
C ILE A 14 -9.19 -1.14 1.36
N MET A 15 -9.51 -2.42 1.48
CA MET A 15 -10.90 -2.93 1.31
C MET A 15 -11.85 -2.39 2.40
N GLU A 16 -11.42 -2.48 3.67
CA GLU A 16 -12.32 -2.19 4.80
C GLU A 16 -12.47 -0.68 5.06
N ASP A 17 -11.38 0.09 4.85
CA ASP A 17 -11.38 1.55 5.10
C ASP A 17 -11.62 2.32 3.79
N LEU A 18 -10.73 2.11 2.81
CA LEU A 18 -10.70 2.91 1.56
C LEU A 18 -11.92 2.61 0.65
N ILE A 19 -12.31 1.33 0.54
CA ILE A 19 -13.56 0.95 -0.17
C ILE A 19 -14.72 1.12 0.81
N GLY A 20 -14.59 0.48 1.98
CA GLY A 20 -15.62 0.51 3.04
C GLY A 20 -16.24 -0.86 3.28
N PRO A 21 -17.47 -0.92 3.89
CA PRO A 21 -18.21 -2.20 4.10
C PRO A 21 -18.77 -2.82 2.80
N SER A 22 -18.61 -2.10 1.67
CA SER A 22 -18.99 -2.58 0.33
C SER A 22 -17.79 -3.26 -0.37
N ALA A 23 -16.81 -3.72 0.45
CA ALA A 23 -15.59 -4.38 -0.04
C ALA A 23 -15.91 -5.65 -0.86
N LYS A 24 -15.56 -5.61 -2.15
CA LYS A 24 -15.86 -6.68 -3.10
C LYS A 24 -14.62 -7.54 -3.34
N GLU A 25 -14.67 -8.80 -2.90
CA GLU A 25 -13.71 -9.87 -3.26
C GLU A 25 -13.36 -9.87 -4.77
N ASP A 26 -14.36 -9.44 -5.58
CA ASP A 26 -14.28 -9.36 -7.04
C ASP A 26 -13.07 -8.57 -7.52
N GLU A 27 -12.74 -7.49 -6.79
CA GLU A 27 -11.62 -6.59 -7.14
C GLU A 27 -10.31 -7.05 -6.47
N LEU A 28 -10.43 -7.81 -5.37
CA LEU A 28 -9.29 -8.09 -4.49
C LEU A 28 -8.46 -9.29 -4.99
N ASP A 29 -7.17 -8.99 -5.23
CA ASP A 29 -6.10 -9.98 -5.46
C ASP A 29 -4.80 -9.28 -5.11
N ASP A 30 -3.73 -10.06 -4.87
CA ASP A 30 -2.44 -9.49 -4.48
C ASP A 30 -1.76 -8.81 -5.68
N GLN A 31 -2.01 -9.34 -6.88
CA GLN A 31 -1.46 -8.79 -8.12
C GLN A 31 -2.43 -7.82 -8.81
N THR A 32 -3.65 -7.59 -8.23
CA THR A 32 -4.61 -6.62 -8.78
C THR A 32 -4.03 -5.19 -8.77
N PRO A 33 -3.84 -4.57 -9.97
CA PRO A 33 -3.36 -3.19 -10.10
C PRO A 33 -4.46 -2.18 -9.69
N LEU A 34 -4.26 -1.59 -8.52
CA LEU A 34 -5.19 -0.65 -7.89
C LEU A 34 -5.47 0.59 -8.77
N LEU A 35 -4.42 1.20 -9.33
CA LEU A 35 -4.57 2.39 -10.23
C LEU A 35 -5.36 2.03 -11.48
N GLU A 36 -5.07 0.85 -12.03
CA GLU A 36 -5.68 0.39 -13.28
C GLU A 36 -7.14 -0.01 -13.08
N TRP A 37 -7.50 -0.37 -11.84
CA TRP A 37 -8.90 -0.73 -11.48
C TRP A 37 -9.63 0.49 -10.89
N GLY A 38 -8.90 1.61 -10.71
CA GLY A 38 -9.50 2.84 -10.20
C GLY A 38 -9.88 2.76 -8.73
N ILE A 39 -9.22 1.84 -8.01
CA ILE A 39 -9.40 1.61 -6.58
C ILE A 39 -8.78 2.76 -5.78
N LEU A 40 -7.72 3.35 -6.34
CA LEU A 40 -7.00 4.46 -5.71
C LEU A 40 -7.31 5.80 -6.39
N ASN A 41 -7.55 6.79 -5.52
CA ASN A 41 -7.52 8.21 -5.85
C ASN A 41 -6.55 8.85 -4.83
N SER A 42 -6.06 10.07 -5.10
CA SER A 42 -5.03 10.69 -4.24
C SER A 42 -5.55 10.90 -2.80
N MET A 43 -6.83 11.22 -2.69
CA MET A 43 -7.51 11.46 -1.42
C MET A 43 -7.48 10.21 -0.50
N ASN A 44 -7.64 8.99 -1.07
CA ASN A 44 -7.52 7.73 -0.27
C ASN A 44 -6.13 7.09 -0.43
N ILE A 45 -5.26 7.70 -1.23
CA ILE A 45 -3.84 7.28 -1.38
C ILE A 45 -3.04 7.74 -0.15
N VAL A 46 -3.51 8.85 0.48
CA VAL A 46 -2.89 9.42 1.69
C VAL A 46 -3.03 8.46 2.88
N LYS A 47 -4.06 7.61 2.80
CA LYS A 47 -4.33 6.55 3.81
C LYS A 47 -3.13 5.59 3.90
N LEU A 48 -2.54 5.25 2.75
CA LEU A 48 -1.35 4.38 2.69
C LEU A 48 -0.12 5.09 3.30
N MET A 49 0.02 6.41 3.02
CA MET A 49 1.17 7.22 3.49
C MET A 49 1.30 7.12 5.03
N VAL A 50 0.18 7.44 5.71
CA VAL A 50 0.10 7.44 7.18
C VAL A 50 0.13 6.00 7.75
N TYR A 51 -0.45 5.04 7.00
CA TYR A 51 -0.56 3.63 7.44
C TYR A 51 0.84 3.01 7.60
N ILE A 52 1.57 3.04 6.50
CA ILE A 52 2.91 2.43 6.36
C ILE A 52 3.92 3.07 7.34
N ARG A 53 3.71 4.37 7.57
CA ARG A 53 4.46 5.14 8.59
C ARG A 53 4.20 4.58 10.01
N ASP A 54 2.94 4.21 10.29
CA ASP A 54 2.50 3.72 11.62
C ASP A 54 2.68 2.18 11.74
N GLU A 55 2.73 1.51 10.60
CA GLU A 55 2.72 0.03 10.50
C GLU A 55 4.14 -0.52 10.48
N MET A 56 4.92 -0.09 9.48
CA MET A 56 6.30 -0.58 9.22
C MET A 56 7.34 0.49 9.57
N GLY A 57 6.90 1.56 10.26
CA GLY A 57 7.79 2.61 10.74
C GLY A 57 8.53 3.35 9.64
N VAL A 58 7.95 3.40 8.43
CA VAL A 58 8.58 4.03 7.26
C VAL A 58 7.54 4.89 6.52
N SER A 59 7.81 6.19 6.40
CA SER A 59 6.91 7.12 5.71
C SER A 59 7.08 7.00 4.19
N ILE A 60 5.98 7.17 3.45
CA ILE A 60 6.03 7.44 2.02
C ILE A 60 6.12 8.97 1.83
N PRO A 61 7.30 9.50 1.39
CA PRO A 61 7.48 10.95 1.14
C PRO A 61 6.69 11.42 -0.10
N SER A 62 6.51 12.75 -0.24
CA SER A 62 5.70 13.34 -1.33
C SER A 62 6.36 13.15 -2.71
N THR A 63 7.69 12.94 -2.71
CA THR A 63 8.47 12.64 -3.93
C THR A 63 8.23 11.18 -4.41
N HIS A 64 7.62 10.36 -3.55
CA HIS A 64 7.33 8.94 -3.82
C HIS A 64 5.83 8.68 -3.91
N ILE A 65 5.03 9.75 -4.06
CA ILE A 65 3.60 9.61 -4.32
C ILE A 65 3.39 9.50 -5.81
N THR A 66 3.37 8.26 -6.28
CA THR A 66 3.23 7.93 -7.69
C THR A 66 2.55 6.57 -7.84
N GLY A 67 1.77 6.42 -8.91
CA GLY A 67 1.11 5.15 -9.20
C GLY A 67 2.09 4.01 -9.48
N LYS A 68 3.35 4.37 -9.84
CA LYS A 68 4.44 3.41 -10.06
C LYS A 68 4.73 2.59 -8.78
N TYR A 69 4.66 3.25 -7.63
CA TYR A 69 4.94 2.61 -6.32
C TYR A 69 3.67 1.99 -5.73
N PHE A 70 2.54 2.64 -6.01
CA PHE A 70 1.24 2.25 -5.45
C PHE A 70 0.46 1.33 -6.41
N LYS A 71 1.15 0.76 -7.45
CA LYS A 71 0.49 -0.07 -8.51
C LYS A 71 -0.46 -1.11 -7.89
N ASP A 72 0.08 -1.86 -6.93
CA ASP A 72 -0.62 -2.99 -6.30
C ASP A 72 0.12 -3.42 -5.02
N LEU A 73 -0.25 -4.58 -4.47
CA LEU A 73 0.36 -5.14 -3.26
C LEU A 73 1.83 -5.44 -3.51
N ASN A 74 2.12 -6.08 -4.66
CA ASN A 74 3.49 -6.51 -5.01
C ASN A 74 4.39 -5.29 -5.23
N ALA A 75 3.84 -4.23 -5.83
CA ALA A 75 4.57 -2.96 -6.02
C ALA A 75 4.91 -2.31 -4.67
N ILE A 76 3.90 -2.16 -3.81
CA ILE A 76 4.04 -1.53 -2.47
C ILE A 76 4.97 -2.33 -1.57
N SER A 77 4.94 -3.68 -1.68
CA SER A 77 5.80 -4.54 -0.83
C SER A 77 7.27 -4.38 -1.25
N ARG A 78 7.53 -4.46 -2.57
CA ARG A 78 8.89 -4.30 -3.11
C ARG A 78 9.45 -2.90 -2.80
N THR A 79 8.56 -1.89 -2.80
CA THR A 79 8.92 -0.51 -2.51
C THR A 79 9.13 -0.29 -1.00
N VAL A 80 8.25 -0.85 -0.17
CA VAL A 80 8.29 -0.59 1.28
C VAL A 80 9.52 -1.29 1.90
N GLU A 81 9.92 -2.44 1.34
CA GLU A 81 11.14 -3.14 1.74
C GLU A 81 12.39 -2.35 1.33
N GLN A 82 12.37 -1.76 0.11
CA GLN A 82 13.51 -0.98 -0.38
C GLN A 82 13.65 0.31 0.44
N LEU A 83 12.51 0.91 0.84
CA LEU A 83 12.50 2.19 1.58
C LEU A 83 13.12 2.06 2.98
N LYS A 84 12.88 0.90 3.62
CA LYS A 84 13.52 0.58 4.91
C LYS A 84 15.03 0.35 4.73
N ALA A 85 15.45 0.07 3.49
CA ALA A 85 16.87 -0.07 3.11
C ALA A 85 17.49 1.28 2.71
N GLU A 86 16.67 2.16 2.08
CA GLU A 86 17.09 3.48 1.63
C GLU A 86 17.30 4.41 2.84
N SER A 87 16.35 4.35 3.78
CA SER A 87 16.32 5.22 4.96
C SER A 87 17.24 4.68 6.09
N ALA A 88 17.65 3.41 6.00
CA ALA A 88 18.58 2.79 6.97
C ALA A 88 19.95 2.54 6.35
N LEU A 89 20.81 1.86 7.10
CA LEU A 89 22.21 1.56 6.72
C LEU A 89 22.33 0.28 5.86
N GLU A 90 21.18 -0.30 5.45
CA GLU A 90 21.12 -1.60 4.74
C GLU A 90 21.84 -1.52 3.37
N MET A 1 10.99 -6.62 11.06
CA MET A 1 10.06 -7.70 11.45
C MET A 1 9.14 -8.06 10.26
N ASP A 2 9.62 -9.01 9.41
CA ASP A 2 8.93 -9.49 8.19
C ASP A 2 8.69 -8.36 7.16
N GLY A 3 7.88 -8.65 6.13
CA GLY A 3 7.59 -7.70 5.08
C GLY A 3 6.37 -8.06 4.28
N GLU A 4 6.43 -9.21 3.61
CA GLU A 4 5.34 -9.66 2.71
C GLU A 4 4.03 -9.99 3.46
N GLU A 5 4.10 -10.09 4.80
CA GLU A 5 2.90 -10.20 5.66
C GLU A 5 2.10 -8.88 5.65
N VAL A 6 2.79 -7.72 5.61
CA VAL A 6 2.10 -6.40 5.64
C VAL A 6 1.25 -6.23 4.38
N LYS A 7 1.62 -6.97 3.32
CA LYS A 7 0.89 -6.98 2.04
C LYS A 7 -0.58 -7.41 2.20
N GLU A 8 -0.84 -8.58 2.83
CA GLU A 8 -2.22 -9.07 3.06
C GLU A 8 -2.98 -8.11 4.00
N LYS A 9 -2.21 -7.44 4.88
CA LYS A 9 -2.70 -6.46 5.85
C LYS A 9 -3.11 -5.14 5.14
N ILE A 10 -2.41 -4.80 4.04
CA ILE A 10 -2.74 -3.61 3.22
C ILE A 10 -3.95 -3.90 2.33
N ARG A 11 -4.05 -5.16 1.82
CA ARG A 11 -5.19 -5.62 1.00
C ARG A 11 -6.49 -5.41 1.78
N ARG A 12 -6.43 -5.78 3.06
CA ARG A 12 -7.56 -5.65 3.98
C ARG A 12 -7.79 -4.21 4.40
N TYR A 13 -6.74 -3.49 4.79
CA TYR A 13 -6.86 -2.05 5.17
C TYR A 13 -7.57 -1.23 4.08
N ILE A 14 -7.24 -1.52 2.81
CA ILE A 14 -7.87 -0.89 1.65
C ILE A 14 -9.37 -1.27 1.59
N MET A 15 -9.68 -2.58 1.52
CA MET A 15 -11.08 -3.04 1.33
C MET A 15 -11.97 -2.72 2.55
N GLU A 16 -11.55 -3.20 3.72
CA GLU A 16 -12.31 -3.05 4.98
C GLU A 16 -12.59 -1.58 5.36
N ASP A 17 -11.60 -0.69 5.12
CA ASP A 17 -11.68 0.73 5.56
C ASP A 17 -11.91 1.68 4.37
N LEU A 18 -10.95 1.74 3.40
CA LEU A 18 -10.99 2.71 2.26
C LEU A 18 -12.24 2.52 1.38
N ILE A 19 -12.60 1.25 1.09
CA ILE A 19 -13.87 0.92 0.43
C ILE A 19 -15.00 0.92 1.49
N GLY A 20 -14.75 0.24 2.62
CA GLY A 20 -15.70 0.16 3.74
C GLY A 20 -16.37 -1.22 3.84
N PRO A 21 -17.58 -1.31 4.47
CA PRO A 21 -18.34 -2.59 4.66
C PRO A 21 -18.95 -3.16 3.34
N SER A 22 -18.74 -2.47 2.21
CA SER A 22 -19.23 -2.90 0.89
C SER A 22 -18.05 -3.25 -0.02
N ALA A 23 -17.07 -3.97 0.55
CA ALA A 23 -15.82 -4.33 -0.13
C ALA A 23 -15.93 -5.67 -0.87
N LYS A 24 -15.59 -5.65 -2.17
CA LYS A 24 -15.54 -6.86 -3.02
C LYS A 24 -14.11 -7.41 -3.03
N GLU A 25 -13.72 -7.97 -1.86
CA GLU A 25 -12.39 -8.56 -1.60
C GLU A 25 -11.96 -9.59 -2.67
N ASP A 26 -12.97 -10.25 -3.26
CA ASP A 26 -12.78 -11.27 -4.31
C ASP A 26 -12.03 -10.69 -5.53
N GLU A 27 -12.37 -9.44 -5.87
CA GLU A 27 -11.82 -8.74 -7.04
C GLU A 27 -10.42 -8.19 -6.77
N LEU A 28 -10.10 -7.90 -5.50
CA LEU A 28 -8.76 -7.46 -5.12
C LEU A 28 -7.83 -8.70 -4.99
N ASP A 29 -6.63 -8.55 -5.52
CA ASP A 29 -5.51 -9.50 -5.36
C ASP A 29 -4.23 -8.69 -5.16
N ASP A 30 -3.16 -9.37 -4.78
CA ASP A 30 -1.86 -8.74 -4.56
C ASP A 30 -1.18 -8.30 -5.88
N GLN A 31 -1.63 -8.86 -7.01
CA GLN A 31 -1.14 -8.49 -8.35
C GLN A 31 -2.18 -7.64 -9.12
N THR A 32 -3.39 -7.46 -8.53
CA THR A 32 -4.43 -6.60 -9.10
C THR A 32 -4.04 -5.13 -8.99
N PRO A 33 -3.94 -4.37 -10.13
CA PRO A 33 -3.58 -2.95 -10.12
C PRO A 33 -4.70 -2.07 -9.52
N LEU A 34 -4.46 -1.57 -8.29
CA LEU A 34 -5.43 -0.78 -7.52
C LEU A 34 -5.74 0.57 -8.24
N LEU A 35 -4.71 1.21 -8.84
CA LEU A 35 -4.88 2.46 -9.62
C LEU A 35 -5.83 2.23 -10.82
N GLU A 36 -5.55 1.13 -11.56
CA GLU A 36 -6.31 0.75 -12.77
C GLU A 36 -7.78 0.50 -12.42
N TRP A 37 -8.02 -0.14 -11.27
CA TRP A 37 -9.40 -0.52 -10.85
C TRP A 37 -10.13 0.67 -10.20
N GLY A 38 -9.49 1.85 -10.21
CA GLY A 38 -10.08 3.09 -9.70
C GLY A 38 -10.21 3.11 -8.18
N ILE A 39 -9.47 2.22 -7.52
CA ILE A 39 -9.47 2.07 -6.06
C ILE A 39 -8.66 3.21 -5.45
N LEU A 40 -7.52 3.52 -6.08
CA LEU A 40 -6.59 4.58 -5.66
C LEU A 40 -6.60 5.76 -6.65
N ASN A 41 -6.82 6.99 -6.15
CA ASN A 41 -6.68 8.24 -6.95
C ASN A 41 -6.35 9.43 -6.00
N SER A 42 -5.10 9.41 -5.44
CA SER A 42 -4.48 10.51 -4.65
C SER A 42 -5.10 10.66 -3.24
N MET A 43 -6.38 11.04 -3.19
CA MET A 43 -7.12 11.34 -1.93
C MET A 43 -6.96 10.25 -0.86
N ASN A 44 -7.28 9.02 -1.25
CA ASN A 44 -7.25 7.85 -0.33
C ASN A 44 -5.85 7.22 -0.24
N ILE A 45 -4.96 7.62 -1.15
CA ILE A 45 -3.56 7.16 -1.21
C ILE A 45 -2.75 7.71 -0.02
N VAL A 46 -3.09 8.92 0.39
CA VAL A 46 -2.39 9.63 1.48
C VAL A 46 -2.61 8.91 2.85
N LYS A 47 -3.70 8.13 2.89
CA LYS A 47 -4.00 7.22 4.01
C LYS A 47 -2.91 6.15 4.15
N LEU A 48 -2.39 5.66 3.00
CA LEU A 48 -1.29 4.66 2.98
C LEU A 48 0.02 5.29 3.50
N MET A 49 0.27 6.58 3.16
CA MET A 49 1.51 7.31 3.57
C MET A 49 1.64 7.32 5.12
N VAL A 50 0.54 7.70 5.79
CA VAL A 50 0.48 7.79 7.26
C VAL A 50 0.33 6.38 7.92
N TYR A 51 -0.35 5.46 7.20
CA TYR A 51 -0.66 4.10 7.73
C TYR A 51 0.61 3.31 7.94
N ILE A 52 1.35 3.15 6.84
CA ILE A 52 2.59 2.37 6.76
C ILE A 52 3.65 2.96 7.71
N ARG A 53 3.59 4.29 7.91
CA ARG A 53 4.44 5.02 8.89
C ARG A 53 4.09 4.61 10.35
N ASP A 54 2.80 4.44 10.63
CA ASP A 54 2.28 4.10 11.98
C ASP A 54 2.28 2.57 12.21
N GLU A 55 2.28 1.80 11.11
CA GLU A 55 2.16 0.32 11.15
C GLU A 55 3.57 -0.29 11.25
N MET A 56 4.38 -0.06 10.21
CA MET A 56 5.70 -0.73 10.03
C MET A 56 6.85 0.31 10.05
N GLY A 57 6.50 1.59 10.30
CA GLY A 57 7.48 2.65 10.47
C GLY A 57 8.08 3.18 9.16
N VAL A 58 7.28 3.23 8.09
CA VAL A 58 7.73 3.74 6.77
C VAL A 58 6.73 4.78 6.22
N SER A 59 7.15 6.04 6.12
CA SER A 59 6.38 7.08 5.43
C SER A 59 6.77 7.05 3.95
N ILE A 60 5.78 6.90 3.03
CA ILE A 60 6.03 7.06 1.60
C ILE A 60 6.17 8.59 1.30
N PRO A 61 7.39 9.06 0.92
CA PRO A 61 7.63 10.49 0.60
C PRO A 61 7.06 10.87 -0.78
N SER A 62 6.89 12.19 -1.01
CA SER A 62 6.29 12.72 -2.25
C SER A 62 7.11 12.32 -3.51
N THR A 63 8.43 12.08 -3.32
CA THR A 63 9.32 11.62 -4.39
C THR A 63 9.00 10.16 -4.82
N HIS A 64 8.56 9.32 -3.85
CA HIS A 64 8.12 7.92 -4.12
C HIS A 64 6.60 7.86 -4.40
N ILE A 65 5.92 9.02 -4.44
CA ILE A 65 4.53 9.09 -4.91
C ILE A 65 4.53 9.15 -6.44
N THR A 66 4.40 7.97 -7.04
CA THR A 66 4.32 7.81 -8.49
C THR A 66 3.50 6.55 -8.81
N GLY A 67 2.82 6.60 -9.97
CA GLY A 67 1.89 5.54 -10.37
C GLY A 67 2.54 4.18 -10.52
N LYS A 68 3.78 4.14 -11.03
CA LYS A 68 4.53 2.87 -11.26
C LYS A 68 4.80 2.11 -9.94
N TYR A 69 4.96 2.87 -8.83
CA TYR A 69 5.23 2.32 -7.50
C TYR A 69 3.94 2.13 -6.69
N PHE A 70 2.82 2.67 -7.19
CA PHE A 70 1.48 2.54 -6.55
C PHE A 70 0.51 1.74 -7.43
N LYS A 71 1.02 1.10 -8.52
CA LYS A 71 0.20 0.31 -9.48
C LYS A 71 -0.68 -0.69 -8.74
N ASP A 72 0.01 -1.54 -7.97
CA ASP A 72 -0.57 -2.69 -7.27
C ASP A 72 0.21 -2.90 -5.98
N LEU A 73 -0.18 -3.94 -5.24
CA LEU A 73 0.38 -4.25 -3.94
C LEU A 73 1.86 -4.68 -4.02
N ASN A 74 2.20 -5.48 -5.06
CA ASN A 74 3.58 -5.98 -5.25
C ASN A 74 4.49 -4.87 -5.82
N ALA A 75 3.88 -3.86 -6.48
CA ALA A 75 4.60 -2.62 -6.87
C ALA A 75 4.99 -1.81 -5.63
N ILE A 76 4.00 -1.65 -4.73
CA ILE A 76 4.18 -1.03 -3.41
C ILE A 76 5.15 -1.84 -2.55
N SER A 77 5.16 -3.18 -2.74
CA SER A 77 6.05 -4.07 -1.98
C SER A 77 7.51 -3.76 -2.31
N ARG A 78 7.83 -3.73 -3.62
CA ARG A 78 9.23 -3.48 -4.07
C ARG A 78 9.73 -2.09 -3.61
N THR A 79 8.79 -1.16 -3.50
CA THR A 79 9.05 0.21 -3.03
C THR A 79 9.20 0.27 -1.50
N VAL A 80 8.38 -0.49 -0.79
CA VAL A 80 8.32 -0.40 0.68
C VAL A 80 9.45 -1.24 1.31
N GLU A 81 9.95 -2.26 0.58
CA GLU A 81 11.10 -3.09 1.03
C GLU A 81 12.38 -2.23 1.07
N GLN A 82 12.63 -1.46 -0.01
CA GLN A 82 13.81 -0.58 -0.10
C GLN A 82 13.70 0.60 0.88
N LEU A 83 12.46 1.06 1.14
CA LEU A 83 12.20 2.15 2.09
C LEU A 83 12.32 1.66 3.54
N LYS A 84 12.03 0.38 3.79
CA LYS A 84 12.34 -0.28 5.09
C LYS A 84 13.85 -0.46 5.27
N ALA A 85 14.58 -0.60 4.15
CA ALA A 85 16.04 -0.70 4.17
C ALA A 85 16.68 0.65 4.53
N GLU A 86 16.02 1.75 4.14
CA GLU A 86 16.49 3.13 4.42
C GLU A 86 16.00 3.61 5.81
N SER A 87 14.76 3.25 6.16
CA SER A 87 14.07 3.75 7.37
C SER A 87 14.34 2.84 8.59
N ALA A 88 14.13 1.53 8.41
CA ALA A 88 14.26 0.53 9.49
C ALA A 88 15.64 -0.13 9.45
N LEU A 89 16.18 -0.46 10.64
CA LEU A 89 17.46 -1.22 10.74
C LEU A 89 17.22 -2.73 10.55
N GLU A 90 15.93 -3.14 10.62
CA GLU A 90 15.52 -4.54 10.49
C GLU A 90 15.47 -4.94 8.99
N MET A 1 8.51 -8.47 10.10
CA MET A 1 9.72 -9.26 9.85
C MET A 1 9.59 -10.08 8.55
N ASP A 2 8.41 -10.00 7.89
CA ASP A 2 8.13 -10.78 6.68
C ASP A 2 7.32 -9.91 5.67
N GLY A 3 7.38 -10.30 4.39
CA GLY A 3 6.65 -9.63 3.32
C GLY A 3 5.15 -9.91 3.34
N GLU A 4 4.75 -11.21 3.23
CA GLU A 4 3.30 -11.61 3.16
C GLU A 4 2.52 -11.17 4.42
N GLU A 5 3.27 -11.11 5.52
CA GLU A 5 2.84 -10.53 6.80
C GLU A 5 2.17 -9.17 6.60
N VAL A 6 2.88 -8.25 5.92
CA VAL A 6 2.46 -6.85 5.79
C VAL A 6 1.52 -6.67 4.59
N LYS A 7 1.83 -7.40 3.50
CA LYS A 7 1.19 -7.29 2.16
C LYS A 7 -0.35 -7.35 2.23
N GLU A 8 -0.84 -8.42 2.86
CA GLU A 8 -2.29 -8.66 3.03
C GLU A 8 -2.98 -7.48 3.75
N LYS A 9 -2.40 -7.00 4.86
CA LYS A 9 -3.01 -5.99 5.75
C LYS A 9 -3.18 -4.63 5.06
N ILE A 10 -2.26 -4.32 4.12
CA ILE A 10 -2.30 -3.05 3.34
C ILE A 10 -3.57 -3.03 2.47
N ARG A 11 -3.91 -4.21 1.91
CA ARG A 11 -5.08 -4.43 1.05
C ARG A 11 -6.36 -4.65 1.84
N ARG A 12 -6.23 -5.25 3.03
CA ARG A 12 -7.36 -5.41 3.97
C ARG A 12 -7.88 -4.02 4.35
N TYR A 13 -6.93 -3.13 4.65
CA TYR A 13 -7.21 -1.69 4.92
C TYR A 13 -8.02 -1.04 3.78
N ILE A 14 -7.64 -1.35 2.52
CA ILE A 14 -8.36 -0.88 1.33
C ILE A 14 -9.81 -1.39 1.37
N MET A 15 -9.98 -2.71 1.55
CA MET A 15 -11.31 -3.36 1.61
C MET A 15 -12.17 -2.79 2.78
N GLU A 16 -11.55 -2.55 3.95
CA GLU A 16 -12.25 -2.24 5.21
C GLU A 16 -12.72 -0.78 5.28
N ASP A 17 -11.88 0.16 4.80
CA ASP A 17 -12.14 1.61 4.96
C ASP A 17 -12.33 2.29 3.61
N LEU A 18 -11.40 2.00 2.68
CA LEU A 18 -11.42 2.63 1.33
C LEU A 18 -12.63 2.13 0.50
N ILE A 19 -13.06 0.86 0.73
CA ILE A 19 -14.37 0.33 0.24
C ILE A 19 -15.42 0.50 1.37
N GLY A 20 -15.22 -0.21 2.50
CA GLY A 20 -16.15 -0.16 3.64
C GLY A 20 -16.59 -1.54 4.11
N PRO A 21 -17.75 -1.65 4.85
CA PRO A 21 -18.27 -2.95 5.38
C PRO A 21 -18.78 -3.91 4.26
N SER A 22 -19.02 -3.35 3.06
CA SER A 22 -19.39 -4.12 1.86
C SER A 22 -18.13 -4.41 1.01
N ALA A 23 -17.08 -4.89 1.70
CA ALA A 23 -15.75 -5.13 1.14
C ALA A 23 -15.73 -6.33 0.16
N LYS A 24 -15.67 -6.01 -1.13
CA LYS A 24 -15.73 -7.00 -2.22
C LYS A 24 -14.34 -7.61 -2.47
N GLU A 25 -14.00 -8.61 -1.64
CA GLU A 25 -12.69 -9.33 -1.66
C GLU A 25 -12.46 -10.12 -2.97
N ASP A 26 -13.54 -10.37 -3.74
CA ASP A 26 -13.50 -11.18 -4.96
C ASP A 26 -12.65 -10.53 -6.07
N GLU A 27 -12.75 -9.18 -6.17
CA GLU A 27 -12.13 -8.43 -7.27
C GLU A 27 -10.69 -8.04 -6.93
N LEU A 28 -10.40 -7.84 -5.64
CA LEU A 28 -9.07 -7.42 -5.20
C LEU A 28 -8.18 -8.66 -5.05
N ASP A 29 -6.91 -8.52 -5.43
CA ASP A 29 -5.90 -9.61 -5.37
C ASP A 29 -4.55 -9.02 -4.92
N ASP A 30 -3.61 -9.93 -4.61
CA ASP A 30 -2.22 -9.60 -4.27
C ASP A 30 -1.46 -9.03 -5.49
N GLN A 31 -1.93 -9.39 -6.68
CA GLN A 31 -1.34 -8.96 -7.97
C GLN A 31 -2.33 -8.08 -8.78
N THR A 32 -3.24 -7.40 -8.09
CA THR A 32 -4.19 -6.44 -8.72
C THR A 32 -3.55 -5.03 -8.80
N PRO A 33 -3.44 -4.45 -10.04
CA PRO A 33 -2.99 -3.05 -10.22
C PRO A 33 -4.08 -2.04 -9.77
N LEU A 34 -3.81 -1.42 -8.62
CA LEU A 34 -4.72 -0.52 -7.90
C LEU A 34 -5.08 0.74 -8.72
N LEU A 35 -4.04 1.49 -9.20
CA LEU A 35 -4.25 2.73 -10.02
C LEU A 35 -5.06 2.40 -11.29
N GLU A 36 -4.69 1.27 -11.94
CA GLU A 36 -5.32 0.78 -13.18
C GLU A 36 -6.80 0.43 -12.95
N TRP A 37 -7.10 -0.14 -11.77
CA TRP A 37 -8.48 -0.57 -11.43
C TRP A 37 -9.27 0.59 -10.77
N GLY A 38 -8.67 1.81 -10.81
CA GLY A 38 -9.33 3.02 -10.32
C GLY A 38 -9.49 3.04 -8.79
N ILE A 39 -8.81 2.11 -8.10
CA ILE A 39 -8.89 1.95 -6.64
C ILE A 39 -8.23 3.17 -5.97
N LEU A 40 -7.13 3.64 -6.59
CA LEU A 40 -6.37 4.82 -6.13
C LEU A 40 -6.47 5.95 -7.16
N ASN A 41 -6.56 7.19 -6.68
CA ASN A 41 -6.53 8.41 -7.51
C ASN A 41 -5.63 9.47 -6.88
N SER A 42 -5.92 9.86 -5.60
CA SER A 42 -5.20 10.96 -4.93
C SER A 42 -5.54 11.06 -3.43
N MET A 43 -6.70 11.66 -3.08
CA MET A 43 -7.11 11.90 -1.65
C MET A 43 -7.13 10.61 -0.79
N ASN A 44 -7.27 9.45 -1.47
CA ASN A 44 -7.34 8.13 -0.82
C ASN A 44 -5.95 7.44 -0.79
N ILE A 45 -5.05 7.86 -1.70
CA ILE A 45 -3.66 7.31 -1.79
C ILE A 45 -2.84 7.75 -0.55
N VAL A 46 -3.31 8.86 0.07
CA VAL A 46 -2.70 9.47 1.27
C VAL A 46 -2.96 8.61 2.53
N LYS A 47 -4.02 7.80 2.45
CA LYS A 47 -4.40 6.86 3.54
C LYS A 47 -3.37 5.73 3.67
N LEU A 48 -2.69 5.40 2.55
CA LEU A 48 -1.63 4.39 2.52
C LEU A 48 -0.34 4.95 3.16
N MET A 49 -0.06 6.26 2.92
CA MET A 49 1.15 6.96 3.45
C MET A 49 1.20 6.85 4.98
N VAL A 50 0.09 7.29 5.61
CA VAL A 50 -0.06 7.32 7.08
C VAL A 50 -0.12 5.89 7.67
N TYR A 51 -0.75 4.96 6.91
CA TYR A 51 -0.97 3.55 7.34
C TYR A 51 0.36 2.90 7.67
N ILE A 52 1.24 2.93 6.68
CA ILE A 52 2.55 2.25 6.70
C ILE A 52 3.49 2.86 7.78
N ARG A 53 3.23 4.15 8.11
CA ARG A 53 3.97 4.86 9.17
C ARG A 53 3.67 4.28 10.58
N ASP A 54 2.37 4.05 10.91
CA ASP A 54 1.99 3.45 12.22
C ASP A 54 2.18 1.92 12.20
N GLU A 55 2.05 1.34 11.00
CA GLU A 55 2.19 -0.10 10.76
C GLU A 55 3.66 -0.53 10.92
N MET A 56 4.49 -0.18 9.93
CA MET A 56 5.91 -0.64 9.81
C MET A 56 6.92 0.45 10.20
N GLY A 57 6.43 1.65 10.59
CA GLY A 57 7.30 2.78 10.93
C GLY A 57 7.81 3.54 9.71
N VAL A 58 7.26 3.20 8.52
CA VAL A 58 7.75 3.69 7.23
C VAL A 58 6.80 4.75 6.66
N SER A 59 7.26 5.99 6.53
CA SER A 59 6.51 7.03 5.84
C SER A 59 7.02 7.10 4.40
N ILE A 60 6.13 6.81 3.41
CA ILE A 60 6.45 6.98 1.99
C ILE A 60 6.72 8.48 1.72
N PRO A 61 7.96 8.88 1.28
CA PRO A 61 8.27 10.29 0.95
C PRO A 61 7.48 10.78 -0.29
N SER A 62 7.38 12.12 -0.44
CA SER A 62 6.59 12.76 -1.51
C SER A 62 7.24 12.55 -2.90
N THR A 63 8.55 12.25 -2.90
CA THR A 63 9.29 11.86 -4.11
C THR A 63 8.88 10.42 -4.57
N HIS A 64 8.30 9.63 -3.65
CA HIS A 64 7.80 8.26 -3.94
C HIS A 64 6.25 8.23 -4.01
N ILE A 65 5.58 9.41 -3.96
CA ILE A 65 4.11 9.46 -4.16
C ILE A 65 3.81 9.72 -5.63
N THR A 66 3.67 8.62 -6.36
CA THR A 66 3.20 8.61 -7.74
C THR A 66 2.63 7.22 -8.05
N GLY A 67 1.92 7.10 -9.19
CA GLY A 67 1.28 5.86 -9.61
C GLY A 67 2.23 4.66 -9.66
N LYS A 68 3.46 4.90 -10.19
CA LYS A 68 4.45 3.84 -10.48
C LYS A 68 4.92 3.05 -9.22
N TYR A 69 4.87 3.68 -8.03
CA TYR A 69 5.25 3.00 -6.76
C TYR A 69 4.03 2.27 -6.16
N PHE A 70 2.86 2.90 -6.32
CA PHE A 70 1.59 2.42 -5.72
C PHE A 70 0.80 1.51 -6.69
N LYS A 71 1.38 1.19 -7.88
CA LYS A 71 0.68 0.47 -8.99
C LYS A 71 -0.09 -0.75 -8.51
N ASP A 72 0.53 -1.51 -7.61
CA ASP A 72 0.07 -2.86 -7.24
C ASP A 72 0.44 -3.11 -5.78
N LEU A 73 0.05 -4.27 -5.24
CA LEU A 73 0.54 -4.74 -3.95
C LEU A 73 2.00 -5.18 -4.06
N ASN A 74 2.36 -5.91 -5.14
CA ASN A 74 3.76 -6.34 -5.31
C ASN A 74 4.66 -5.13 -5.59
N ALA A 75 4.09 -4.07 -6.18
CA ALA A 75 4.76 -2.78 -6.36
C ALA A 75 5.03 -2.09 -4.99
N ILE A 76 3.97 -1.99 -4.14
CA ILE A 76 4.06 -1.38 -2.78
C ILE A 76 4.92 -2.20 -1.85
N SER A 77 4.95 -3.53 -2.01
CA SER A 77 5.78 -4.40 -1.16
C SER A 77 7.28 -4.17 -1.45
N ARG A 78 7.59 -3.93 -2.73
CA ARG A 78 8.97 -3.64 -3.17
C ARG A 78 9.33 -2.17 -2.92
N THR A 79 8.32 -1.29 -2.79
CA THR A 79 8.51 0.13 -2.46
C THR A 79 8.68 0.32 -0.95
N VAL A 80 7.96 -0.48 -0.16
CA VAL A 80 7.97 -0.33 1.31
C VAL A 80 9.26 -0.92 1.87
N GLU A 81 9.76 -2.02 1.26
CA GLU A 81 11.02 -2.66 1.67
C GLU A 81 12.22 -1.85 1.14
N GLN A 82 12.04 -1.18 -0.03
CA GLN A 82 13.11 -0.36 -0.63
C GLN A 82 13.38 0.84 0.26
N LEU A 83 12.32 1.40 0.86
CA LEU A 83 12.41 2.54 1.80
C LEU A 83 13.15 2.15 3.07
N LYS A 84 12.88 0.93 3.54
CA LYS A 84 13.61 0.35 4.69
C LYS A 84 15.09 0.19 4.33
N ALA A 85 15.35 -0.23 3.08
CA ALA A 85 16.72 -0.46 2.55
C ALA A 85 17.48 0.85 2.22
N GLU A 86 16.75 1.87 1.70
CA GLU A 86 17.35 3.17 1.29
C GLU A 86 17.65 3.99 2.54
N SER A 87 16.81 3.82 3.57
CA SER A 87 17.00 4.47 4.88
C SER A 87 17.90 3.60 5.79
N ALA A 88 18.09 2.30 5.45
CA ALA A 88 18.89 1.37 6.27
C ALA A 88 20.34 1.82 6.38
N LEU A 89 20.75 2.13 7.60
CA LEU A 89 22.16 2.33 7.98
C LEU A 89 22.96 1.00 7.93
N GLU A 90 22.21 -0.12 7.84
CA GLU A 90 22.74 -1.49 7.78
C GLU A 90 23.58 -1.70 6.48
N MET A 1 10.33 -8.19 11.46
CA MET A 1 9.23 -7.99 10.49
C MET A 1 9.07 -9.24 9.61
N ASP A 2 7.82 -9.61 9.33
CA ASP A 2 7.49 -10.68 8.36
C ASP A 2 7.38 -10.07 6.94
N GLY A 3 6.86 -10.85 5.97
CA GLY A 3 6.72 -10.38 4.60
C GLY A 3 5.31 -10.50 4.06
N GLU A 4 4.66 -11.63 4.33
CA GLU A 4 3.33 -11.95 3.77
C GLU A 4 2.15 -11.45 4.63
N GLU A 5 2.28 -11.52 5.98
CA GLU A 5 1.19 -11.14 6.92
C GLU A 5 0.94 -9.62 6.87
N VAL A 6 2.01 -8.84 6.69
CA VAL A 6 1.91 -7.38 6.53
C VAL A 6 1.12 -7.04 5.26
N LYS A 7 1.36 -7.81 4.18
CA LYS A 7 0.75 -7.56 2.87
C LYS A 7 -0.76 -7.86 2.87
N GLU A 8 -1.15 -9.06 3.33
CA GLU A 8 -2.58 -9.44 3.40
C GLU A 8 -3.38 -8.46 4.30
N LYS A 9 -2.70 -7.87 5.28
CA LYS A 9 -3.26 -6.86 6.16
C LYS A 9 -3.50 -5.54 5.41
N ILE A 10 -2.55 -5.17 4.52
CA ILE A 10 -2.72 -4.02 3.64
C ILE A 10 -3.95 -4.24 2.75
N ARG A 11 -4.06 -5.49 2.25
CA ARG A 11 -5.15 -5.93 1.37
C ARG A 11 -6.54 -5.78 2.02
N ARG A 12 -6.66 -6.24 3.26
CA ARG A 12 -7.92 -6.11 4.05
C ARG A 12 -8.24 -4.62 4.28
N TYR A 13 -7.20 -3.86 4.64
CA TYR A 13 -7.30 -2.40 4.88
C TYR A 13 -7.84 -1.66 3.63
N ILE A 14 -7.40 -2.13 2.44
CA ILE A 14 -7.86 -1.58 1.16
C ILE A 14 -9.37 -1.83 0.98
N MET A 15 -9.81 -3.08 1.16
CA MET A 15 -11.23 -3.46 1.01
C MET A 15 -12.13 -2.66 1.98
N GLU A 16 -11.79 -2.75 3.28
CA GLU A 16 -12.65 -2.30 4.38
C GLU A 16 -12.75 -0.77 4.45
N ASP A 17 -11.59 -0.10 4.41
CA ASP A 17 -11.51 1.36 4.58
C ASP A 17 -11.61 2.08 3.23
N LEU A 18 -10.75 1.67 2.27
CA LEU A 18 -10.63 2.38 0.97
C LEU A 18 -11.85 2.16 0.06
N ILE A 19 -12.26 0.89 -0.13
CA ILE A 19 -13.49 0.57 -0.89
C ILE A 19 -14.73 0.94 -0.05
N GLY A 20 -14.62 0.76 1.28
CA GLY A 20 -15.68 1.10 2.22
C GLY A 20 -16.60 -0.07 2.55
N PRO A 21 -17.89 0.20 2.95
CA PRO A 21 -18.88 -0.87 3.26
C PRO A 21 -19.30 -1.71 2.03
N SER A 22 -18.89 -1.26 0.85
CA SER A 22 -19.12 -1.98 -0.43
C SER A 22 -17.98 -2.99 -0.71
N ALA A 23 -17.22 -3.35 0.36
CA ALA A 23 -16.01 -4.21 0.26
C ALA A 23 -16.32 -5.59 -0.32
N LYS A 24 -16.15 -5.72 -1.62
CA LYS A 24 -16.29 -6.99 -2.34
C LYS A 24 -14.90 -7.64 -2.46
N GLU A 25 -14.70 -8.62 -1.60
CA GLU A 25 -13.47 -9.46 -1.51
C GLU A 25 -13.07 -10.14 -2.84
N ASP A 26 -14.00 -10.17 -3.82
CA ASP A 26 -13.79 -10.80 -5.13
C ASP A 26 -12.66 -10.10 -5.90
N GLU A 27 -12.54 -8.79 -5.65
CA GLU A 27 -11.57 -7.91 -6.34
C GLU A 27 -10.15 -8.04 -5.77
N LEU A 28 -10.07 -8.63 -4.59
CA LEU A 28 -8.87 -8.61 -3.75
C LEU A 28 -7.82 -9.67 -4.19
N ASP A 29 -6.61 -9.15 -4.52
CA ASP A 29 -5.37 -9.94 -4.61
C ASP A 29 -4.20 -8.98 -4.41
N ASP A 30 -3.02 -9.54 -4.11
CA ASP A 30 -1.83 -8.75 -3.82
C ASP A 30 -1.34 -8.00 -5.07
N GLN A 31 -1.35 -8.71 -6.21
CA GLN A 31 -0.91 -8.13 -7.49
C GLN A 31 -2.08 -7.50 -8.27
N THR A 32 -3.28 -7.41 -7.65
CA THR A 32 -4.42 -6.66 -8.25
C THR A 32 -4.03 -5.16 -8.38
N PRO A 33 -3.92 -4.64 -9.65
CA PRO A 33 -3.50 -3.26 -9.91
C PRO A 33 -4.58 -2.24 -9.48
N LEU A 34 -4.29 -1.55 -8.38
CA LEU A 34 -5.24 -0.63 -7.73
C LEU A 34 -5.53 0.59 -8.62
N LEU A 35 -4.47 1.30 -9.05
CA LEU A 35 -4.59 2.50 -9.92
C LEU A 35 -5.36 2.19 -11.22
N GLU A 36 -5.00 1.06 -11.83
CA GLU A 36 -5.56 0.60 -13.10
C GLU A 36 -7.06 0.27 -12.97
N TRP A 37 -7.46 -0.23 -11.78
CA TRP A 37 -8.86 -0.62 -11.53
C TRP A 37 -9.68 0.56 -10.97
N GLY A 38 -9.01 1.71 -10.75
CA GLY A 38 -9.67 2.90 -10.20
C GLY A 38 -9.98 2.77 -8.71
N ILE A 39 -9.23 1.88 -8.03
CA ILE A 39 -9.32 1.65 -6.58
C ILE A 39 -8.63 2.81 -5.86
N LEU A 40 -7.55 3.32 -6.48
CA LEU A 40 -6.85 4.54 -6.04
C LEU A 40 -7.13 5.66 -7.02
N ASN A 41 -7.28 6.87 -6.49
CA ASN A 41 -7.52 8.10 -7.27
C ASN A 41 -6.58 9.20 -6.75
N SER A 42 -6.82 9.67 -5.51
CA SER A 42 -6.02 10.76 -4.90
C SER A 42 -6.15 10.75 -3.37
N MET A 43 -7.32 11.14 -2.85
CA MET A 43 -7.51 11.34 -1.39
C MET A 43 -7.61 10.02 -0.63
N ASN A 44 -7.90 8.96 -1.36
CA ASN A 44 -7.86 7.57 -0.87
C ASN A 44 -6.41 7.04 -0.83
N ILE A 45 -5.53 7.57 -1.70
CA ILE A 45 -4.10 7.15 -1.76
C ILE A 45 -3.33 7.59 -0.48
N VAL A 46 -3.86 8.63 0.19
CA VAL A 46 -3.24 9.25 1.37
C VAL A 46 -3.24 8.29 2.59
N LYS A 47 -4.20 7.35 2.60
CA LYS A 47 -4.37 6.36 3.68
C LYS A 47 -3.15 5.44 3.75
N LEU A 48 -2.57 5.14 2.58
CA LEU A 48 -1.39 4.27 2.45
C LEU A 48 -0.15 4.93 3.07
N MET A 49 0.01 6.24 2.81
CA MET A 49 1.20 7.04 3.22
C MET A 49 1.45 6.92 4.73
N VAL A 50 0.39 7.16 5.52
CA VAL A 50 0.43 7.15 6.99
C VAL A 50 0.49 5.71 7.54
N TYR A 51 -0.20 4.78 6.84
CA TYR A 51 -0.39 3.39 7.32
C TYR A 51 0.95 2.66 7.45
N ILE A 52 1.83 2.96 6.51
CA ILE A 52 3.15 2.34 6.39
C ILE A 52 4.12 2.93 7.42
N ARG A 53 3.92 4.23 7.74
CA ARG A 53 4.65 4.91 8.83
C ARG A 53 4.19 4.38 10.22
N ASP A 54 2.92 3.97 10.28
CA ASP A 54 2.28 3.45 11.50
C ASP A 54 2.71 1.99 11.75
N GLU A 55 2.65 1.17 10.71
CA GLU A 55 2.89 -0.28 10.81
C GLU A 55 4.38 -0.61 10.66
N MET A 56 4.94 -0.34 9.47
CA MET A 56 6.36 -0.68 9.14
C MET A 56 7.33 0.38 9.69
N GLY A 57 6.80 1.53 10.15
CA GLY A 57 7.61 2.59 10.76
C GLY A 57 8.41 3.40 9.75
N VAL A 58 7.91 3.46 8.51
CA VAL A 58 8.58 4.19 7.42
C VAL A 58 7.53 4.94 6.57
N SER A 59 7.63 6.28 6.50
CA SER A 59 6.68 7.11 5.75
C SER A 59 7.05 7.16 4.26
N ILE A 60 6.03 7.10 3.39
CA ILE A 60 6.20 7.45 1.97
C ILE A 60 6.16 8.99 1.87
N PRO A 61 7.28 9.66 1.42
CA PRO A 61 7.31 11.12 1.19
C PRO A 61 6.47 11.56 -0.03
N SER A 62 6.21 12.88 -0.12
CA SER A 62 5.46 13.47 -1.24
C SER A 62 6.19 13.27 -2.60
N THR A 63 7.53 13.16 -2.53
CA THR A 63 8.39 12.95 -3.72
C THR A 63 8.31 11.49 -4.24
N HIS A 64 7.67 10.62 -3.45
CA HIS A 64 7.41 9.20 -3.81
C HIS A 64 5.92 8.94 -4.03
N ILE A 65 5.09 10.00 -4.06
CA ILE A 65 3.67 9.84 -4.36
C ILE A 65 3.47 9.99 -5.86
N THR A 66 3.54 8.86 -6.56
CA THR A 66 3.32 8.78 -8.00
C THR A 66 2.86 7.35 -8.38
N GLY A 67 2.52 7.17 -9.66
CA GLY A 67 1.92 5.94 -10.16
C GLY A 67 2.74 4.67 -9.92
N LYS A 68 4.00 4.68 -10.38
CA LYS A 68 4.88 3.48 -10.41
C LYS A 68 5.02 2.78 -9.03
N TYR A 69 4.94 3.57 -7.96
CA TYR A 69 5.12 3.06 -6.58
C TYR A 69 3.81 2.51 -6.01
N PHE A 70 2.68 3.11 -6.40
CA PHE A 70 1.33 2.80 -5.84
C PHE A 70 0.45 2.00 -6.82
N LYS A 71 1.05 1.37 -7.85
CA LYS A 71 0.29 0.62 -8.89
C LYS A 71 -0.64 -0.43 -8.27
N ASP A 72 -0.10 -1.13 -7.27
CA ASP A 72 -0.77 -2.21 -6.53
C ASP A 72 -0.01 -2.45 -5.24
N LEU A 73 -0.36 -3.53 -4.50
CA LEU A 73 0.36 -3.88 -3.28
C LEU A 73 1.81 -4.28 -3.56
N ASN A 74 2.03 -5.15 -4.58
CA ASN A 74 3.36 -5.71 -4.87
C ASN A 74 4.30 -4.61 -5.43
N ALA A 75 3.72 -3.58 -6.04
CA ALA A 75 4.45 -2.35 -6.39
C ALA A 75 4.97 -1.64 -5.12
N ILE A 76 4.06 -1.52 -4.12
CA ILE A 76 4.35 -0.91 -2.80
C ILE A 76 5.29 -1.79 -1.97
N SER A 77 5.18 -3.14 -2.11
CA SER A 77 5.96 -4.08 -1.31
C SER A 77 7.45 -3.96 -1.69
N ARG A 78 7.71 -3.75 -3.00
CA ARG A 78 9.07 -3.52 -3.50
C ARG A 78 9.59 -2.14 -3.07
N THR A 79 8.72 -1.12 -3.18
CA THR A 79 9.04 0.28 -2.86
C THR A 79 9.37 0.45 -1.36
N VAL A 80 8.62 -0.25 -0.52
CA VAL A 80 8.74 -0.13 0.94
C VAL A 80 9.99 -0.87 1.42
N GLU A 81 10.40 -1.92 0.68
CA GLU A 81 11.70 -2.58 0.90
C GLU A 81 12.84 -1.65 0.54
N GLN A 82 12.68 -0.88 -0.57
CA GLN A 82 13.68 0.12 -1.02
C GLN A 82 13.97 1.11 0.10
N LEU A 83 12.89 1.67 0.66
CA LEU A 83 12.96 2.65 1.76
C LEU A 83 13.73 2.09 2.96
N LYS A 84 13.35 0.86 3.38
CA LYS A 84 13.96 0.21 4.56
C LYS A 84 15.40 -0.28 4.25
N ALA A 85 15.70 -0.46 2.96
CA ALA A 85 17.04 -0.89 2.50
C ALA A 85 18.02 0.30 2.45
N GLU A 86 17.50 1.48 2.08
CA GLU A 86 18.31 2.72 2.04
C GLU A 86 18.44 3.32 3.44
N SER A 87 17.39 3.15 4.24
CA SER A 87 17.37 3.56 5.66
C SER A 87 18.10 2.54 6.55
N ALA A 88 18.38 1.33 6.00
CA ALA A 88 19.09 0.25 6.72
C ALA A 88 20.40 0.75 7.35
N LEU A 89 20.59 0.43 8.64
CA LEU A 89 21.76 0.86 9.43
C LEU A 89 22.93 -0.15 9.34
N GLU A 90 22.72 -1.26 8.61
CA GLU A 90 23.69 -2.37 8.50
C GLU A 90 24.78 -2.03 7.43
N MET A 1 4.31 -9.01 11.23
CA MET A 1 5.51 -9.79 11.61
C MET A 1 6.24 -10.24 10.34
N ASP A 2 5.67 -11.23 9.64
CA ASP A 2 6.33 -11.83 8.46
C ASP A 2 5.83 -11.16 7.17
N GLY A 3 6.41 -9.95 6.89
CA GLY A 3 6.34 -9.22 5.59
C GLY A 3 5.02 -9.31 4.78
N GLU A 4 4.72 -10.50 4.27
CA GLU A 4 3.51 -10.81 3.46
C GLU A 4 2.20 -10.52 4.22
N GLU A 5 2.33 -10.52 5.54
CA GLU A 5 1.26 -10.13 6.45
C GLU A 5 0.88 -8.67 6.24
N VAL A 6 1.89 -7.78 6.18
CA VAL A 6 1.62 -6.34 6.04
C VAL A 6 1.18 -6.02 4.62
N LYS A 7 1.57 -6.90 3.66
CA LYS A 7 1.07 -6.85 2.27
C LYS A 7 -0.47 -6.92 2.25
N GLU A 8 -1.05 -8.04 2.74
CA GLU A 8 -2.52 -8.21 2.72
C GLU A 8 -3.20 -7.06 3.49
N LYS A 9 -2.52 -6.57 4.55
CA LYS A 9 -2.99 -5.44 5.38
C LYS A 9 -3.16 -4.15 4.59
N ILE A 10 -2.28 -3.88 3.60
CA ILE A 10 -2.35 -2.67 2.76
C ILE A 10 -3.69 -2.63 2.01
N ARG A 11 -3.99 -3.74 1.34
CA ARG A 11 -5.16 -3.84 0.45
C ARG A 11 -6.45 -4.10 1.23
N ARG A 12 -6.33 -4.84 2.34
CA ARG A 12 -7.44 -5.07 3.28
C ARG A 12 -7.90 -3.74 3.86
N TYR A 13 -6.93 -2.90 4.23
CA TYR A 13 -7.18 -1.55 4.78
C TYR A 13 -8.07 -0.71 3.84
N ILE A 14 -7.77 -0.79 2.54
CA ILE A 14 -8.51 -0.07 1.50
C ILE A 14 -9.97 -0.54 1.48
N MET A 15 -10.17 -1.85 1.39
CA MET A 15 -11.51 -2.46 1.22
C MET A 15 -12.37 -2.28 2.51
N GLU A 16 -11.79 -2.60 3.68
CA GLU A 16 -12.49 -2.57 4.98
C GLU A 16 -12.82 -1.11 5.40
N ASP A 17 -11.79 -0.26 5.40
CA ASP A 17 -11.86 1.11 5.96
C ASP A 17 -12.30 2.13 4.89
N LEU A 18 -11.56 2.18 3.77
CA LEU A 18 -11.78 3.22 2.74
C LEU A 18 -13.06 2.97 1.92
N ILE A 19 -13.33 1.71 1.55
CA ILE A 19 -14.60 1.33 0.88
C ILE A 19 -15.72 1.24 1.94
N GLY A 20 -15.52 0.34 2.91
CA GLY A 20 -16.50 0.10 3.98
C GLY A 20 -16.80 -1.40 4.14
N PRO A 21 -17.87 -1.77 4.90
CA PRO A 21 -18.28 -3.19 5.09
C PRO A 21 -18.81 -3.85 3.79
N SER A 22 -19.12 -3.01 2.78
CA SER A 22 -19.57 -3.46 1.44
C SER A 22 -18.37 -3.74 0.50
N ALA A 23 -17.23 -4.09 1.12
CA ALA A 23 -15.96 -4.35 0.44
C ALA A 23 -16.07 -5.51 -0.56
N LYS A 24 -15.73 -5.22 -1.81
CA LYS A 24 -15.65 -6.22 -2.88
C LYS A 24 -14.22 -6.76 -2.96
N GLU A 25 -13.76 -7.32 -1.82
CA GLU A 25 -12.37 -7.82 -1.65
C GLU A 25 -12.03 -8.98 -2.60
N ASP A 26 -13.09 -9.65 -3.05
CA ASP A 26 -13.01 -10.77 -3.98
C ASP A 26 -12.53 -10.30 -5.38
N GLU A 27 -12.74 -9.00 -5.66
CA GLU A 27 -12.33 -8.36 -6.92
C GLU A 27 -10.89 -7.87 -6.86
N LEU A 28 -10.30 -7.85 -5.66
CA LEU A 28 -8.93 -7.39 -5.44
C LEU A 28 -7.98 -8.59 -5.42
N ASP A 29 -6.76 -8.40 -5.94
CA ASP A 29 -5.66 -9.39 -5.95
C ASP A 29 -4.33 -8.65 -5.81
N ASP A 30 -3.24 -9.40 -5.56
CA ASP A 30 -1.90 -8.87 -5.34
C ASP A 30 -1.28 -8.30 -6.65
N GLN A 31 -1.38 -9.09 -7.74
CA GLN A 31 -0.77 -8.75 -9.05
C GLN A 31 -1.80 -8.14 -10.02
N THR A 32 -3.00 -7.81 -9.51
CA THR A 32 -4.01 -7.05 -10.25
C THR A 32 -3.75 -5.55 -10.09
N PRO A 33 -3.71 -4.74 -11.21
CA PRO A 33 -3.39 -3.30 -11.16
C PRO A 33 -4.48 -2.50 -10.43
N LEU A 34 -4.16 -2.07 -9.21
CA LEU A 34 -5.11 -1.41 -8.31
C LEU A 34 -5.48 -0.01 -8.83
N LEU A 35 -4.50 0.69 -9.42
CA LEU A 35 -4.71 2.02 -10.06
C LEU A 35 -5.71 1.92 -11.22
N GLU A 36 -5.45 0.95 -12.10
CA GLU A 36 -6.24 0.70 -13.30
C GLU A 36 -7.67 0.26 -12.96
N TRP A 37 -7.86 -0.25 -11.74
CA TRP A 37 -9.20 -0.67 -11.24
C TRP A 37 -9.83 0.41 -10.33
N GLY A 38 -9.21 1.61 -10.30
CA GLY A 38 -9.74 2.77 -9.56
C GLY A 38 -9.71 2.63 -8.03
N ILE A 39 -8.89 1.69 -7.55
CA ILE A 39 -8.78 1.34 -6.12
C ILE A 39 -7.88 2.35 -5.40
N LEU A 40 -6.99 3.04 -6.15
CA LEU A 40 -6.04 4.02 -5.60
C LEU A 40 -6.08 5.35 -6.36
N ASN A 41 -6.51 6.41 -5.66
CA ASN A 41 -6.37 7.83 -6.09
C ASN A 41 -6.26 8.70 -4.84
N SER A 42 -5.97 10.02 -5.03
CA SER A 42 -5.60 10.98 -3.95
C SER A 42 -6.48 10.91 -2.69
N MET A 43 -7.77 10.63 -2.89
CA MET A 43 -8.79 10.59 -1.83
C MET A 43 -8.37 9.62 -0.71
N ASN A 44 -8.02 8.39 -1.10
CA ASN A 44 -7.83 7.27 -0.16
C ASN A 44 -6.37 6.78 -0.09
N ILE A 45 -5.58 7.13 -1.10
CA ILE A 45 -4.16 6.68 -1.24
C ILE A 45 -3.26 7.32 -0.14
N VAL A 46 -3.70 8.49 0.39
CA VAL A 46 -2.99 9.23 1.45
C VAL A 46 -3.05 8.46 2.79
N LYS A 47 -4.10 7.64 2.92
CA LYS A 47 -4.34 6.82 4.11
C LYS A 47 -3.35 5.64 4.14
N LEU A 48 -2.91 5.21 2.94
CA LEU A 48 -1.87 4.17 2.79
C LEU A 48 -0.49 4.71 3.20
N MET A 49 -0.24 6.01 2.95
CA MET A 49 1.05 6.67 3.28
C MET A 49 1.33 6.58 4.79
N VAL A 50 0.31 6.97 5.58
CA VAL A 50 0.39 6.95 7.06
C VAL A 50 0.20 5.52 7.60
N TYR A 51 -0.45 4.63 6.81
CA TYR A 51 -0.62 3.22 7.17
C TYR A 51 0.76 2.56 7.29
N ILE A 52 1.57 2.80 6.26
CA ILE A 52 2.93 2.25 6.13
C ILE A 52 3.86 2.88 7.18
N ARG A 53 3.64 4.17 7.46
CA ARG A 53 4.31 4.94 8.53
C ARG A 53 4.07 4.30 9.92
N ASP A 54 2.90 3.68 10.08
CA ASP A 54 2.47 3.08 11.35
C ASP A 54 2.92 1.61 11.46
N GLU A 55 2.63 0.82 10.42
CA GLU A 55 2.83 -0.64 10.42
C GLU A 55 4.32 -1.00 10.21
N MET A 56 4.89 -0.51 9.10
CA MET A 56 6.31 -0.77 8.73
C MET A 56 7.25 0.29 9.33
N GLY A 57 6.67 1.36 9.93
CA GLY A 57 7.45 2.41 10.59
C GLY A 57 8.18 3.32 9.62
N VAL A 58 7.74 3.33 8.35
CA VAL A 58 8.39 4.12 7.28
C VAL A 58 7.31 4.92 6.52
N SER A 59 7.41 6.25 6.57
CA SER A 59 6.48 7.13 5.86
C SER A 59 7.02 7.33 4.44
N ILE A 60 6.17 7.07 3.44
CA ILE A 60 6.51 7.34 2.04
C ILE A 60 6.45 8.87 1.79
N PRO A 61 7.60 9.50 1.31
CA PRO A 61 7.63 10.94 0.98
C PRO A 61 6.72 11.31 -0.22
N SER A 62 6.41 12.60 -0.35
CA SER A 62 5.43 13.12 -1.31
C SER A 62 5.89 13.00 -2.79
N THR A 63 7.22 13.07 -3.00
CA THR A 63 7.83 12.91 -4.35
C THR A 63 7.77 11.43 -4.81
N HIS A 64 7.65 10.52 -3.82
CA HIS A 64 7.58 9.07 -4.05
C HIS A 64 6.12 8.61 -4.25
N ILE A 65 5.16 9.55 -4.09
CA ILE A 65 3.74 9.26 -4.33
C ILE A 65 3.47 9.33 -5.83
N THR A 66 3.51 8.17 -6.48
CA THR A 66 3.25 8.07 -7.90
C THR A 66 2.70 6.67 -8.22
N GLY A 67 2.31 6.49 -9.48
CA GLY A 67 1.70 5.26 -9.95
C GLY A 67 2.53 4.00 -9.68
N LYS A 68 3.76 3.99 -10.20
CA LYS A 68 4.65 2.80 -10.18
C LYS A 68 4.92 2.22 -8.77
N TYR A 69 4.90 3.08 -7.74
CA TYR A 69 5.26 2.68 -6.35
C TYR A 69 4.05 2.22 -5.54
N PHE A 70 2.84 2.51 -6.04
CA PHE A 70 1.56 2.06 -5.43
C PHE A 70 0.81 1.08 -6.36
N LYS A 71 1.38 0.85 -7.55
CA LYS A 71 0.75 0.16 -8.69
C LYS A 71 0.10 -1.20 -8.33
N ASP A 72 0.89 -1.99 -7.62
CA ASP A 72 0.52 -3.37 -7.22
C ASP A 72 0.84 -3.52 -5.75
N LEU A 73 0.37 -4.63 -5.18
CA LEU A 73 0.69 -4.97 -3.80
C LEU A 73 2.13 -5.49 -3.71
N ASN A 74 2.53 -6.27 -4.72
CA ASN A 74 3.94 -6.68 -4.92
C ASN A 74 4.83 -5.46 -5.20
N ALA A 75 4.31 -4.48 -5.96
CA ALA A 75 5.05 -3.24 -6.28
C ALA A 75 5.39 -2.45 -5.01
N ILE A 76 4.39 -2.24 -4.15
CA ILE A 76 4.54 -1.54 -2.85
C ILE A 76 5.50 -2.30 -1.95
N SER A 77 5.33 -3.64 -1.90
CA SER A 77 6.13 -4.52 -1.03
C SER A 77 7.62 -4.34 -1.32
N ARG A 78 7.99 -4.56 -2.59
CA ARG A 78 9.38 -4.50 -3.02
C ARG A 78 10.00 -3.14 -2.76
N THR A 79 9.21 -2.09 -3.02
CA THR A 79 9.64 -0.70 -2.88
C THR A 79 9.77 -0.26 -1.41
N VAL A 80 8.85 -0.72 -0.55
CA VAL A 80 8.79 -0.30 0.86
C VAL A 80 9.93 -0.95 1.67
N GLU A 81 10.35 -2.14 1.19
CA GLU A 81 11.50 -2.87 1.73
C GLU A 81 12.81 -2.12 1.40
N GLN A 82 12.83 -1.45 0.22
CA GLN A 82 13.97 -0.59 -0.18
C GLN A 82 14.05 0.64 0.74
N LEU A 83 12.88 1.25 1.00
CA LEU A 83 12.76 2.45 1.85
C LEU A 83 13.29 2.23 3.27
N LYS A 84 12.98 1.04 3.84
CA LYS A 84 13.51 0.64 5.16
C LYS A 84 15.04 0.43 5.09
N ALA A 85 15.50 -0.14 3.97
CA ALA A 85 16.92 -0.45 3.73
C ALA A 85 17.77 0.83 3.57
N GLU A 86 17.16 1.87 2.99
CA GLU A 86 17.83 3.14 2.71
C GLU A 86 17.79 4.08 3.93
N SER A 87 16.67 4.07 4.66
CA SER A 87 16.52 4.86 5.90
C SER A 87 17.47 4.35 7.01
N ALA A 88 17.41 3.04 7.29
CA ALA A 88 18.25 2.41 8.33
C ALA A 88 19.68 2.15 7.82
N LEU A 89 20.69 2.51 8.63
CA LEU A 89 22.13 2.34 8.31
C LEU A 89 22.61 0.84 8.40
N GLU A 90 22.00 -0.02 7.57
CA GLU A 90 22.29 -1.47 7.58
C GLU A 90 23.49 -1.81 6.64
N MET A 1 2.77 -9.85 12.60
CA MET A 1 4.07 -9.32 13.00
C MET A 1 5.18 -9.67 11.99
N ASP A 2 4.86 -10.47 10.94
CA ASP A 2 5.84 -10.79 9.85
C ASP A 2 5.55 -9.92 8.62
N GLY A 3 6.50 -9.93 7.67
CA GLY A 3 6.49 -9.04 6.52
C GLY A 3 5.46 -9.40 5.45
N GLU A 4 5.06 -10.67 5.39
CA GLU A 4 4.04 -11.13 4.42
C GLU A 4 2.62 -10.92 4.97
N GLU A 5 2.52 -10.86 6.32
CA GLU A 5 1.27 -10.50 7.01
C GLU A 5 0.92 -9.03 6.74
N VAL A 6 1.91 -8.14 6.83
CA VAL A 6 1.66 -6.70 6.67
C VAL A 6 1.14 -6.39 5.26
N LYS A 7 1.61 -7.19 4.29
CA LYS A 7 1.23 -7.05 2.88
C LYS A 7 -0.26 -7.33 2.67
N GLU A 8 -0.76 -8.46 3.21
CA GLU A 8 -2.20 -8.81 3.11
C GLU A 8 -3.04 -7.76 3.86
N LYS A 9 -2.50 -7.21 4.97
CA LYS A 9 -3.19 -6.19 5.77
C LYS A 9 -3.26 -4.84 5.05
N ILE A 10 -2.37 -4.60 4.06
CA ILE A 10 -2.49 -3.45 3.16
C ILE A 10 -3.74 -3.63 2.29
N ARG A 11 -3.84 -4.83 1.69
CA ARG A 11 -4.94 -5.18 0.76
C ARG A 11 -6.28 -5.23 1.48
N ARG A 12 -6.23 -5.64 2.75
CA ARG A 12 -7.40 -5.62 3.63
C ARG A 12 -7.80 -4.18 3.88
N TYR A 13 -6.89 -3.41 4.47
CA TYR A 13 -7.11 -1.98 4.84
C TYR A 13 -7.76 -1.16 3.70
N ILE A 14 -7.30 -1.41 2.47
CA ILE A 14 -7.85 -0.79 1.26
C ILE A 14 -9.34 -1.16 1.12
N MET A 15 -9.64 -2.47 1.08
CA MET A 15 -11.02 -2.98 1.01
C MET A 15 -11.89 -2.55 2.21
N GLU A 16 -11.48 -2.94 3.42
CA GLU A 16 -12.18 -2.69 4.69
C GLU A 16 -12.58 -1.21 4.88
N ASP A 17 -11.60 -0.31 4.71
CA ASP A 17 -11.75 1.12 5.03
C ASP A 17 -11.99 1.96 3.78
N LEU A 18 -11.02 1.93 2.84
CA LEU A 18 -11.00 2.86 1.68
C LEU A 18 -12.10 2.57 0.67
N ILE A 19 -12.50 1.30 0.53
CA ILE A 19 -13.70 0.91 -0.23
C ILE A 19 -14.92 1.03 0.71
N GLY A 20 -14.87 0.28 1.83
CA GLY A 20 -15.96 0.21 2.81
C GLY A 20 -16.32 -1.24 3.17
N PRO A 21 -17.36 -1.47 4.03
CA PRO A 21 -17.76 -2.83 4.47
C PRO A 21 -18.33 -3.67 3.31
N SER A 22 -18.79 -2.99 2.24
CA SER A 22 -19.32 -3.66 1.03
C SER A 22 -18.17 -3.94 0.01
N ALA A 23 -16.96 -4.20 0.56
CA ALA A 23 -15.77 -4.55 -0.22
C ALA A 23 -15.97 -5.86 -0.96
N LYS A 24 -16.02 -5.80 -2.30
CA LYS A 24 -16.09 -6.97 -3.16
C LYS A 24 -14.72 -7.68 -3.14
N GLU A 25 -14.54 -8.51 -2.12
CA GLU A 25 -13.31 -9.31 -1.86
C GLU A 25 -12.99 -10.27 -3.01
N ASP A 26 -14.03 -10.62 -3.77
CA ASP A 26 -13.94 -11.49 -4.95
C ASP A 26 -13.00 -10.89 -6.01
N GLU A 27 -12.83 -9.57 -5.93
CA GLU A 27 -12.02 -8.77 -6.86
C GLU A 27 -10.58 -8.53 -6.33
N LEU A 28 -10.39 -8.77 -5.03
CA LEU A 28 -9.14 -8.46 -4.33
C LEU A 28 -8.08 -9.57 -4.54
N ASP A 29 -6.92 -9.16 -5.07
CA ASP A 29 -5.67 -9.95 -5.08
C ASP A 29 -4.49 -9.00 -4.78
N ASP A 30 -3.28 -9.58 -4.75
CA ASP A 30 -2.04 -8.82 -4.57
C ASP A 30 -1.67 -8.07 -5.86
N GLN A 31 -1.81 -8.77 -7.00
CA GLN A 31 -1.48 -8.25 -8.34
C GLN A 31 -2.56 -7.31 -8.86
N THR A 32 -3.76 -7.30 -8.21
CA THR A 32 -4.89 -6.45 -8.63
C THR A 32 -4.45 -4.97 -8.69
N PRO A 33 -4.39 -4.39 -9.92
CA PRO A 33 -3.89 -3.02 -10.13
C PRO A 33 -4.90 -1.99 -9.60
N LEU A 34 -4.55 -1.40 -8.45
CA LEU A 34 -5.39 -0.44 -7.73
C LEU A 34 -5.68 0.81 -8.58
N LEU A 35 -4.60 1.43 -9.09
CA LEU A 35 -4.68 2.62 -9.96
C LEU A 35 -5.51 2.36 -11.21
N GLU A 36 -5.25 1.19 -11.84
CA GLU A 36 -5.91 0.80 -13.10
C GLU A 36 -7.41 0.59 -12.90
N TRP A 37 -7.80 0.16 -11.69
CA TRP A 37 -9.21 -0.12 -11.33
C TRP A 37 -9.88 1.13 -10.73
N GLY A 38 -9.12 2.23 -10.63
CA GLY A 38 -9.62 3.49 -10.08
C GLY A 38 -9.85 3.45 -8.57
N ILE A 39 -9.26 2.43 -7.90
CA ILE A 39 -9.37 2.22 -6.46
C ILE A 39 -8.65 3.36 -5.72
N LEU A 40 -7.55 3.83 -6.33
CA LEU A 40 -6.73 4.91 -5.81
C LEU A 40 -7.01 6.21 -6.56
N ASN A 41 -7.14 7.30 -5.79
CA ASN A 41 -7.36 8.66 -6.33
C ASN A 41 -7.09 9.70 -5.21
N SER A 42 -5.82 9.70 -4.73
CA SER A 42 -5.27 10.69 -3.76
C SER A 42 -5.85 10.57 -2.35
N MET A 43 -7.15 10.87 -2.19
CA MET A 43 -7.89 10.87 -0.90
C MET A 43 -7.53 9.65 -0.01
N ASN A 44 -7.54 8.50 -0.66
CA ASN A 44 -7.25 7.18 -0.05
C ASN A 44 -5.73 6.87 -0.01
N ILE A 45 -5.00 7.38 -1.01
CA ILE A 45 -3.54 7.19 -1.17
C ILE A 45 -2.75 7.74 0.03
N VAL A 46 -3.23 8.85 0.57
CA VAL A 46 -2.59 9.55 1.69
C VAL A 46 -2.76 8.74 3.00
N LYS A 47 -3.77 7.85 3.00
CA LYS A 47 -4.00 6.88 4.09
C LYS A 47 -2.96 5.75 4.01
N LEU A 48 -2.55 5.37 2.78
CA LEU A 48 -1.45 4.39 2.58
C LEU A 48 -0.13 4.93 3.16
N MET A 49 0.11 6.24 2.96
CA MET A 49 1.34 6.91 3.45
C MET A 49 1.45 6.78 4.99
N VAL A 50 0.36 7.15 5.68
CA VAL A 50 0.31 7.15 7.17
C VAL A 50 0.19 5.72 7.74
N TYR A 51 -0.47 4.81 6.98
CA TYR A 51 -0.72 3.43 7.43
C TYR A 51 0.61 2.71 7.63
N ILE A 52 1.41 2.75 6.57
CA ILE A 52 2.71 2.10 6.49
C ILE A 52 3.73 2.75 7.45
N ARG A 53 3.58 4.08 7.60
CA ARG A 53 4.34 4.90 8.56
C ARG A 53 4.07 4.46 10.03
N ASP A 54 2.84 4.01 10.29
CA ASP A 54 2.41 3.57 11.63
C ASP A 54 2.66 2.05 11.85
N GLU A 55 2.45 1.27 10.77
CA GLU A 55 2.41 -0.20 10.83
C GLU A 55 3.84 -0.78 10.82
N MET A 56 4.55 -0.57 9.70
CA MET A 56 5.96 -1.03 9.54
C MET A 56 6.95 0.03 10.02
N GLY A 57 6.46 1.27 10.23
CA GLY A 57 7.30 2.37 10.69
C GLY A 57 8.18 2.94 9.58
N VAL A 58 7.64 3.02 8.36
CA VAL A 58 8.34 3.64 7.21
C VAL A 58 7.32 4.45 6.39
N SER A 59 7.62 5.74 6.13
CA SER A 59 6.69 6.65 5.46
C SER A 59 7.02 6.76 3.96
N ILE A 60 5.96 6.92 3.13
CA ILE A 60 6.11 7.29 1.71
C ILE A 60 6.14 8.84 1.60
N PRO A 61 7.27 9.43 1.13
CA PRO A 61 7.38 10.88 0.87
C PRO A 61 6.67 11.31 -0.45
N SER A 62 6.50 12.64 -0.62
CA SER A 62 5.83 13.23 -1.80
C SER A 62 6.64 13.00 -3.10
N THR A 63 7.97 12.87 -2.96
CA THR A 63 8.88 12.60 -4.09
C THR A 63 8.71 11.14 -4.61
N HIS A 64 7.97 10.32 -3.83
CA HIS A 64 7.65 8.92 -4.17
C HIS A 64 6.15 8.71 -4.40
N ILE A 65 5.40 9.81 -4.57
CA ILE A 65 3.98 9.70 -4.94
C ILE A 65 3.90 9.66 -6.47
N THR A 66 3.92 8.43 -6.99
CA THR A 66 3.88 8.19 -8.42
C THR A 66 3.27 6.80 -8.70
N GLY A 67 2.91 6.57 -9.97
CA GLY A 67 2.16 5.37 -10.38
C GLY A 67 2.88 4.05 -10.13
N LYS A 68 4.18 3.99 -10.49
CA LYS A 68 4.99 2.76 -10.40
C LYS A 68 5.06 2.17 -8.96
N TYR A 69 4.92 3.05 -7.96
CA TYR A 69 5.04 2.66 -6.53
C TYR A 69 3.69 2.27 -5.92
N PHE A 70 2.59 2.72 -6.52
CA PHE A 70 1.22 2.49 -5.98
C PHE A 70 0.34 1.68 -6.96
N LYS A 71 0.97 0.99 -7.94
CA LYS A 71 0.22 0.12 -8.89
C LYS A 71 -0.69 -0.86 -8.16
N ASP A 72 -0.09 -1.58 -7.20
CA ASP A 72 -0.72 -2.68 -6.45
C ASP A 72 0.19 -3.09 -5.29
N LEU A 73 -0.02 -4.31 -4.74
CA LEU A 73 0.73 -4.79 -3.56
C LEU A 73 2.20 -4.96 -3.88
N ASN A 74 2.48 -5.55 -5.04
CA ASN A 74 3.85 -5.87 -5.46
C ASN A 74 4.66 -4.60 -5.72
N ALA A 75 3.98 -3.56 -6.26
CA ALA A 75 4.59 -2.23 -6.47
C ALA A 75 4.97 -1.58 -5.11
N ILE A 76 3.99 -1.53 -4.20
CA ILE A 76 4.15 -1.00 -2.83
C ILE A 76 5.17 -1.84 -2.05
N SER A 77 5.25 -3.14 -2.36
CA SER A 77 6.18 -4.07 -1.68
C SER A 77 7.63 -3.73 -2.04
N ARG A 78 7.89 -3.50 -3.33
CA ARG A 78 9.25 -3.15 -3.81
C ARG A 78 9.71 -1.83 -3.20
N THR A 79 8.76 -0.89 -3.09
CA THR A 79 9.01 0.44 -2.55
C THR A 79 9.26 0.39 -1.03
N VAL A 80 8.38 -0.32 -0.33
CA VAL A 80 8.37 -0.32 1.15
C VAL A 80 9.61 -1.08 1.70
N GLU A 81 10.09 -2.09 0.94
CA GLU A 81 11.28 -2.86 1.33
C GLU A 81 12.57 -2.06 1.08
N GLN A 82 12.67 -1.41 -0.10
CA GLN A 82 13.87 -0.63 -0.44
C GLN A 82 14.02 0.57 0.50
N LEU A 83 12.89 1.17 0.89
CA LEU A 83 12.88 2.35 1.80
C LEU A 83 13.44 2.01 3.18
N LYS A 84 13.16 0.80 3.66
CA LYS A 84 13.76 0.30 4.93
C LYS A 84 15.27 0.08 4.76
N ALA A 85 15.70 -0.34 3.56
CA ALA A 85 17.13 -0.47 3.22
C ALA A 85 17.80 0.92 3.18
N GLU A 86 17.06 1.92 2.65
CA GLU A 86 17.56 3.30 2.50
C GLU A 86 17.58 4.04 3.85
N SER A 87 16.56 3.80 4.68
CA SER A 87 16.33 4.53 5.93
C SER A 87 17.05 3.88 7.12
N ALA A 88 17.17 2.54 7.11
CA ALA A 88 17.75 1.77 8.23
C ALA A 88 19.11 1.21 7.87
N LEU A 89 19.80 0.65 8.88
CA LEU A 89 21.15 0.08 8.74
C LEU A 89 21.11 -1.34 8.10
N GLU A 90 19.89 -1.86 7.86
CA GLU A 90 19.68 -3.20 7.27
C GLU A 90 20.16 -3.24 5.80
N MET A 1 5.45 -7.82 12.98
CA MET A 1 4.72 -7.54 11.73
C MET A 1 5.68 -7.64 10.53
N ASP A 2 5.74 -8.83 9.90
CA ASP A 2 6.66 -9.14 8.79
C ASP A 2 6.29 -8.34 7.51
N GLY A 3 7.26 -8.26 6.57
CA GLY A 3 7.07 -7.60 5.28
C GLY A 3 5.87 -8.13 4.50
N GLU A 4 5.64 -9.46 4.55
CA GLU A 4 4.47 -10.11 3.86
C GLU A 4 3.23 -10.11 4.75
N GLU A 5 3.45 -10.22 6.07
CA GLU A 5 2.38 -10.19 7.09
C GLU A 5 1.57 -8.89 7.00
N VAL A 6 2.24 -7.79 6.63
CA VAL A 6 1.58 -6.50 6.47
C VAL A 6 0.96 -6.34 5.08
N LYS A 7 1.59 -6.90 4.02
CA LYS A 7 1.11 -6.74 2.62
C LYS A 7 -0.33 -7.22 2.44
N GLU A 8 -0.64 -8.39 3.00
CA GLU A 8 -2.00 -8.93 3.03
C GLU A 8 -2.96 -7.96 3.78
N LYS A 9 -2.45 -7.35 4.88
CA LYS A 9 -3.21 -6.37 5.69
C LYS A 9 -3.38 -5.04 4.96
N ILE A 10 -2.52 -4.73 3.97
CA ILE A 10 -2.65 -3.53 3.12
C ILE A 10 -3.95 -3.63 2.32
N ARG A 11 -4.05 -4.73 1.56
CA ARG A 11 -5.18 -5.01 0.68
C ARG A 11 -6.49 -5.15 1.47
N ARG A 12 -6.43 -5.78 2.65
CA ARG A 12 -7.60 -5.91 3.55
C ARG A 12 -8.02 -4.54 4.08
N TYR A 13 -7.05 -3.75 4.57
CA TYR A 13 -7.29 -2.39 5.14
C TYR A 13 -8.00 -1.47 4.13
N ILE A 14 -7.65 -1.63 2.84
CA ILE A 14 -8.28 -0.89 1.75
C ILE A 14 -9.79 -1.23 1.70
N MET A 15 -10.12 -2.53 1.64
CA MET A 15 -11.53 -2.98 1.50
C MET A 15 -12.34 -2.68 2.79
N GLU A 16 -11.66 -2.84 3.94
CA GLU A 16 -12.23 -2.63 5.29
C GLU A 16 -12.63 -1.17 5.48
N ASP A 17 -11.64 -0.29 5.45
CA ASP A 17 -11.79 1.13 5.80
C ASP A 17 -12.14 1.96 4.55
N LEU A 18 -11.23 1.93 3.56
CA LEU A 18 -11.28 2.80 2.37
C LEU A 18 -12.56 2.59 1.55
N ILE A 19 -12.95 1.33 1.33
CA ILE A 19 -14.24 1.02 0.68
C ILE A 19 -15.35 1.05 1.75
N GLY A 20 -15.19 0.24 2.81
CA GLY A 20 -16.20 0.11 3.87
C GLY A 20 -16.79 -1.31 3.93
N PRO A 21 -17.96 -1.48 4.63
CA PRO A 21 -18.63 -2.80 4.78
C PRO A 21 -19.08 -3.41 3.42
N SER A 22 -19.38 -2.55 2.42
CA SER A 22 -19.72 -3.00 1.06
C SER A 22 -18.43 -3.19 0.23
N ALA A 23 -17.48 -3.95 0.81
CA ALA A 23 -16.17 -4.20 0.23
C ALA A 23 -16.27 -5.10 -0.99
N LYS A 24 -15.83 -4.58 -2.16
CA LYS A 24 -15.83 -5.31 -3.43
C LYS A 24 -14.69 -6.37 -3.44
N GLU A 25 -14.94 -7.46 -2.70
CA GLU A 25 -13.97 -8.55 -2.44
C GLU A 25 -13.49 -9.23 -3.74
N ASP A 26 -14.30 -9.10 -4.78
CA ASP A 26 -14.02 -9.64 -6.10
C ASP A 26 -12.71 -9.02 -6.68
N GLU A 27 -12.51 -7.74 -6.38
CA GLU A 27 -11.37 -6.95 -6.88
C GLU A 27 -10.15 -6.99 -5.93
N LEU A 28 -10.16 -7.93 -4.97
CA LEU A 28 -9.05 -8.16 -4.04
C LEU A 28 -8.10 -9.22 -4.60
N ASP A 29 -6.85 -8.80 -4.86
CA ASP A 29 -5.74 -9.67 -5.25
C ASP A 29 -4.45 -8.88 -5.09
N ASP A 30 -3.31 -9.58 -5.06
CA ASP A 30 -2.00 -8.97 -4.83
C ASP A 30 -1.47 -8.33 -6.12
N GLN A 31 -1.64 -9.02 -7.27
CA GLN A 31 -1.20 -8.51 -8.58
C GLN A 31 -2.28 -7.65 -9.26
N THR A 32 -3.43 -7.45 -8.60
CA THR A 32 -4.48 -6.51 -9.06
C THR A 32 -3.89 -5.08 -9.22
N PRO A 33 -3.95 -4.49 -10.47
CA PRO A 33 -3.46 -3.12 -10.72
C PRO A 33 -4.37 -2.07 -10.03
N LEU A 34 -3.83 -1.48 -8.97
CA LEU A 34 -4.59 -0.68 -8.01
C LEU A 34 -4.99 0.70 -8.58
N LEU A 35 -4.07 1.40 -9.29
CA LEU A 35 -4.40 2.71 -9.93
C LEU A 35 -5.38 2.53 -11.08
N GLU A 36 -5.18 1.44 -11.85
CA GLU A 36 -6.00 1.08 -13.01
C GLU A 36 -7.45 0.77 -12.58
N TRP A 37 -7.62 0.14 -11.41
CA TRP A 37 -8.97 -0.29 -10.93
C TRP A 37 -9.59 0.78 -10.00
N GLY A 38 -8.86 1.90 -9.81
CA GLY A 38 -9.38 3.04 -9.03
C GLY A 38 -9.40 2.77 -7.53
N ILE A 39 -8.66 1.75 -7.10
CA ILE A 39 -8.60 1.28 -5.70
C ILE A 39 -7.88 2.31 -4.81
N LEU A 40 -6.93 3.04 -5.43
CA LEU A 40 -6.10 4.02 -4.73
C LEU A 40 -6.45 5.46 -5.16
N ASN A 41 -5.90 5.87 -6.34
CA ASN A 41 -6.12 7.18 -7.00
C ASN A 41 -6.24 8.36 -6.00
N SER A 42 -5.11 8.67 -5.33
CA SER A 42 -4.95 9.84 -4.43
C SER A 42 -5.67 9.68 -3.08
N MET A 43 -7.03 9.72 -3.11
CA MET A 43 -7.90 9.81 -1.91
C MET A 43 -7.65 8.67 -0.93
N ASN A 44 -7.45 7.47 -1.48
CA ASN A 44 -7.17 6.25 -0.71
C ASN A 44 -5.65 6.15 -0.41
N ILE A 45 -4.82 6.62 -1.38
CA ILE A 45 -3.33 6.59 -1.31
C ILE A 45 -2.78 7.28 -0.04
N VAL A 46 -3.42 8.38 0.37
CA VAL A 46 -2.98 9.19 1.52
C VAL A 46 -3.10 8.38 2.84
N LYS A 47 -4.09 7.47 2.89
CA LYS A 47 -4.29 6.58 4.04
C LYS A 47 -3.18 5.53 4.09
N LEU A 48 -2.65 5.14 2.91
CA LEU A 48 -1.50 4.20 2.80
C LEU A 48 -0.19 4.88 3.26
N MET A 49 -0.03 6.20 2.97
CA MET A 49 1.16 6.98 3.37
C MET A 49 1.35 6.90 4.89
N VAL A 50 0.25 7.19 5.62
CA VAL A 50 0.24 7.22 7.09
C VAL A 50 0.13 5.79 7.69
N TYR A 51 -0.46 4.84 6.94
CA TYR A 51 -0.61 3.44 7.40
C TYR A 51 0.75 2.82 7.65
N ILE A 52 1.55 2.82 6.59
CA ILE A 52 2.90 2.20 6.53
C ILE A 52 3.86 2.90 7.52
N ARG A 53 3.64 4.22 7.71
CA ARG A 53 4.34 5.06 8.71
C ARG A 53 4.09 4.52 10.14
N ASP A 54 2.81 4.29 10.45
CA ASP A 54 2.34 3.79 11.76
C ASP A 54 2.72 2.30 11.96
N GLU A 55 2.60 1.54 10.88
CA GLU A 55 2.58 0.07 10.89
C GLU A 55 3.99 -0.52 10.94
N MET A 56 4.86 -0.07 10.03
CA MET A 56 6.23 -0.67 9.88
C MET A 56 7.32 0.40 10.01
N GLY A 57 6.91 1.64 10.30
CA GLY A 57 7.85 2.74 10.50
C GLY A 57 8.44 3.28 9.20
N VAL A 58 7.63 3.33 8.14
CA VAL A 58 8.04 3.87 6.81
C VAL A 58 6.98 4.86 6.30
N SER A 59 7.33 6.14 6.19
CA SER A 59 6.49 7.13 5.53
C SER A 59 6.83 7.12 4.04
N ILE A 60 5.82 6.93 3.17
CA ILE A 60 5.98 7.15 1.72
C ILE A 60 6.12 8.67 1.50
N PRO A 61 7.33 9.16 1.11
CA PRO A 61 7.55 10.60 0.87
C PRO A 61 6.88 11.06 -0.43
N SER A 62 6.73 12.38 -0.54
CA SER A 62 6.03 13.06 -1.64
C SER A 62 6.71 12.81 -3.02
N THR A 63 8.03 12.52 -2.99
CA THR A 63 8.79 12.13 -4.20
C THR A 63 8.48 10.70 -4.65
N HIS A 64 8.09 9.82 -3.70
CA HIS A 64 7.69 8.41 -4.00
C HIS A 64 6.18 8.29 -4.26
N ILE A 65 5.46 9.44 -4.38
CA ILE A 65 4.03 9.43 -4.71
C ILE A 65 3.87 9.46 -6.23
N THR A 66 3.82 8.24 -6.79
CA THR A 66 3.60 8.00 -8.21
C THR A 66 3.04 6.58 -8.39
N GLY A 67 2.27 6.38 -9.48
CA GLY A 67 1.61 5.12 -9.76
C GLY A 67 2.57 3.95 -10.00
N LYS A 68 3.85 4.24 -10.37
CA LYS A 68 4.87 3.19 -10.65
C LYS A 68 5.28 2.41 -9.38
N TYR A 69 5.11 3.03 -8.22
CA TYR A 69 5.42 2.41 -6.91
C TYR A 69 4.19 1.79 -6.28
N PHE A 70 3.01 2.18 -6.75
CA PHE A 70 1.70 1.76 -6.21
C PHE A 70 0.93 0.88 -7.22
N LYS A 71 1.62 0.40 -8.30
CA LYS A 71 0.99 -0.36 -9.45
C LYS A 71 0.05 -1.46 -8.97
N ASP A 72 0.56 -2.23 -8.00
CA ASP A 72 -0.14 -3.34 -7.35
C ASP A 72 0.56 -3.61 -6.02
N LEU A 73 0.10 -4.64 -5.28
CA LEU A 73 0.65 -4.96 -3.95
C LEU A 73 2.13 -5.39 -4.03
N ASN A 74 2.50 -6.10 -5.11
CA ASN A 74 3.88 -6.58 -5.31
C ASN A 74 4.79 -5.45 -5.81
N ALA A 75 4.22 -4.42 -6.45
CA ALA A 75 4.96 -3.18 -6.80
C ALA A 75 5.25 -2.34 -5.54
N ILE A 76 4.25 -2.30 -4.64
CA ILE A 76 4.36 -1.71 -3.31
C ILE A 76 5.36 -2.51 -2.47
N SER A 77 5.41 -3.84 -2.70
CA SER A 77 6.35 -4.75 -2.01
C SER A 77 7.81 -4.33 -2.28
N ARG A 78 8.09 -3.89 -3.52
CA ARG A 78 9.45 -3.47 -3.92
C ARG A 78 9.78 -2.11 -3.29
N THR A 79 8.79 -1.22 -3.32
CA THR A 79 8.93 0.17 -2.87
C THR A 79 9.03 0.28 -1.34
N VAL A 80 8.28 -0.56 -0.64
CA VAL A 80 8.17 -0.47 0.81
C VAL A 80 9.45 -1.01 1.46
N GLU A 81 10.02 -2.09 0.87
CA GLU A 81 11.24 -2.73 1.39
C GLU A 81 12.48 -1.87 1.09
N GLN A 82 12.46 -1.16 -0.06
CA GLN A 82 13.59 -0.27 -0.46
C GLN A 82 13.66 0.94 0.48
N LEU A 83 12.48 1.46 0.86
CA LEU A 83 12.37 2.61 1.77
C LEU A 83 12.75 2.24 3.20
N LYS A 84 12.52 0.96 3.57
CA LYS A 84 13.07 0.42 4.83
C LYS A 84 14.60 0.47 4.80
N ALA A 85 15.18 -0.05 3.72
CA ALA A 85 16.66 -0.03 3.51
C ALA A 85 17.24 1.41 3.52
N GLU A 86 16.43 2.38 3.01
CA GLU A 86 16.83 3.81 2.92
C GLU A 86 16.75 4.51 4.29
N SER A 87 15.64 4.28 5.00
CA SER A 87 15.31 5.03 6.23
C SER A 87 15.96 4.39 7.48
N ALA A 88 16.20 3.07 7.43
CA ALA A 88 16.79 2.31 8.56
C ALA A 88 18.32 2.43 8.57
N LEU A 89 18.91 1.83 9.59
CA LEU A 89 20.38 1.75 9.78
C LEU A 89 21.09 0.93 8.67
N GLU A 90 20.30 0.20 7.85
CA GLU A 90 20.77 -0.72 6.79
C GLU A 90 21.81 -0.07 5.84
N MET A 1 8.14 -4.84 12.58
CA MET A 1 8.95 -4.90 11.33
C MET A 1 8.72 -6.23 10.63
N ASP A 2 8.01 -6.20 9.48
CA ASP A 2 7.62 -7.41 8.71
C ASP A 2 7.72 -7.12 7.20
N GLY A 3 7.51 -8.16 6.37
CA GLY A 3 7.52 -8.04 4.91
C GLY A 3 6.26 -8.57 4.25
N GLU A 4 6.19 -9.89 4.04
CA GLU A 4 5.11 -10.52 3.27
C GLU A 4 3.77 -10.59 4.03
N GLU A 5 3.80 -10.35 5.35
CA GLU A 5 2.56 -10.23 6.15
C GLU A 5 1.85 -8.91 5.84
N VAL A 6 2.66 -7.83 5.72
CA VAL A 6 2.11 -6.46 5.55
C VAL A 6 1.27 -6.37 4.29
N LYS A 7 1.66 -7.19 3.29
CA LYS A 7 0.99 -7.30 1.99
C LYS A 7 -0.55 -7.50 2.12
N GLU A 8 -0.97 -8.59 2.78
CA GLU A 8 -2.40 -8.94 2.90
C GLU A 8 -3.14 -7.98 3.87
N LYS A 9 -2.35 -7.28 4.72
CA LYS A 9 -2.88 -6.24 5.63
C LYS A 9 -3.09 -4.89 4.90
N ILE A 10 -2.35 -4.67 3.79
CA ILE A 10 -2.57 -3.50 2.90
C ILE A 10 -3.85 -3.74 2.11
N ARG A 11 -3.96 -4.97 1.55
CA ARG A 11 -5.16 -5.45 0.81
C ARG A 11 -6.42 -5.27 1.66
N ARG A 12 -6.36 -5.69 2.93
CA ARG A 12 -7.46 -5.53 3.87
C ARG A 12 -7.73 -4.05 4.17
N TYR A 13 -6.71 -3.29 4.61
CA TYR A 13 -6.87 -1.87 5.01
C TYR A 13 -7.62 -1.03 3.94
N ILE A 14 -7.23 -1.21 2.66
CA ILE A 14 -7.86 -0.52 1.53
C ILE A 14 -9.35 -0.88 1.45
N MET A 15 -9.67 -2.18 1.42
CA MET A 15 -11.05 -2.66 1.22
C MET A 15 -11.95 -2.38 2.44
N GLU A 16 -11.46 -2.68 3.65
CA GLU A 16 -12.23 -2.55 4.90
C GLU A 16 -12.56 -1.09 5.20
N ASP A 17 -11.57 -0.20 5.01
CA ASP A 17 -11.69 1.21 5.39
C ASP A 17 -11.95 2.10 4.16
N LEU A 18 -10.99 2.11 3.22
CA LEU A 18 -10.98 3.05 2.07
C LEU A 18 -12.18 2.82 1.13
N ILE A 19 -12.57 1.54 0.95
CA ILE A 19 -13.82 1.18 0.26
C ILE A 19 -14.98 1.22 1.28
N GLY A 20 -14.80 0.49 2.38
CA GLY A 20 -15.81 0.35 3.45
C GLY A 20 -16.17 -1.11 3.69
N PRO A 21 -17.08 -1.40 4.68
CA PRO A 21 -17.44 -2.79 5.06
C PRO A 21 -18.18 -3.56 3.93
N SER A 22 -18.67 -2.82 2.93
CA SER A 22 -19.28 -3.40 1.71
C SER A 22 -18.19 -3.60 0.63
N ALA A 23 -17.02 -4.08 1.08
CA ALA A 23 -15.83 -4.27 0.23
C ALA A 23 -16.05 -5.35 -0.83
N LYS A 24 -15.74 -5.01 -2.09
CA LYS A 24 -15.85 -5.90 -3.25
C LYS A 24 -14.61 -6.82 -3.30
N GLU A 25 -14.65 -7.86 -2.45
CA GLU A 25 -13.57 -8.87 -2.27
C GLU A 25 -13.19 -9.56 -3.60
N ASP A 26 -14.18 -9.66 -4.48
CA ASP A 26 -14.08 -10.33 -5.78
C ASP A 26 -13.06 -9.62 -6.68
N GLU A 27 -13.02 -8.29 -6.55
CA GLU A 27 -12.14 -7.39 -7.34
C GLU A 27 -10.77 -7.18 -6.67
N LEU A 28 -10.68 -7.56 -5.39
CA LEU A 28 -9.45 -7.45 -4.61
C LEU A 28 -8.53 -8.66 -4.90
N ASP A 29 -7.27 -8.35 -5.20
CA ASP A 29 -6.19 -9.34 -5.34
C ASP A 29 -4.84 -8.60 -5.25
N ASP A 30 -3.75 -9.37 -5.08
CA ASP A 30 -2.40 -8.83 -4.97
C ASP A 30 -1.79 -8.55 -6.36
N GLN A 31 -2.24 -9.34 -7.34
CA GLN A 31 -1.82 -9.24 -8.75
C GLN A 31 -2.78 -8.32 -9.54
N THR A 32 -3.76 -7.70 -8.84
CA THR A 32 -4.66 -6.72 -9.44
C THR A 32 -4.05 -5.31 -9.39
N PRO A 33 -3.95 -4.59 -10.55
CA PRO A 33 -3.44 -3.20 -10.59
C PRO A 33 -4.42 -2.23 -9.90
N LEU A 34 -4.02 -1.76 -8.71
CA LEU A 34 -4.87 -0.92 -7.82
C LEU A 34 -5.24 0.41 -8.50
N LEU A 35 -4.22 1.16 -8.98
CA LEU A 35 -4.44 2.47 -9.67
C LEU A 35 -5.37 2.32 -10.89
N GLU A 36 -5.09 1.30 -11.72
CA GLU A 36 -5.80 1.04 -12.99
C GLU A 36 -7.29 0.74 -12.76
N TRP A 37 -7.59 0.03 -11.66
CA TRP A 37 -8.99 -0.34 -11.30
C TRP A 37 -9.69 0.82 -10.53
N GLY A 38 -8.97 1.95 -10.35
CA GLY A 38 -9.50 3.11 -9.65
C GLY A 38 -9.67 2.89 -8.15
N ILE A 39 -8.92 1.91 -7.61
CA ILE A 39 -8.95 1.53 -6.21
C ILE A 39 -8.21 2.60 -5.38
N LEU A 40 -7.16 3.19 -5.99
CA LEU A 40 -6.34 4.25 -5.36
C LEU A 40 -6.39 5.52 -6.17
N ASN A 41 -6.54 6.66 -5.45
CA ASN A 41 -6.47 8.03 -6.01
C ASN A 41 -6.47 9.03 -4.84
N SER A 42 -6.07 10.31 -5.13
CA SER A 42 -5.83 11.43 -4.14
C SER A 42 -6.49 11.28 -2.77
N MET A 43 -7.81 11.08 -2.79
CA MET A 43 -8.68 11.11 -1.59
C MET A 43 -8.25 10.04 -0.59
N ASN A 44 -8.09 8.80 -1.08
CA ASN A 44 -7.84 7.62 -0.24
C ASN A 44 -6.40 7.10 -0.33
N ILE A 45 -5.59 7.68 -1.22
CA ILE A 45 -4.19 7.25 -1.45
C ILE A 45 -3.28 7.68 -0.27
N VAL A 46 -3.73 8.72 0.47
CA VAL A 46 -3.02 9.29 1.63
C VAL A 46 -3.14 8.37 2.87
N LYS A 47 -4.18 7.52 2.86
CA LYS A 47 -4.43 6.53 3.93
C LYS A 47 -3.29 5.50 3.98
N LEU A 48 -2.73 5.17 2.81
CA LEU A 48 -1.57 4.26 2.69
C LEU A 48 -0.33 4.91 3.31
N MET A 49 -0.12 6.21 3.01
CA MET A 49 1.08 6.96 3.44
C MET A 49 1.23 6.92 4.98
N VAL A 50 0.12 7.20 5.67
CA VAL A 50 0.04 7.22 7.15
C VAL A 50 0.04 5.78 7.75
N TYR A 51 -0.50 4.81 6.99
CA TYR A 51 -0.66 3.41 7.46
C TYR A 51 0.70 2.72 7.61
N ILE A 52 1.48 2.75 6.52
CA ILE A 52 2.82 2.13 6.49
C ILE A 52 3.77 2.90 7.45
N ARG A 53 3.52 4.22 7.58
CA ARG A 53 4.26 5.10 8.53
C ARG A 53 4.04 4.68 9.99
N ASP A 54 2.85 4.16 10.29
CA ASP A 54 2.46 3.76 11.66
C ASP A 54 2.88 2.32 11.96
N GLU A 55 2.43 1.39 11.10
CA GLU A 55 2.57 -0.07 11.29
C GLU A 55 4.02 -0.52 11.02
N MET A 56 4.56 -0.23 9.83
CA MET A 56 5.96 -0.57 9.46
C MET A 56 6.96 0.48 9.96
N GLY A 57 6.45 1.69 10.28
CA GLY A 57 7.28 2.77 10.83
C GLY A 57 8.01 3.59 9.78
N VAL A 58 7.61 3.49 8.51
CA VAL A 58 8.28 4.19 7.39
C VAL A 58 7.24 4.94 6.53
N SER A 59 7.35 6.26 6.44
CA SER A 59 6.47 7.09 5.63
C SER A 59 6.77 6.91 4.13
N ILE A 60 5.72 6.88 3.30
CA ILE A 60 5.86 7.13 1.85
C ILE A 60 5.93 8.65 1.66
N PRO A 61 7.11 9.21 1.28
CA PRO A 61 7.24 10.67 1.05
C PRO A 61 6.53 11.12 -0.25
N SER A 62 6.34 12.45 -0.36
CA SER A 62 5.64 13.08 -1.50
C SER A 62 6.39 12.80 -2.83
N THR A 63 7.73 12.73 -2.74
CA THR A 63 8.62 12.42 -3.88
C THR A 63 8.44 10.97 -4.39
N HIS A 64 7.76 10.11 -3.61
CA HIS A 64 7.48 8.70 -3.98
C HIS A 64 5.98 8.46 -4.18
N ILE A 65 5.20 9.53 -4.37
CA ILE A 65 3.79 9.40 -4.75
C ILE A 65 3.72 9.31 -6.26
N THR A 66 3.64 8.08 -6.76
CA THR A 66 3.46 7.82 -8.17
C THR A 66 2.79 6.46 -8.39
N GLY A 67 2.30 6.25 -9.62
CA GLY A 67 1.59 5.03 -9.99
C GLY A 67 2.39 3.75 -9.74
N LYS A 68 3.65 3.73 -10.20
CA LYS A 68 4.49 2.49 -10.21
C LYS A 68 4.68 1.84 -8.82
N TYR A 69 4.73 2.66 -7.76
CA TYR A 69 5.01 2.18 -6.39
C TYR A 69 3.76 1.57 -5.76
N PHE A 70 2.60 2.14 -6.08
CA PHE A 70 1.28 1.68 -5.57
C PHE A 70 0.53 0.84 -6.64
N LYS A 71 1.22 0.59 -7.77
CA LYS A 71 0.67 -0.02 -9.00
C LYS A 71 -0.03 -1.34 -8.69
N ASP A 72 0.65 -2.14 -7.87
CA ASP A 72 0.19 -3.42 -7.39
C ASP A 72 0.69 -3.58 -5.97
N LEU A 73 0.26 -4.65 -5.32
CA LEU A 73 0.69 -4.97 -3.97
C LEU A 73 2.16 -5.41 -3.96
N ASN A 74 2.55 -6.19 -4.98
CA ASN A 74 3.96 -6.59 -5.19
C ASN A 74 4.83 -5.35 -5.41
N ALA A 75 4.30 -4.37 -6.16
CA ALA A 75 4.97 -3.08 -6.35
C ALA A 75 5.22 -2.36 -5.01
N ILE A 76 4.19 -2.39 -4.13
CA ILE A 76 4.27 -1.82 -2.75
C ILE A 76 5.25 -2.59 -1.89
N SER A 77 5.30 -3.94 -2.03
CA SER A 77 6.15 -4.78 -1.17
C SER A 77 7.64 -4.61 -1.54
N ARG A 78 7.92 -4.15 -2.77
CA ARG A 78 9.31 -3.83 -3.19
C ARG A 78 9.68 -2.38 -2.79
N THR A 79 8.67 -1.49 -2.74
CA THR A 79 8.88 -0.08 -2.33
C THR A 79 9.08 0.02 -0.81
N VAL A 80 8.27 -0.72 -0.06
CA VAL A 80 8.20 -0.59 1.39
C VAL A 80 9.47 -1.16 2.05
N GLU A 81 10.05 -2.21 1.42
CA GLU A 81 11.27 -2.87 1.92
C GLU A 81 12.51 -1.98 1.70
N GLN A 82 12.57 -1.35 0.51
CA GLN A 82 13.75 -0.58 0.09
C GLN A 82 13.88 0.69 0.94
N LEU A 83 12.75 1.32 1.29
CA LEU A 83 12.74 2.57 2.08
C LEU A 83 13.39 2.36 3.47
N LYS A 84 13.11 1.19 4.07
CA LYS A 84 13.68 0.80 5.38
C LYS A 84 15.17 0.46 5.26
N ALA A 85 15.62 0.10 4.05
CA ALA A 85 17.04 -0.15 3.74
C ALA A 85 17.79 1.18 3.48
N GLU A 86 17.21 2.00 2.59
CA GLU A 86 17.84 3.22 2.04
C GLU A 86 17.98 4.29 3.11
N SER A 87 16.85 4.60 3.77
CA SER A 87 16.76 5.71 4.74
C SER A 87 17.49 5.38 6.06
N ALA A 88 17.71 4.07 6.32
CA ALA A 88 18.38 3.60 7.53
C ALA A 88 19.89 3.44 7.34
N LEU A 89 20.31 2.36 6.70
CA LEU A 89 21.71 1.90 6.76
C LEU A 89 22.47 2.03 5.43
N GLU A 90 21.74 2.06 4.31
CA GLU A 90 22.33 2.13 2.98
C GLU A 90 22.71 3.59 2.64
N MET A 1 4.85 -10.22 13.29
CA MET A 1 5.18 -9.02 12.48
C MET A 1 6.10 -9.45 11.33
N ASP A 2 5.47 -9.94 10.23
CA ASP A 2 6.18 -10.49 9.05
C ASP A 2 6.02 -9.54 7.87
N GLY A 3 6.98 -9.59 6.93
CA GLY A 3 6.99 -8.73 5.75
C GLY A 3 5.90 -9.09 4.74
N GLU A 4 5.48 -10.37 4.72
CA GLU A 4 4.37 -10.84 3.87
C GLU A 4 3.01 -10.70 4.57
N GLU A 5 3.03 -10.74 5.90
CA GLU A 5 1.84 -10.56 6.74
C GLU A 5 1.30 -9.13 6.60
N VAL A 6 2.20 -8.14 6.61
CA VAL A 6 1.82 -6.72 6.50
C VAL A 6 1.18 -6.43 5.13
N LYS A 7 1.58 -7.21 4.09
CA LYS A 7 1.04 -7.09 2.73
C LYS A 7 -0.51 -7.18 2.72
N GLU A 8 -1.04 -8.30 3.24
CA GLU A 8 -2.50 -8.54 3.28
C GLU A 8 -3.19 -7.51 4.20
N LYS A 9 -2.50 -7.07 5.28
CA LYS A 9 -3.05 -6.06 6.23
C LYS A 9 -3.25 -4.70 5.53
N ILE A 10 -2.40 -4.39 4.53
CA ILE A 10 -2.56 -3.19 3.68
C ILE A 10 -3.87 -3.31 2.89
N ARG A 11 -4.08 -4.49 2.29
CA ARG A 11 -5.25 -4.75 1.42
C ARG A 11 -6.55 -4.86 2.21
N ARG A 12 -6.45 -5.33 3.47
CA ARG A 12 -7.61 -5.45 4.38
C ARG A 12 -8.04 -4.06 4.82
N TYR A 13 -7.06 -3.22 5.15
CA TYR A 13 -7.28 -1.80 5.47
C TYR A 13 -8.01 -1.09 4.30
N ILE A 14 -7.64 -1.44 3.07
CA ILE A 14 -8.27 -0.88 1.86
C ILE A 14 -9.74 -1.33 1.74
N MET A 15 -9.97 -2.66 1.62
CA MET A 15 -11.32 -3.23 1.40
C MET A 15 -12.30 -2.79 2.50
N GLU A 16 -11.90 -3.01 3.77
CA GLU A 16 -12.78 -2.84 4.95
C GLU A 16 -13.01 -1.35 5.28
N ASP A 17 -11.95 -0.51 5.20
CA ASP A 17 -12.03 0.92 5.57
C ASP A 17 -12.26 1.83 4.36
N LEU A 18 -11.34 1.80 3.37
CA LEU A 18 -11.36 2.74 2.22
C LEU A 18 -12.56 2.48 1.27
N ILE A 19 -12.96 1.20 1.11
CA ILE A 19 -14.18 0.85 0.35
C ILE A 19 -15.38 0.79 1.31
N GLY A 20 -15.20 0.06 2.43
CA GLY A 20 -16.27 -0.17 3.42
C GLY A 20 -16.69 -1.64 3.46
N PRO A 21 -17.85 -1.97 4.12
CA PRO A 21 -18.38 -3.36 4.18
C PRO A 21 -18.85 -3.87 2.80
N SER A 22 -19.03 -2.93 1.85
CA SER A 22 -19.43 -3.21 0.46
C SER A 22 -18.21 -3.55 -0.43
N ALA A 23 -17.15 -4.13 0.20
CA ALA A 23 -15.88 -4.47 -0.46
C ALA A 23 -16.05 -5.49 -1.61
N LYS A 24 -15.53 -5.12 -2.81
CA LYS A 24 -15.49 -6.00 -3.98
C LYS A 24 -14.13 -6.71 -4.01
N GLU A 25 -14.08 -7.84 -3.32
CA GLU A 25 -12.85 -8.62 -3.09
C GLU A 25 -12.38 -9.34 -4.37
N ASP A 26 -13.31 -9.46 -5.33
CA ASP A 26 -13.08 -10.04 -6.67
C ASP A 26 -12.23 -9.10 -7.54
N GLU A 27 -12.37 -7.78 -7.31
CA GLU A 27 -11.67 -6.74 -8.08
C GLU A 27 -10.24 -6.52 -7.56
N LEU A 28 -10.06 -6.71 -6.25
CA LEU A 28 -8.75 -6.59 -5.62
C LEU A 28 -7.98 -7.92 -5.73
N ASP A 29 -6.67 -7.79 -5.97
CA ASP A 29 -5.70 -8.91 -5.95
C ASP A 29 -4.32 -8.30 -5.63
N ASP A 30 -3.31 -9.16 -5.39
CA ASP A 30 -1.95 -8.69 -5.10
C ASP A 30 -1.21 -8.31 -6.39
N GLN A 31 -1.59 -8.92 -7.53
CA GLN A 31 -0.97 -8.65 -8.84
C GLN A 31 -1.85 -7.73 -9.72
N THR A 32 -3.10 -7.46 -9.30
CA THR A 32 -4.02 -6.57 -10.04
C THR A 32 -3.64 -5.08 -9.81
N PRO A 33 -3.48 -4.26 -10.92
CA PRO A 33 -3.16 -2.82 -10.79
C PRO A 33 -4.31 -2.04 -10.10
N LEU A 34 -4.06 -1.70 -8.84
CA LEU A 34 -4.96 -1.04 -7.92
C LEU A 34 -5.33 0.39 -8.40
N LEU A 35 -4.32 1.19 -8.81
CA LEU A 35 -4.54 2.56 -9.40
C LEU A 35 -5.45 2.47 -10.63
N GLU A 36 -5.16 1.46 -11.46
CA GLU A 36 -5.83 1.25 -12.74
C GLU A 36 -7.30 0.86 -12.55
N TRP A 37 -7.59 0.15 -11.45
CA TRP A 37 -8.96 -0.28 -11.11
C TRP A 37 -9.67 0.72 -10.18
N GLY A 38 -9.03 1.89 -9.95
CA GLY A 38 -9.62 2.97 -9.14
C GLY A 38 -9.74 2.61 -7.65
N ILE A 39 -8.98 1.60 -7.22
CA ILE A 39 -8.91 1.12 -5.82
C ILE A 39 -8.10 2.13 -5.00
N LEU A 40 -7.10 2.75 -5.67
CA LEU A 40 -6.25 3.81 -5.10
C LEU A 40 -6.32 5.06 -5.99
N ASN A 41 -6.43 6.25 -5.36
CA ASN A 41 -6.39 7.57 -6.04
C ASN A 41 -6.47 8.66 -4.96
N SER A 42 -5.35 9.43 -4.80
CA SER A 42 -5.23 10.66 -3.98
C SER A 42 -6.02 10.64 -2.63
N MET A 43 -7.32 10.96 -2.71
CA MET A 43 -8.25 11.14 -1.56
C MET A 43 -8.16 9.98 -0.53
N ASN A 44 -7.92 8.74 -1.01
CA ASN A 44 -7.83 7.54 -0.15
C ASN A 44 -6.38 6.98 -0.09
N ILE A 45 -5.51 7.47 -1.00
CA ILE A 45 -4.10 7.03 -1.10
C ILE A 45 -3.26 7.64 0.06
N VAL A 46 -3.74 8.78 0.63
CA VAL A 46 -3.08 9.47 1.77
C VAL A 46 -3.18 8.62 3.06
N LYS A 47 -4.19 7.75 3.11
CA LYS A 47 -4.42 6.83 4.24
C LYS A 47 -3.31 5.79 4.34
N LEU A 48 -2.67 5.48 3.20
CA LEU A 48 -1.52 4.55 3.12
C LEU A 48 -0.23 5.21 3.62
N MET A 49 -0.08 6.52 3.29
CA MET A 49 1.12 7.32 3.67
C MET A 49 1.30 7.34 5.19
N VAL A 50 0.18 7.61 5.90
CA VAL A 50 0.15 7.64 7.37
C VAL A 50 0.13 6.21 7.98
N TYR A 51 -0.49 5.25 7.23
CA TYR A 51 -0.65 3.85 7.70
C TYR A 51 0.71 3.22 7.94
N ILE A 52 1.50 3.18 6.85
CA ILE A 52 2.82 2.52 6.80
C ILE A 52 3.83 3.20 7.74
N ARG A 53 3.64 4.51 7.94
CA ARG A 53 4.45 5.35 8.85
C ARG A 53 4.23 4.97 10.34
N ASP A 54 3.04 4.43 10.65
CA ASP A 54 2.69 3.92 12.01
C ASP A 54 3.02 2.41 12.11
N GLU A 55 2.62 1.71 11.06
CA GLU A 55 2.67 0.24 10.93
C GLU A 55 4.10 -0.29 11.00
N MET A 56 4.94 0.22 10.10
CA MET A 56 6.34 -0.24 9.90
C MET A 56 7.34 0.92 10.09
N GLY A 57 6.81 2.12 10.41
CA GLY A 57 7.64 3.30 10.62
C GLY A 57 8.09 3.98 9.32
N VAL A 58 7.56 3.52 8.17
CA VAL A 58 8.04 3.97 6.84
C VAL A 58 7.14 5.09 6.32
N SER A 59 7.70 6.30 6.20
CA SER A 59 6.98 7.47 5.70
C SER A 59 7.10 7.47 4.17
N ILE A 60 5.96 7.39 3.45
CA ILE A 60 5.95 7.55 1.98
C ILE A 60 5.88 9.07 1.66
N PRO A 61 6.99 9.69 1.15
CA PRO A 61 7.02 11.12 0.76
C PRO A 61 6.25 11.36 -0.55
N SER A 62 6.00 12.65 -0.84
CA SER A 62 5.25 13.10 -2.02
C SER A 62 5.97 12.73 -3.33
N THR A 63 7.32 12.66 -3.28
CA THR A 63 8.17 12.26 -4.43
C THR A 63 8.09 10.73 -4.71
N HIS A 64 7.49 9.96 -3.79
CA HIS A 64 7.25 8.51 -3.93
C HIS A 64 5.78 8.20 -4.21
N ILE A 65 4.92 9.24 -4.27
CA ILE A 65 3.51 9.06 -4.63
C ILE A 65 3.40 9.01 -6.15
N THR A 66 3.42 7.79 -6.65
CA THR A 66 3.27 7.53 -8.06
C THR A 66 2.65 6.15 -8.22
N GLY A 67 1.91 5.98 -9.32
CA GLY A 67 1.24 4.73 -9.64
C GLY A 67 2.19 3.56 -9.75
N LYS A 68 3.41 3.80 -10.27
CA LYS A 68 4.45 2.78 -10.48
C LYS A 68 4.86 2.06 -9.16
N TYR A 69 4.94 2.83 -8.07
CA TYR A 69 5.31 2.28 -6.73
C TYR A 69 4.10 1.65 -6.02
N PHE A 70 2.91 2.15 -6.34
CA PHE A 70 1.65 1.70 -5.72
C PHE A 70 0.83 0.78 -6.64
N LYS A 71 1.42 0.32 -7.79
CA LYS A 71 0.68 -0.42 -8.87
C LYS A 71 -0.18 -1.52 -8.30
N ASP A 72 0.46 -2.36 -7.49
CA ASP A 72 -0.17 -3.54 -6.89
C ASP A 72 0.60 -3.90 -5.61
N LEU A 73 0.21 -4.99 -4.96
CA LEU A 73 0.78 -5.38 -3.66
C LEU A 73 2.23 -5.89 -3.80
N ASN A 74 2.56 -6.51 -4.94
CA ASN A 74 3.95 -6.94 -5.24
C ASN A 74 4.83 -5.70 -5.45
N ALA A 75 4.27 -4.67 -6.11
CA ALA A 75 4.95 -3.39 -6.32
C ALA A 75 5.23 -2.67 -4.97
N ILE A 76 4.18 -2.59 -4.12
CA ILE A 76 4.22 -1.91 -2.81
C ILE A 76 5.16 -2.63 -1.84
N SER A 77 5.16 -3.97 -1.85
CA SER A 77 6.03 -4.76 -0.95
C SER A 77 7.50 -4.47 -1.26
N ARG A 78 7.86 -4.51 -2.55
CA ARG A 78 9.23 -4.23 -2.99
C ARG A 78 9.62 -2.76 -2.72
N THR A 79 8.65 -1.84 -2.86
CA THR A 79 8.87 -0.40 -2.63
C THR A 79 9.06 -0.10 -1.13
N VAL A 80 8.27 -0.76 -0.28
CA VAL A 80 8.27 -0.49 1.16
C VAL A 80 9.52 -1.13 1.82
N GLU A 81 10.04 -2.22 1.20
CA GLU A 81 11.29 -2.85 1.59
C GLU A 81 12.50 -2.00 1.13
N GLN A 82 12.42 -1.44 -0.12
CA GLN A 82 13.55 -0.67 -0.71
C GLN A 82 13.82 0.59 0.12
N LEU A 83 12.72 1.22 0.61
CA LEU A 83 12.78 2.45 1.43
C LEU A 83 13.49 2.19 2.76
N LYS A 84 13.23 1.01 3.36
CA LYS A 84 13.89 0.59 4.62
C LYS A 84 15.37 0.21 4.37
N ALA A 85 15.66 -0.28 3.15
CA ALA A 85 17.01 -0.71 2.74
C ALA A 85 17.92 0.50 2.44
N GLU A 86 17.31 1.55 1.85
CA GLU A 86 18.00 2.81 1.54
C GLU A 86 18.14 3.68 2.80
N SER A 87 17.13 3.60 3.68
CA SER A 87 17.13 4.28 5.00
C SER A 87 17.99 3.50 6.03
N ALA A 88 18.34 2.23 5.70
CA ALA A 88 19.16 1.36 6.55
C ALA A 88 20.48 2.04 6.91
N LEU A 89 20.76 2.09 8.21
CA LEU A 89 21.82 2.92 8.80
C LEU A 89 23.02 2.09 9.24
N GLU A 90 22.79 0.81 9.53
CA GLU A 90 23.87 -0.11 9.92
C GLU A 90 24.73 -0.48 8.68
N MET A 1 9.94 -7.91 10.12
CA MET A 1 9.59 -9.07 10.99
C MET A 1 8.49 -9.90 10.31
N ASP A 2 7.43 -9.22 9.89
CA ASP A 2 6.24 -9.83 9.26
C ASP A 2 5.89 -9.05 8.00
N GLY A 3 6.44 -9.49 6.86
CA GLY A 3 6.18 -8.85 5.57
C GLY A 3 4.84 -9.23 5.00
N GLU A 4 4.62 -10.54 4.81
CA GLU A 4 3.39 -11.06 4.16
C GLU A 4 2.12 -10.81 5.00
N GLU A 5 2.29 -10.75 6.32
CA GLU A 5 1.20 -10.41 7.26
C GLU A 5 0.74 -8.98 7.05
N VAL A 6 1.70 -8.02 6.96
CA VAL A 6 1.35 -6.58 6.79
C VAL A 6 0.99 -6.27 5.33
N LYS A 7 1.48 -7.09 4.38
CA LYS A 7 1.18 -6.93 2.95
C LYS A 7 -0.31 -7.19 2.69
N GLU A 8 -0.83 -8.31 3.22
CA GLU A 8 -2.25 -8.61 3.10
C GLU A 8 -3.06 -7.53 3.84
N LYS A 9 -2.53 -7.00 4.97
CA LYS A 9 -3.20 -5.94 5.74
C LYS A 9 -3.26 -4.63 4.96
N ILE A 10 -2.35 -4.42 3.98
CA ILE A 10 -2.46 -3.28 3.03
C ILE A 10 -3.78 -3.43 2.26
N ARG A 11 -4.04 -4.67 1.81
CA ARG A 11 -5.23 -5.00 1.00
C ARG A 11 -6.51 -4.93 1.84
N ARG A 12 -6.47 -5.57 3.02
CA ARG A 12 -7.60 -5.65 3.98
C ARG A 12 -8.00 -4.25 4.46
N TYR A 13 -7.00 -3.39 4.70
CA TYR A 13 -7.19 -2.00 5.14
C TYR A 13 -7.93 -1.19 4.06
N ILE A 14 -7.46 -1.28 2.81
CA ILE A 14 -8.05 -0.57 1.67
C ILE A 14 -9.52 -1.01 1.46
N MET A 15 -9.76 -2.31 1.56
CA MET A 15 -11.12 -2.89 1.45
C MET A 15 -12.06 -2.39 2.56
N GLU A 16 -11.71 -2.63 3.83
CA GLU A 16 -12.63 -2.41 4.97
C GLU A 16 -12.84 -0.92 5.27
N ASP A 17 -11.76 -0.15 5.14
CA ASP A 17 -11.75 1.28 5.51
C ASP A 17 -12.06 2.16 4.28
N LEU A 18 -11.22 2.04 3.24
CA LEU A 18 -11.24 2.97 2.07
C LEU A 18 -12.47 2.71 1.15
N ILE A 19 -12.76 1.42 0.86
CA ILE A 19 -13.95 1.02 0.06
C ILE A 19 -15.20 1.11 0.97
N GLY A 20 -15.16 0.34 2.07
CA GLY A 20 -16.28 0.25 3.01
C GLY A 20 -16.43 -1.16 3.60
N PRO A 21 -17.42 -1.36 4.51
CA PRO A 21 -17.64 -2.67 5.20
C PRO A 21 -18.07 -3.78 4.20
N SER A 22 -18.83 -3.37 3.17
CA SER A 22 -19.27 -4.24 2.09
C SER A 22 -18.23 -4.17 0.95
N ALA A 23 -16.99 -4.58 1.30
CA ALA A 23 -15.83 -4.45 0.41
C ALA A 23 -15.94 -5.37 -0.83
N LYS A 24 -15.48 -4.85 -1.98
CA LYS A 24 -15.44 -5.60 -3.24
C LYS A 24 -14.14 -6.42 -3.33
N GLU A 25 -14.07 -7.45 -2.47
CA GLU A 25 -13.01 -8.49 -2.48
C GLU A 25 -12.87 -9.16 -3.87
N ASP A 26 -13.98 -9.16 -4.61
CA ASP A 26 -14.08 -9.69 -5.97
C ASP A 26 -13.03 -9.06 -6.92
N GLU A 27 -12.77 -7.77 -6.71
CA GLU A 27 -11.88 -6.98 -7.58
C GLU A 27 -10.46 -6.85 -6.95
N LEU A 28 -10.39 -7.12 -5.65
CA LEU A 28 -9.15 -7.04 -4.86
C LEU A 28 -8.30 -8.31 -5.05
N ASP A 29 -7.00 -8.09 -5.27
CA ASP A 29 -5.96 -9.12 -5.29
C ASP A 29 -4.60 -8.42 -5.10
N ASP A 30 -3.55 -9.20 -4.86
CA ASP A 30 -2.20 -8.67 -4.63
C ASP A 30 -1.49 -8.36 -5.97
N GLN A 31 -1.69 -9.24 -6.95
CA GLN A 31 -1.09 -9.13 -8.30
C GLN A 31 -2.01 -8.32 -9.26
N THR A 32 -3.30 -8.16 -8.90
CA THR A 32 -4.22 -7.26 -9.66
C THR A 32 -3.77 -5.80 -9.46
N PRO A 33 -3.57 -5.02 -10.58
CA PRO A 33 -3.24 -3.58 -10.47
C PRO A 33 -4.46 -2.78 -9.99
N LEU A 34 -4.42 -2.37 -8.71
CA LEU A 34 -5.57 -1.72 -8.04
C LEU A 34 -5.72 -0.28 -8.55
N LEU A 35 -4.56 0.30 -8.87
CA LEU A 35 -4.43 1.67 -9.32
C LEU A 35 -5.14 1.89 -10.67
N GLU A 36 -4.91 0.95 -11.60
CA GLU A 36 -5.50 0.99 -12.94
C GLU A 36 -7.01 0.74 -12.88
N TRP A 37 -7.40 -0.11 -11.91
CA TRP A 37 -8.80 -0.51 -11.69
C TRP A 37 -9.62 0.58 -10.97
N GLY A 38 -8.95 1.65 -10.51
CA GLY A 38 -9.63 2.76 -9.82
C GLY A 38 -10.00 2.42 -8.37
N ILE A 39 -9.30 1.41 -7.83
CA ILE A 39 -9.38 1.02 -6.42
C ILE A 39 -8.42 1.94 -5.62
N LEU A 40 -7.44 2.51 -6.36
CA LEU A 40 -6.50 3.54 -5.87
C LEU A 40 -6.52 4.74 -6.85
N ASN A 41 -6.49 5.97 -6.33
CA ASN A 41 -6.32 7.20 -7.15
C ASN A 41 -5.44 8.22 -6.44
N SER A 42 -5.88 8.73 -5.26
CA SER A 42 -5.11 9.75 -4.51
C SER A 42 -5.59 9.87 -3.07
N MET A 43 -6.86 10.28 -2.90
CA MET A 43 -7.48 10.57 -1.57
C MET A 43 -7.28 9.40 -0.62
N ASN A 44 -7.56 8.22 -1.17
CA ASN A 44 -7.47 6.95 -0.48
C ASN A 44 -6.00 6.45 -0.39
N ILE A 45 -5.15 6.84 -1.35
CA ILE A 45 -3.70 6.53 -1.36
C ILE A 45 -2.99 7.16 -0.14
N VAL A 46 -3.51 8.33 0.30
CA VAL A 46 -2.97 9.09 1.45
C VAL A 46 -3.05 8.27 2.77
N LYS A 47 -4.03 7.35 2.80
CA LYS A 47 -4.23 6.43 3.93
C LYS A 47 -3.04 5.48 4.07
N LEU A 48 -2.49 5.06 2.91
CA LEU A 48 -1.32 4.14 2.84
C LEU A 48 -0.02 4.86 3.26
N MET A 49 0.07 6.17 2.99
CA MET A 49 1.25 6.99 3.33
C MET A 49 1.52 6.92 4.85
N VAL A 50 0.43 7.10 5.64
CA VAL A 50 0.49 7.05 7.12
C VAL A 50 0.39 5.59 7.65
N TYR A 51 -0.26 4.69 6.88
CA TYR A 51 -0.47 3.28 7.29
C TYR A 51 0.89 2.57 7.44
N ILE A 52 1.66 2.66 6.36
CA ILE A 52 2.98 2.03 6.23
C ILE A 52 3.98 2.70 7.19
N ARG A 53 3.76 4.02 7.41
CA ARG A 53 4.55 4.84 8.34
C ARG A 53 4.45 4.34 9.79
N ASP A 54 3.31 3.76 10.16
CA ASP A 54 3.09 3.21 11.50
C ASP A 54 3.44 1.71 11.54
N GLU A 55 2.75 0.93 10.68
CA GLU A 55 2.88 -0.54 10.62
C GLU A 55 4.32 -1.03 10.39
N MET A 56 4.91 -0.66 9.23
CA MET A 56 6.30 -1.03 8.89
C MET A 56 7.30 0.04 9.37
N GLY A 57 6.77 1.10 10.03
CA GLY A 57 7.58 2.15 10.62
C GLY A 57 8.31 3.01 9.60
N VAL A 58 7.82 3.02 8.35
CA VAL A 58 8.51 3.70 7.24
C VAL A 58 7.48 4.48 6.38
N SER A 59 7.66 5.81 6.32
CA SER A 59 6.72 6.71 5.63
C SER A 59 6.88 6.62 4.11
N ILE A 60 5.75 6.71 3.40
CA ILE A 60 5.75 7.08 1.97
C ILE A 60 5.71 8.63 1.91
N PRO A 61 6.84 9.29 1.54
CA PRO A 61 6.87 10.76 1.34
C PRO A 61 6.31 11.18 -0.03
N SER A 62 6.05 12.48 -0.19
CA SER A 62 5.44 13.06 -1.40
C SER A 62 6.35 12.91 -2.65
N THR A 63 7.66 12.84 -2.42
CA THR A 63 8.67 12.60 -3.48
C THR A 63 8.63 11.14 -4.01
N HIS A 64 8.02 10.23 -3.23
CA HIS A 64 7.80 8.82 -3.61
C HIS A 64 6.32 8.57 -3.99
N ILE A 65 5.57 9.66 -4.30
CA ILE A 65 4.19 9.54 -4.79
C ILE A 65 4.19 9.50 -6.33
N THR A 66 4.19 8.27 -6.84
CA THR A 66 4.00 7.97 -8.26
C THR A 66 3.23 6.66 -8.37
N GLY A 67 2.65 6.44 -9.54
CA GLY A 67 1.89 5.24 -9.82
C GLY A 67 2.71 3.96 -9.69
N LYS A 68 4.02 4.05 -10.06
CA LYS A 68 4.98 2.93 -10.04
C LYS A 68 5.02 2.20 -8.68
N TYR A 69 4.86 2.99 -7.60
CA TYR A 69 4.97 2.48 -6.22
C TYR A 69 3.62 2.02 -5.66
N PHE A 70 2.51 2.43 -6.30
CA PHE A 70 1.14 2.09 -5.86
C PHE A 70 0.37 1.32 -6.97
N LYS A 71 1.09 0.66 -7.90
CA LYS A 71 0.46 -0.16 -8.98
C LYS A 71 -0.49 -1.22 -8.38
N ASP A 72 0.10 -1.98 -7.45
CA ASP A 72 -0.51 -3.16 -6.83
C ASP A 72 0.26 -3.48 -5.53
N LEU A 73 -0.01 -4.66 -4.93
CA LEU A 73 0.66 -5.03 -3.66
C LEU A 73 2.14 -5.36 -3.88
N ASN A 74 2.46 -6.02 -5.00
CA ASN A 74 3.85 -6.42 -5.32
C ASN A 74 4.70 -5.17 -5.64
N ALA A 75 4.06 -4.11 -6.16
CA ALA A 75 4.71 -2.80 -6.35
C ALA A 75 5.06 -2.17 -4.99
N ILE A 76 4.07 -2.09 -4.10
CA ILE A 76 4.23 -1.58 -2.71
C ILE A 76 5.19 -2.47 -1.91
N SER A 77 5.22 -3.78 -2.22
CA SER A 77 6.05 -4.77 -1.52
C SER A 77 7.53 -4.48 -1.75
N ARG A 78 7.87 -3.99 -2.93
CA ARG A 78 9.26 -3.62 -3.26
C ARG A 78 9.56 -2.22 -2.73
N THR A 79 8.61 -1.28 -2.94
CA THR A 79 8.74 0.13 -2.51
C THR A 79 9.06 0.27 -1.02
N VAL A 80 8.29 -0.47 -0.21
CA VAL A 80 8.35 -0.43 1.24
C VAL A 80 9.74 -0.92 1.74
N GLU A 81 10.36 -1.82 0.96
CA GLU A 81 11.73 -2.34 1.24
C GLU A 81 12.83 -1.38 0.70
N GLN A 82 12.54 -0.67 -0.42
CA GLN A 82 13.46 0.34 -0.99
C GLN A 82 13.65 1.48 0.02
N LEU A 83 12.52 1.89 0.62
CA LEU A 83 12.44 2.96 1.62
C LEU A 83 13.16 2.56 2.91
N LYS A 84 12.99 1.30 3.33
CA LYS A 84 13.68 0.78 4.53
C LYS A 84 15.20 0.77 4.32
N ALA A 85 15.65 0.51 3.08
CA ALA A 85 17.08 0.57 2.72
C ALA A 85 17.61 2.02 2.82
N GLU A 86 16.85 2.96 2.20
CA GLU A 86 17.14 4.42 2.21
C GLU A 86 17.21 4.96 3.66
N SER A 87 16.29 4.47 4.50
CA SER A 87 16.16 4.91 5.91
C SER A 87 17.15 4.17 6.84
N ALA A 88 17.60 2.95 6.47
CA ALA A 88 18.44 2.11 7.37
C ALA A 88 19.85 2.68 7.51
N LEU A 89 20.40 2.59 8.75
CA LEU A 89 21.81 2.93 9.05
C LEU A 89 22.77 2.06 8.20
N GLU A 90 22.29 0.85 7.85
CA GLU A 90 23.06 -0.17 7.12
C GLU A 90 22.69 -0.12 5.61
N MET A 1 4.27 -5.59 10.24
CA MET A 1 4.34 -7.06 10.47
C MET A 1 5.33 -7.66 9.46
N ASP A 2 5.57 -9.00 9.54
CA ASP A 2 6.51 -9.72 8.64
C ASP A 2 6.01 -9.65 7.18
N GLY A 3 6.95 -9.83 6.23
CA GLY A 3 6.79 -9.51 4.80
C GLY A 3 5.45 -9.91 4.18
N GLU A 4 5.09 -11.20 4.24
CA GLU A 4 3.91 -11.74 3.52
C GLU A 4 2.59 -11.48 4.25
N GLU A 5 2.62 -11.43 5.58
CA GLU A 5 1.41 -11.30 6.41
C GLU A 5 0.89 -9.85 6.36
N VAL A 6 1.83 -8.89 6.28
CA VAL A 6 1.47 -7.47 6.28
C VAL A 6 0.86 -7.05 4.91
N LYS A 7 1.28 -7.75 3.83
CA LYS A 7 0.86 -7.43 2.45
C LYS A 7 -0.68 -7.40 2.28
N GLU A 8 -1.33 -8.53 2.59
CA GLU A 8 -2.81 -8.65 2.50
C GLU A 8 -3.51 -7.67 3.45
N LYS A 9 -2.85 -7.41 4.59
CA LYS A 9 -3.35 -6.56 5.67
C LYS A 9 -3.37 -5.07 5.26
N ILE A 10 -2.48 -4.68 4.33
CA ILE A 10 -2.48 -3.35 3.70
C ILE A 10 -3.74 -3.23 2.81
N ARG A 11 -4.00 -4.30 2.05
CA ARG A 11 -5.16 -4.41 1.14
C ARG A 11 -6.48 -4.61 1.89
N ARG A 12 -6.39 -5.13 3.12
CA ARG A 12 -7.56 -5.29 4.00
C ARG A 12 -8.04 -3.93 4.47
N TYR A 13 -7.07 -3.09 4.83
CA TYR A 13 -7.31 -1.69 5.17
C TYR A 13 -7.97 -0.94 3.99
N ILE A 14 -7.45 -1.16 2.77
CA ILE A 14 -7.99 -0.54 1.54
C ILE A 14 -9.45 -0.91 1.32
N MET A 15 -9.71 -2.20 1.15
CA MET A 15 -11.04 -2.68 0.76
C MET A 15 -12.08 -2.44 1.87
N GLU A 16 -11.74 -2.77 3.12
CA GLU A 16 -12.69 -2.69 4.24
C GLU A 16 -12.92 -1.24 4.73
N ASP A 17 -11.95 -0.32 4.53
CA ASP A 17 -12.11 1.10 4.94
C ASP A 17 -12.29 2.01 3.71
N LEU A 18 -11.25 2.07 2.85
CA LEU A 18 -11.18 3.03 1.71
C LEU A 18 -12.27 2.77 0.64
N ILE A 19 -12.66 1.49 0.45
CA ILE A 19 -13.85 1.11 -0.34
C ILE A 19 -15.07 1.12 0.59
N GLY A 20 -14.96 0.40 1.73
CA GLY A 20 -16.03 0.32 2.74
C GLY A 20 -16.45 -1.12 3.05
N PRO A 21 -17.61 -1.34 3.76
CA PRO A 21 -18.10 -2.69 4.14
C PRO A 21 -18.69 -3.48 2.95
N SER A 22 -18.97 -2.77 1.84
CA SER A 22 -19.43 -3.39 0.57
C SER A 22 -18.19 -3.67 -0.34
N ALA A 23 -17.06 -4.01 0.31
CA ALA A 23 -15.82 -4.42 -0.36
C ALA A 23 -15.99 -5.80 -1.02
N LYS A 24 -15.48 -5.93 -2.24
CA LYS A 24 -15.42 -7.21 -2.95
C LYS A 24 -14.04 -7.87 -2.72
N GLU A 25 -14.01 -8.88 -1.84
CA GLU A 25 -12.76 -9.64 -1.51
C GLU A 25 -12.26 -10.43 -2.73
N ASP A 26 -13.16 -10.68 -3.69
CA ASP A 26 -12.85 -11.32 -4.99
C ASP A 26 -11.83 -10.47 -5.77
N GLU A 27 -12.07 -9.14 -5.75
CA GLU A 27 -11.24 -8.15 -6.45
C GLU A 27 -9.85 -8.00 -5.80
N LEU A 28 -9.75 -8.30 -4.50
CA LEU A 28 -8.51 -8.16 -3.73
C LEU A 28 -7.48 -9.23 -4.20
N ASP A 29 -6.23 -8.78 -4.41
CA ASP A 29 -5.06 -9.63 -4.78
C ASP A 29 -3.77 -8.79 -4.69
N ASP A 30 -2.61 -9.45 -4.81
CA ASP A 30 -1.30 -8.77 -4.85
C ASP A 30 -1.08 -8.07 -6.20
N GLN A 31 -1.41 -8.79 -7.28
CA GLN A 31 -1.20 -8.30 -8.67
C GLN A 31 -2.47 -7.61 -9.22
N THR A 32 -3.44 -7.32 -8.34
CA THR A 32 -4.58 -6.45 -8.70
C THR A 32 -4.13 -4.98 -8.71
N PRO A 33 -4.20 -4.29 -9.90
CA PRO A 33 -3.84 -2.87 -10.01
C PRO A 33 -4.92 -1.93 -9.43
N LEU A 34 -4.61 -1.31 -8.28
CA LEU A 34 -5.55 -0.46 -7.54
C LEU A 34 -5.81 0.86 -8.30
N LEU A 35 -4.73 1.49 -8.81
CA LEU A 35 -4.81 2.73 -9.63
C LEU A 35 -5.70 2.52 -10.87
N GLU A 36 -5.43 1.41 -11.59
CA GLU A 36 -6.12 1.06 -12.83
C GLU A 36 -7.62 0.85 -12.59
N TRP A 37 -7.97 0.31 -11.40
CA TRP A 37 -9.38 -0.01 -11.05
C TRP A 37 -10.04 1.19 -10.35
N GLY A 38 -9.33 2.32 -10.28
CA GLY A 38 -9.86 3.58 -9.74
C GLY A 38 -10.02 3.58 -8.23
N ILE A 39 -9.35 2.62 -7.58
CA ILE A 39 -9.35 2.45 -6.13
C ILE A 39 -8.47 3.55 -5.51
N LEU A 40 -7.34 3.83 -6.16
CA LEU A 40 -6.45 4.96 -5.82
C LEU A 40 -6.56 6.02 -6.93
N ASN A 41 -6.30 7.29 -6.57
CA ASN A 41 -6.36 8.44 -7.51
C ASN A 41 -5.66 9.65 -6.84
N SER A 42 -6.06 9.89 -5.59
CA SER A 42 -5.42 10.86 -4.66
C SER A 42 -6.11 10.66 -3.28
N MET A 43 -6.31 11.76 -2.48
CA MET A 43 -6.86 11.81 -1.09
C MET A 43 -6.76 10.50 -0.25
N ASN A 44 -7.50 9.45 -0.66
CA ASN A 44 -7.60 8.18 0.08
C ASN A 44 -6.28 7.36 0.00
N ILE A 45 -5.40 7.75 -0.93
CA ILE A 45 -4.12 7.07 -1.17
C ILE A 45 -3.11 7.39 -0.04
N VAL A 46 -3.31 8.56 0.61
CA VAL A 46 -2.44 9.07 1.70
C VAL A 46 -2.57 8.20 2.98
N LYS A 47 -3.69 7.47 3.05
CA LYS A 47 -3.99 6.54 4.15
C LYS A 47 -3.02 5.34 4.14
N LEU A 48 -2.46 5.05 2.94
CA LEU A 48 -1.45 4.00 2.75
C LEU A 48 -0.10 4.42 3.34
N MET A 49 0.29 5.68 3.11
CA MET A 49 1.55 6.25 3.64
C MET A 49 1.56 6.18 5.17
N VAL A 50 0.48 6.68 5.79
CA VAL A 50 0.37 6.80 7.25
C VAL A 50 0.21 5.43 7.95
N TYR A 51 -0.38 4.45 7.24
CA TYR A 51 -0.61 3.09 7.78
C TYR A 51 0.74 2.44 8.12
N ILE A 52 1.57 2.42 7.08
CA ILE A 52 2.88 1.79 7.07
C ILE A 52 3.87 2.60 7.93
N ARG A 53 3.64 3.94 7.97
CA ARG A 53 4.37 4.88 8.85
C ARG A 53 4.07 4.59 10.34
N ASP A 54 2.85 4.14 10.63
CA ASP A 54 2.41 3.82 12.00
C ASP A 54 2.90 2.42 12.42
N GLU A 55 3.00 1.52 11.43
CA GLU A 55 3.31 0.10 11.68
C GLU A 55 4.83 -0.19 11.52
N MET A 56 5.33 -0.19 10.27
CA MET A 56 6.77 -0.44 9.98
C MET A 56 7.63 0.83 10.15
N GLY A 57 6.99 1.97 10.42
CA GLY A 57 7.72 3.24 10.66
C GLY A 57 8.27 3.88 9.39
N VAL A 58 7.71 3.50 8.22
CA VAL A 58 8.15 4.05 6.91
C VAL A 58 6.91 4.54 6.12
N SER A 59 6.89 5.84 5.81
CA SER A 59 5.90 6.43 4.91
C SER A 59 6.51 6.56 3.52
N ILE A 60 5.67 6.47 2.48
CA ILE A 60 6.07 6.85 1.12
C ILE A 60 6.09 8.41 1.05
N PRO A 61 7.28 9.04 0.83
CA PRO A 61 7.41 10.50 0.69
C PRO A 61 6.75 11.01 -0.62
N SER A 62 6.47 12.32 -0.67
CA SER A 62 5.72 12.95 -1.78
C SER A 62 6.50 12.92 -3.12
N THR A 63 7.84 12.77 -3.03
CA THR A 63 8.70 12.58 -4.22
C THR A 63 8.53 11.16 -4.81
N HIS A 64 8.30 10.15 -3.93
CA HIS A 64 8.09 8.75 -4.34
C HIS A 64 6.61 8.47 -4.66
N ILE A 65 5.80 9.54 -4.81
CA ILE A 65 4.44 9.40 -5.30
C ILE A 65 4.47 9.41 -6.83
N THR A 66 4.44 8.22 -7.40
CA THR A 66 4.30 8.01 -8.84
C THR A 66 3.60 6.66 -9.06
N GLY A 67 2.91 6.56 -10.20
CA GLY A 67 2.03 5.43 -10.51
C GLY A 67 2.72 4.06 -10.43
N LYS A 68 3.99 4.03 -10.86
CA LYS A 68 4.79 2.80 -10.93
C LYS A 68 5.01 2.13 -9.55
N TYR A 69 4.90 2.92 -8.47
CA TYR A 69 5.07 2.42 -7.09
C TYR A 69 3.73 2.02 -6.47
N PHE A 70 2.63 2.67 -6.89
CA PHE A 70 1.27 2.44 -6.35
C PHE A 70 0.39 1.64 -7.31
N LYS A 71 1.00 1.02 -8.35
CA LYS A 71 0.27 0.19 -9.36
C LYS A 71 -0.68 -0.80 -8.66
N ASP A 72 -0.06 -1.61 -7.80
CA ASP A 72 -0.66 -2.77 -7.16
C ASP A 72 0.07 -3.03 -5.83
N LEU A 73 -0.28 -4.15 -5.18
CA LEU A 73 0.33 -4.52 -3.88
C LEU A 73 1.82 -4.81 -4.08
N ASN A 74 2.15 -5.67 -5.06
CA ASN A 74 3.53 -6.13 -5.30
C ASN A 74 4.45 -4.92 -5.61
N ALA A 75 3.90 -3.93 -6.33
CA ALA A 75 4.59 -2.65 -6.62
C ALA A 75 4.98 -1.91 -5.31
N ILE A 76 4.01 -1.78 -4.39
CA ILE A 76 4.21 -1.12 -3.07
C ILE A 76 5.14 -1.93 -2.18
N SER A 77 5.07 -3.28 -2.24
CA SER A 77 5.88 -4.15 -1.37
C SER A 77 7.37 -4.07 -1.75
N ARG A 78 7.67 -3.78 -3.04
CA ARG A 78 9.06 -3.59 -3.53
C ARG A 78 9.59 -2.20 -3.15
N THR A 79 8.70 -1.21 -3.22
CA THR A 79 9.06 0.20 -2.91
C THR A 79 9.25 0.39 -1.40
N VAL A 80 8.44 -0.28 -0.61
CA VAL A 80 8.40 -0.07 0.85
C VAL A 80 9.58 -0.78 1.53
N GLU A 81 10.01 -1.94 0.98
CA GLU A 81 11.09 -2.76 1.56
C GLU A 81 12.44 -2.07 1.38
N GLN A 82 12.64 -1.47 0.19
CA GLN A 82 13.87 -0.75 -0.12
C GLN A 82 13.97 0.51 0.75
N LEU A 83 12.82 1.19 0.97
CA LEU A 83 12.78 2.43 1.77
C LEU A 83 13.09 2.17 3.24
N LYS A 84 12.67 0.98 3.75
CA LYS A 84 13.07 0.53 5.10
C LYS A 84 14.60 0.35 5.19
N ALA A 85 15.20 -0.09 4.07
CA ALA A 85 16.66 -0.23 3.92
C ALA A 85 17.34 1.15 3.72
N GLU A 86 16.64 2.07 3.06
CA GLU A 86 17.16 3.43 2.73
C GLU A 86 17.12 4.35 3.97
N SER A 87 16.14 4.09 4.86
CA SER A 87 15.99 4.84 6.12
C SER A 87 16.86 4.19 7.21
N ALA A 88 17.04 2.86 7.15
CA ALA A 88 17.99 2.14 8.01
C ALA A 88 19.44 2.45 7.61
N LEU A 89 20.35 2.26 8.57
CA LEU A 89 21.80 2.40 8.36
C LEU A 89 22.35 1.22 7.51
N GLU A 90 21.59 0.10 7.50
CA GLU A 90 21.96 -1.13 6.78
C GLU A 90 21.39 -1.10 5.33
N MET A 1 10.16 -9.13 12.20
CA MET A 1 10.27 -10.60 12.11
C MET A 1 9.38 -11.07 10.95
N ASP A 2 8.05 -11.08 11.18
CA ASP A 2 7.04 -11.36 10.14
C ASP A 2 6.98 -10.19 9.12
N GLY A 3 6.84 -10.54 7.84
CA GLY A 3 6.93 -9.58 6.74
C GLY A 3 5.76 -9.67 5.79
N GLU A 4 5.51 -10.88 5.25
CA GLU A 4 4.45 -11.10 4.23
C GLU A 4 3.03 -11.04 4.84
N GLU A 5 2.97 -11.07 6.18
CA GLU A 5 1.72 -10.94 6.96
C GLU A 5 1.18 -9.50 6.86
N VAL A 6 2.09 -8.50 6.75
CA VAL A 6 1.68 -7.10 6.62
C VAL A 6 1.01 -6.86 5.27
N LYS A 7 1.52 -7.57 4.23
CA LYS A 7 1.01 -7.46 2.85
C LYS A 7 -0.47 -7.82 2.80
N GLU A 8 -0.85 -8.87 3.55
CA GLU A 8 -2.20 -9.34 3.65
C GLU A 8 -3.10 -8.27 4.34
N LYS A 9 -2.54 -7.58 5.34
CA LYS A 9 -3.24 -6.48 6.04
C LYS A 9 -3.35 -5.22 5.15
N ILE A 10 -2.41 -5.05 4.19
CA ILE A 10 -2.50 -3.97 3.19
C ILE A 10 -3.71 -4.25 2.29
N ARG A 11 -3.74 -5.50 1.77
CA ARG A 11 -4.85 -6.04 0.94
C ARG A 11 -6.22 -5.78 1.56
N ARG A 12 -6.32 -6.08 2.86
CA ARG A 12 -7.58 -5.98 3.62
C ARG A 12 -7.96 -4.52 3.88
N TYR A 13 -6.98 -3.75 4.33
CA TYR A 13 -7.15 -2.29 4.61
C TYR A 13 -7.67 -1.54 3.37
N ILE A 14 -7.16 -1.95 2.21
CA ILE A 14 -7.61 -1.47 0.91
C ILE A 14 -9.12 -1.67 0.76
N MET A 15 -9.56 -2.90 0.94
CA MET A 15 -10.96 -3.28 0.74
C MET A 15 -11.89 -2.68 1.81
N GLU A 16 -11.39 -2.61 3.05
CA GLU A 16 -12.20 -2.18 4.21
C GLU A 16 -12.41 -0.66 4.22
N ASP A 17 -11.34 0.08 3.97
CA ASP A 17 -11.33 1.56 4.06
C ASP A 17 -11.44 2.20 2.68
N LEU A 18 -10.51 1.84 1.79
CA LEU A 18 -10.36 2.50 0.46
C LEU A 18 -11.57 2.18 -0.46
N ILE A 19 -12.08 0.94 -0.38
CA ILE A 19 -13.35 0.56 -1.04
C ILE A 19 -14.53 0.89 -0.10
N GLY A 20 -14.64 0.16 1.03
CA GLY A 20 -15.75 0.32 1.98
C GLY A 20 -16.12 -0.99 2.68
N PRO A 21 -17.14 -0.98 3.59
CA PRO A 21 -17.55 -2.18 4.36
C PRO A 21 -17.99 -3.35 3.44
N SER A 22 -18.75 -3.01 2.37
CA SER A 22 -19.11 -3.95 1.31
C SER A 22 -18.01 -3.93 0.25
N ALA A 23 -17.08 -4.90 0.34
CA ALA A 23 -15.88 -4.96 -0.50
C ALA A 23 -15.73 -6.33 -1.17
N LYS A 24 -15.44 -6.31 -2.47
CA LYS A 24 -15.25 -7.52 -3.30
C LYS A 24 -13.87 -8.16 -3.05
N GLU A 25 -13.75 -8.94 -1.97
CA GLU A 25 -12.51 -9.71 -1.65
C GLU A 25 -12.19 -10.72 -2.77
N ASP A 26 -13.27 -11.18 -3.43
CA ASP A 26 -13.23 -12.10 -4.59
C ASP A 26 -12.50 -11.45 -5.78
N GLU A 27 -12.63 -10.12 -5.88
CA GLU A 27 -11.95 -9.31 -6.93
C GLU A 27 -10.54 -8.84 -6.50
N LEU A 28 -10.29 -8.78 -5.18
CA LEU A 28 -9.00 -8.36 -4.62
C LEU A 28 -7.91 -9.42 -4.92
N ASP A 29 -6.80 -8.97 -5.53
CA ASP A 29 -5.61 -9.78 -5.81
C ASP A 29 -4.36 -8.95 -5.44
N ASP A 30 -3.19 -9.62 -5.46
CA ASP A 30 -1.90 -8.95 -5.17
C ASP A 30 -1.43 -8.09 -6.36
N GLN A 31 -1.85 -8.49 -7.57
CA GLN A 31 -1.53 -7.76 -8.83
C GLN A 31 -2.78 -7.06 -9.40
N THR A 32 -3.81 -6.85 -8.55
CA THR A 32 -4.93 -5.94 -8.86
C THR A 32 -4.41 -4.49 -8.94
N PRO A 33 -4.59 -3.78 -10.11
CA PRO A 33 -4.10 -2.40 -10.28
C PRO A 33 -4.93 -1.39 -9.45
N LEU A 34 -4.31 -0.90 -8.37
CA LEU A 34 -4.99 -0.07 -7.37
C LEU A 34 -5.35 1.33 -7.94
N LEU A 35 -4.45 1.92 -8.76
CA LEU A 35 -4.72 3.22 -9.45
C LEU A 35 -5.90 3.07 -10.44
N GLU A 36 -5.90 1.93 -11.15
CA GLU A 36 -6.87 1.67 -12.23
C GLU A 36 -8.30 1.52 -11.69
N TRP A 37 -8.39 0.95 -10.49
CA TRP A 37 -9.66 0.73 -9.78
C TRP A 37 -10.07 1.96 -8.91
N GLY A 38 -9.25 3.02 -8.93
CA GLY A 38 -9.53 4.26 -8.17
C GLY A 38 -9.47 4.07 -6.65
N ILE A 39 -8.74 3.03 -6.23
CA ILE A 39 -8.50 2.66 -4.83
C ILE A 39 -7.63 3.73 -4.14
N LEU A 40 -6.62 4.19 -4.88
CA LEU A 40 -5.72 5.27 -4.45
C LEU A 40 -5.40 6.19 -5.63
N ASN A 41 -5.22 7.50 -5.31
CA ASN A 41 -4.90 8.55 -6.29
C ASN A 41 -4.53 9.85 -5.56
N SER A 42 -5.42 10.34 -4.67
CA SER A 42 -5.18 11.59 -3.94
C SER A 42 -5.76 11.52 -2.52
N MET A 43 -7.03 11.93 -2.34
CA MET A 43 -7.76 11.90 -1.05
C MET A 43 -7.68 10.53 -0.35
N ASN A 44 -7.51 9.49 -1.15
CA ASN A 44 -7.49 8.09 -0.70
C ASN A 44 -6.03 7.53 -0.62
N ILE A 45 -5.08 8.09 -1.42
CA ILE A 45 -3.68 7.57 -1.48
C ILE A 45 -2.88 7.96 -0.23
N VAL A 46 -3.27 9.08 0.39
CA VAL A 46 -2.59 9.63 1.58
C VAL A 46 -2.88 8.77 2.83
N LYS A 47 -3.98 8.00 2.75
CA LYS A 47 -4.34 6.98 3.76
C LYS A 47 -3.32 5.84 3.79
N LEU A 48 -2.72 5.53 2.62
CA LEU A 48 -1.64 4.51 2.53
C LEU A 48 -0.33 5.04 3.11
N MET A 49 -0.09 6.36 2.96
CA MET A 49 1.12 7.02 3.50
C MET A 49 1.11 6.94 5.02
N VAL A 50 0.01 7.43 5.64
CA VAL A 50 -0.17 7.45 7.12
C VAL A 50 -0.29 6.01 7.69
N TYR A 51 -0.82 5.08 6.86
CA TYR A 51 -0.97 3.66 7.27
C TYR A 51 0.42 3.08 7.52
N ILE A 52 1.23 3.04 6.46
CA ILE A 52 2.56 2.41 6.42
C ILE A 52 3.57 3.15 7.34
N ARG A 53 3.32 4.46 7.49
CA ARG A 53 4.05 5.37 8.43
C ARG A 53 3.97 4.89 9.88
N ASP A 54 2.81 4.37 10.26
CA ASP A 54 2.55 3.78 11.60
C ASP A 54 2.94 2.29 11.61
N GLU A 55 2.39 1.58 10.62
CA GLU A 55 2.41 0.13 10.46
C GLU A 55 3.83 -0.45 10.39
N MET A 56 4.60 -0.02 9.39
CA MET A 56 6.00 -0.47 9.17
C MET A 56 7.00 0.66 9.50
N GLY A 57 6.50 1.75 10.09
CA GLY A 57 7.32 2.87 10.57
C GLY A 57 8.02 3.65 9.45
N VAL A 58 7.43 3.64 8.24
CA VAL A 58 8.02 4.30 7.07
C VAL A 58 6.94 5.05 6.25
N SER A 59 7.08 6.38 6.16
CA SER A 59 6.20 7.23 5.36
C SER A 59 6.86 7.44 4.01
N ILE A 60 6.17 7.05 2.93
CA ILE A 60 6.67 7.23 1.57
C ILE A 60 6.76 8.75 1.25
N PRO A 61 7.99 9.27 0.88
CA PRO A 61 8.18 10.71 0.53
C PRO A 61 7.38 11.10 -0.73
N SER A 62 7.11 12.41 -0.88
CA SER A 62 6.24 12.95 -1.95
C SER A 62 6.83 12.67 -3.36
N THR A 63 8.17 12.59 -3.43
CA THR A 63 8.91 12.23 -4.65
C THR A 63 8.59 10.78 -5.10
N HIS A 64 8.36 9.89 -4.12
CA HIS A 64 8.02 8.48 -4.35
C HIS A 64 6.51 8.22 -4.30
N ILE A 65 5.69 9.28 -4.14
CA ILE A 65 4.24 9.19 -4.33
C ILE A 65 3.98 9.21 -5.84
N THR A 66 3.85 8.00 -6.40
CA THR A 66 3.62 7.81 -7.82
C THR A 66 2.83 6.52 -8.07
N GLY A 67 2.25 6.42 -9.28
CA GLY A 67 1.39 5.32 -9.66
C GLY A 67 2.07 3.96 -9.61
N LYS A 68 3.29 3.89 -10.18
CA LYS A 68 4.05 2.64 -10.26
C LYS A 68 4.48 2.09 -8.87
N TYR A 69 4.55 2.97 -7.86
CA TYR A 69 4.93 2.60 -6.48
C TYR A 69 3.71 2.15 -5.65
N PHE A 70 2.51 2.53 -6.11
CA PHE A 70 1.21 2.15 -5.46
C PHE A 70 0.36 1.28 -6.40
N LYS A 71 1.01 0.77 -7.47
CA LYS A 71 0.36 0.15 -8.62
C LYS A 71 -0.43 -1.12 -8.26
N ASP A 72 0.06 -1.81 -7.23
CA ASP A 72 -0.54 -3.04 -6.67
C ASP A 72 0.21 -3.41 -5.38
N LEU A 73 -0.08 -4.60 -4.83
CA LEU A 73 0.53 -5.07 -3.57
C LEU A 73 2.05 -5.29 -3.72
N ASN A 74 2.46 -5.89 -4.85
CA ASN A 74 3.89 -6.18 -5.14
C ASN A 74 4.66 -4.88 -5.40
N ALA A 75 3.97 -3.89 -6.00
CA ALA A 75 4.55 -2.55 -6.23
C ALA A 75 4.85 -1.83 -4.90
N ILE A 76 3.86 -1.86 -3.98
CA ILE A 76 4.00 -1.32 -2.60
C ILE A 76 5.00 -2.16 -1.79
N SER A 77 5.04 -3.48 -2.07
CA SER A 77 5.95 -4.41 -1.36
C SER A 77 7.40 -4.05 -1.66
N ARG A 78 7.71 -3.81 -2.94
CA ARG A 78 9.07 -3.46 -3.37
C ARG A 78 9.45 -2.05 -2.89
N THR A 79 8.47 -1.13 -2.92
CA THR A 79 8.68 0.27 -2.51
C THR A 79 8.97 0.35 -1.00
N VAL A 80 8.17 -0.35 -0.21
CA VAL A 80 8.26 -0.31 1.26
C VAL A 80 9.54 -1.02 1.72
N GLU A 81 9.94 -2.10 1.00
CA GLU A 81 11.19 -2.84 1.31
C GLU A 81 12.42 -1.98 1.03
N GLN A 82 12.44 -1.33 -0.16
CA GLN A 82 13.59 -0.52 -0.60
C GLN A 82 13.77 0.73 0.27
N LEU A 83 12.64 1.31 0.73
CA LEU A 83 12.65 2.50 1.61
C LEU A 83 13.18 2.15 2.99
N LYS A 84 12.70 1.03 3.55
CA LYS A 84 13.18 0.53 4.86
C LYS A 84 14.64 0.05 4.75
N ALA A 85 15.09 -0.22 3.51
CA ALA A 85 16.49 -0.63 3.22
C ALA A 85 17.43 0.59 3.18
N GLU A 86 16.97 1.69 2.56
CA GLU A 86 17.76 2.94 2.49
C GLU A 86 17.79 3.62 3.88
N SER A 87 16.63 3.58 4.55
CA SER A 87 16.46 4.12 5.91
C SER A 87 17.09 3.21 6.99
N ALA A 88 17.43 1.96 6.62
CA ALA A 88 18.02 0.97 7.54
C ALA A 88 19.38 1.45 8.10
N LEU A 89 19.53 1.34 9.42
CA LEU A 89 20.75 1.73 10.15
C LEU A 89 21.90 0.71 9.99
N GLU A 90 21.66 -0.36 9.19
CA GLU A 90 22.57 -1.52 9.00
C GLU A 90 23.99 -1.07 8.56
N MET A 1 6.72 -7.83 11.56
CA MET A 1 7.80 -8.85 11.57
C MET A 1 8.00 -9.43 10.17
N ASP A 2 6.99 -10.16 9.66
CA ASP A 2 7.01 -10.71 8.28
C ASP A 2 6.43 -9.68 7.31
N GLY A 3 6.86 -9.76 6.04
CA GLY A 3 6.30 -8.96 4.97
C GLY A 3 4.90 -9.40 4.63
N GLU A 4 4.68 -10.72 4.58
CA GLU A 4 3.41 -11.34 4.16
C GLU A 4 2.29 -11.04 5.16
N GLU A 5 2.70 -10.95 6.43
CA GLU A 5 1.85 -10.57 7.56
C GLU A 5 1.21 -9.20 7.30
N VAL A 6 2.05 -8.19 6.98
CA VAL A 6 1.57 -6.83 6.72
C VAL A 6 0.96 -6.69 5.31
N LYS A 7 1.43 -7.50 4.35
CA LYS A 7 1.02 -7.40 2.93
C LYS A 7 -0.48 -7.65 2.76
N GLU A 8 -0.99 -8.74 3.35
CA GLU A 8 -2.42 -9.08 3.26
C GLU A 8 -3.29 -8.06 4.03
N LYS A 9 -2.70 -7.39 5.04
CA LYS A 9 -3.38 -6.33 5.81
C LYS A 9 -3.45 -5.03 5.01
N ILE A 10 -2.51 -4.84 4.07
CA ILE A 10 -2.60 -3.74 3.08
C ILE A 10 -3.87 -3.96 2.26
N ARG A 11 -3.98 -5.19 1.70
CA ARG A 11 -5.13 -5.64 0.88
C ARG A 11 -6.47 -5.42 1.60
N ARG A 12 -6.57 -5.87 2.85
CA ARG A 12 -7.83 -5.82 3.63
C ARG A 12 -8.17 -4.38 4.04
N TYR A 13 -7.14 -3.61 4.41
CA TYR A 13 -7.28 -2.17 4.73
C TYR A 13 -7.86 -1.40 3.53
N ILE A 14 -7.38 -1.76 2.34
CA ILE A 14 -7.86 -1.22 1.06
C ILE A 14 -9.38 -1.41 0.95
N MET A 15 -9.85 -2.63 1.19
CA MET A 15 -11.28 -2.96 1.01
C MET A 15 -12.16 -2.33 2.11
N GLU A 16 -11.68 -2.36 3.36
CA GLU A 16 -12.47 -1.94 4.53
C GLU A 16 -12.52 -0.42 4.69
N ASP A 17 -11.48 0.28 4.22
CA ASP A 17 -11.36 1.76 4.36
C ASP A 17 -11.51 2.43 2.99
N LEU A 18 -10.60 2.10 2.06
CA LEU A 18 -10.51 2.77 0.74
C LEU A 18 -11.74 2.50 -0.13
N ILE A 19 -12.28 1.27 -0.04
CA ILE A 19 -13.55 0.91 -0.69
C ILE A 19 -14.74 1.24 0.26
N GLY A 20 -14.60 0.88 1.54
CA GLY A 20 -15.66 1.06 2.54
C GLY A 20 -16.32 -0.26 2.94
N PRO A 21 -17.57 -0.24 3.53
CA PRO A 21 -18.25 -1.45 4.05
C PRO A 21 -18.56 -2.50 2.95
N SER A 22 -19.11 -2.06 1.81
CA SER A 22 -19.42 -2.96 0.67
C SER A 22 -18.13 -3.29 -0.10
N ALA A 23 -17.39 -4.29 0.41
CA ALA A 23 -16.04 -4.63 -0.05
C ALA A 23 -16.02 -5.99 -0.76
N LYS A 24 -15.42 -6.01 -1.97
CA LYS A 24 -15.26 -7.23 -2.80
C LYS A 24 -13.77 -7.58 -2.90
N GLU A 25 -13.26 -8.39 -1.94
CA GLU A 25 -11.87 -8.87 -1.98
C GLU A 25 -11.68 -9.97 -3.03
N ASP A 26 -12.79 -10.38 -3.66
CA ASP A 26 -12.76 -11.33 -4.78
C ASP A 26 -12.15 -10.66 -6.04
N GLU A 27 -12.39 -9.34 -6.16
CA GLU A 27 -11.86 -8.50 -7.24
C GLU A 27 -10.40 -8.10 -6.94
N LEU A 28 -10.17 -7.88 -5.64
CA LEU A 28 -8.85 -7.56 -5.09
C LEU A 28 -7.90 -8.77 -5.16
N ASP A 29 -6.62 -8.48 -5.38
CA ASP A 29 -5.52 -9.46 -5.33
C ASP A 29 -4.24 -8.71 -4.93
N ASP A 30 -3.12 -9.46 -4.81
CA ASP A 30 -1.78 -8.87 -4.66
C ASP A 30 -1.40 -8.05 -5.90
N GLN A 31 -1.61 -8.62 -7.08
CA GLN A 31 -1.11 -8.04 -8.35
C GLN A 31 -2.21 -7.41 -9.21
N THR A 32 -3.43 -7.32 -8.66
CA THR A 32 -4.50 -6.51 -9.28
C THR A 32 -4.14 -5.01 -9.13
N PRO A 33 -4.05 -4.24 -10.28
CA PRO A 33 -3.71 -2.79 -10.27
C PRO A 33 -4.77 -1.92 -9.55
N LEU A 34 -4.40 -1.41 -8.38
CA LEU A 34 -5.28 -0.61 -7.50
C LEU A 34 -5.71 0.70 -8.18
N LEU A 35 -4.74 1.49 -8.71
CA LEU A 35 -5.07 2.82 -9.32
C LEU A 35 -5.93 2.68 -10.57
N GLU A 36 -5.62 1.65 -11.40
CA GLU A 36 -6.37 1.34 -12.62
C GLU A 36 -7.84 1.00 -12.28
N TRP A 37 -8.03 0.39 -11.10
CA TRP A 37 -9.39 -0.01 -10.64
C TRP A 37 -10.03 1.11 -9.80
N GLY A 38 -9.42 2.32 -9.85
CA GLY A 38 -9.98 3.53 -9.21
C GLY A 38 -10.02 3.45 -7.70
N ILE A 39 -9.14 2.61 -7.13
CA ILE A 39 -9.08 2.36 -5.70
C ILE A 39 -8.19 3.42 -5.01
N LEU A 40 -7.06 3.75 -5.67
CA LEU A 40 -6.12 4.77 -5.18
C LEU A 40 -6.19 6.00 -6.09
N ASN A 41 -6.72 7.11 -5.56
CA ASN A 41 -6.97 8.35 -6.33
C ASN A 41 -5.97 9.44 -5.96
N SER A 42 -6.12 10.05 -4.76
CA SER A 42 -5.42 11.32 -4.44
C SER A 42 -5.27 11.52 -2.94
N MET A 43 -6.39 11.71 -2.23
CA MET A 43 -6.39 11.99 -0.77
C MET A 43 -6.60 10.72 0.03
N ASN A 44 -7.06 9.67 -0.66
CA ASN A 44 -7.28 8.34 -0.07
C ASN A 44 -6.01 7.48 -0.18
N ILE A 45 -5.19 7.75 -1.21
CA ILE A 45 -3.87 7.09 -1.41
C ILE A 45 -2.88 7.52 -0.30
N VAL A 46 -3.20 8.67 0.32
CA VAL A 46 -2.43 9.28 1.43
C VAL A 46 -2.65 8.51 2.74
N LYS A 47 -3.76 7.75 2.80
CA LYS A 47 -4.05 6.82 3.91
C LYS A 47 -2.99 5.72 4.00
N LEU A 48 -2.41 5.39 2.83
CA LEU A 48 -1.30 4.41 2.74
C LEU A 48 -0.01 4.98 3.34
N MET A 49 0.24 6.31 3.19
CA MET A 49 1.44 6.97 3.77
C MET A 49 1.53 6.71 5.29
N VAL A 50 0.47 7.13 5.99
CA VAL A 50 0.38 7.02 7.47
C VAL A 50 0.21 5.56 7.93
N TYR A 51 -0.36 4.70 7.07
CA TYR A 51 -0.55 3.27 7.37
C TYR A 51 0.81 2.58 7.48
N ILE A 52 1.58 2.74 6.41
CA ILE A 52 2.92 2.15 6.26
C ILE A 52 3.92 2.76 7.25
N ARG A 53 3.68 4.03 7.60
CA ARG A 53 4.44 4.76 8.65
C ARG A 53 4.25 4.10 10.04
N ASP A 54 3.09 3.46 10.25
CA ASP A 54 2.78 2.77 11.53
C ASP A 54 3.19 1.28 11.48
N GLU A 55 2.65 0.54 10.50
CA GLU A 55 2.90 -0.90 10.33
C GLU A 55 4.39 -1.21 10.01
N MET A 56 4.88 -0.69 8.87
CA MET A 56 6.28 -0.93 8.41
C MET A 56 7.24 0.12 8.98
N GLY A 57 6.69 1.14 9.68
CA GLY A 57 7.49 2.14 10.37
C GLY A 57 8.18 3.12 9.44
N VAL A 58 7.66 3.29 8.20
CA VAL A 58 8.27 4.18 7.19
C VAL A 58 7.19 4.96 6.41
N SER A 59 7.29 6.30 6.38
CA SER A 59 6.36 7.16 5.65
C SER A 59 6.74 7.23 4.15
N ILE A 60 5.72 7.14 3.27
CA ILE A 60 5.86 7.43 1.85
C ILE A 60 5.87 8.97 1.66
N PRO A 61 6.97 9.58 1.12
CA PRO A 61 6.99 11.01 0.77
C PRO A 61 6.19 11.30 -0.53
N SER A 62 5.93 12.60 -0.74
CA SER A 62 5.09 13.09 -1.86
C SER A 62 5.73 12.81 -3.24
N THR A 63 7.06 12.64 -3.28
CA THR A 63 7.81 12.33 -4.52
C THR A 63 7.65 10.84 -4.92
N HIS A 64 7.28 9.98 -3.95
CA HIS A 64 7.04 8.53 -4.21
C HIS A 64 5.58 8.26 -4.57
N ILE A 65 4.74 9.31 -4.55
CA ILE A 65 3.33 9.18 -4.92
C ILE A 65 3.23 9.08 -6.44
N THR A 66 3.19 7.85 -6.93
CA THR A 66 3.09 7.56 -8.35
C THR A 66 2.35 6.24 -8.55
N GLY A 67 1.79 6.07 -9.76
CA GLY A 67 1.06 4.87 -10.13
C GLY A 67 1.93 3.62 -10.06
N LYS A 68 3.21 3.77 -10.40
CA LYS A 68 4.19 2.66 -10.45
C LYS A 68 4.48 2.05 -9.05
N TYR A 69 4.71 2.90 -8.04
CA TYR A 69 5.11 2.45 -6.69
C TYR A 69 3.91 2.06 -5.83
N PHE A 70 2.71 2.44 -6.27
CA PHE A 70 1.43 2.06 -5.63
C PHE A 70 0.62 1.13 -6.53
N LYS A 71 1.26 0.65 -7.62
CA LYS A 71 0.61 -0.11 -8.72
C LYS A 71 -0.20 -1.29 -8.18
N ASP A 72 0.44 -2.02 -7.28
CA ASP A 72 -0.08 -3.26 -6.72
C ASP A 72 0.35 -3.33 -5.26
N LEU A 73 -0.07 -4.41 -4.59
CA LEU A 73 0.45 -4.79 -3.28
C LEU A 73 1.96 -5.07 -3.44
N ASN A 74 2.33 -5.93 -4.43
CA ASN A 74 3.73 -6.28 -4.70
C ASN A 74 4.58 -5.04 -5.04
N ALA A 75 3.99 -4.07 -5.75
CA ALA A 75 4.68 -2.82 -6.13
C ALA A 75 5.06 -1.99 -4.89
N ILE A 76 4.09 -1.83 -3.98
CA ILE A 76 4.29 -1.16 -2.67
C ILE A 76 5.32 -1.93 -1.85
N SER A 77 5.23 -3.26 -1.91
CA SER A 77 6.10 -4.15 -1.15
C SER A 77 7.56 -4.05 -1.64
N ARG A 78 7.75 -3.76 -2.94
CA ARG A 78 9.08 -3.58 -3.55
C ARG A 78 9.61 -2.15 -3.34
N THR A 79 8.71 -1.19 -3.06
CA THR A 79 9.12 0.20 -2.78
C THR A 79 9.45 0.39 -1.29
N VAL A 80 8.65 -0.27 -0.44
CA VAL A 80 8.70 -0.11 1.01
C VAL A 80 9.97 -0.76 1.58
N GLU A 81 10.45 -1.85 0.93
CA GLU A 81 11.71 -2.51 1.30
C GLU A 81 12.91 -1.57 1.03
N GLN A 82 12.82 -0.79 -0.06
CA GLN A 82 13.87 0.15 -0.50
C GLN A 82 14.02 1.28 0.51
N LEU A 83 12.88 1.83 0.94
CA LEU A 83 12.83 2.92 1.93
C LEU A 83 13.36 2.48 3.28
N LYS A 84 13.10 1.20 3.63
CA LYS A 84 13.65 0.59 4.86
C LYS A 84 15.12 0.15 4.68
N ALA A 85 15.55 -0.02 3.42
CA ALA A 85 16.95 -0.34 3.08
C ALA A 85 17.83 0.92 3.18
N GLU A 86 17.24 2.08 2.83
CA GLU A 86 17.86 3.40 3.00
C GLU A 86 17.77 3.83 4.47
N SER A 87 16.65 3.45 5.12
CA SER A 87 16.44 3.68 6.57
C SER A 87 17.37 2.80 7.42
N ALA A 88 17.85 1.67 6.83
CA ALA A 88 18.90 0.86 7.44
C ALA A 88 20.18 1.70 7.53
N LEU A 89 20.29 2.37 8.68
CA LEU A 89 21.43 3.22 9.07
C LEU A 89 22.76 2.44 9.02
N GLU A 90 22.66 1.11 9.22
CA GLU A 90 23.78 0.17 9.08
C GLU A 90 24.31 0.18 7.62
N MET A 1 9.57 -8.55 11.16
CA MET A 1 8.71 -7.91 10.14
C MET A 1 8.56 -8.84 8.92
N ASP A 2 7.54 -9.71 8.97
CA ASP A 2 7.27 -10.68 7.89
C ASP A 2 6.68 -9.95 6.66
N GLY A 3 7.07 -10.40 5.46
CA GLY A 3 6.70 -9.76 4.21
C GLY A 3 5.22 -9.90 3.87
N GLU A 4 4.68 -11.13 3.97
CA GLU A 4 3.26 -11.41 3.64
C GLU A 4 2.31 -10.84 4.70
N GLU A 5 2.83 -10.72 5.94
CA GLU A 5 2.14 -10.06 7.07
C GLU A 5 1.75 -8.64 6.67
N VAL A 6 2.76 -7.83 6.31
CA VAL A 6 2.56 -6.41 6.04
C VAL A 6 1.79 -6.20 4.73
N LYS A 7 2.10 -7.03 3.71
CA LYS A 7 1.44 -6.95 2.39
C LYS A 7 -0.09 -7.10 2.48
N GLU A 8 -0.55 -8.16 3.18
CA GLU A 8 -1.98 -8.46 3.29
C GLU A 8 -2.71 -7.36 4.08
N LYS A 9 -2.05 -6.76 5.08
CA LYS A 9 -2.65 -5.68 5.89
C LYS A 9 -2.80 -4.38 5.12
N ILE A 10 -1.91 -4.16 4.12
CA ILE A 10 -2.05 -3.03 3.19
C ILE A 10 -3.30 -3.25 2.33
N ARG A 11 -3.48 -4.51 1.87
CA ARG A 11 -4.66 -4.91 1.06
C ARG A 11 -5.94 -4.85 1.89
N ARG A 12 -5.87 -5.28 3.17
CA ARG A 12 -7.03 -5.33 4.06
C ARG A 12 -7.49 -3.91 4.38
N TYR A 13 -6.53 -3.05 4.71
CA TYR A 13 -6.78 -1.62 4.95
C TYR A 13 -7.55 -0.97 3.79
N ILE A 14 -7.17 -1.35 2.57
CA ILE A 14 -7.87 -0.92 1.35
C ILE A 14 -9.34 -1.36 1.40
N MET A 15 -9.57 -2.66 1.59
CA MET A 15 -10.94 -3.24 1.54
C MET A 15 -11.83 -2.76 2.70
N GLU A 16 -11.24 -2.65 3.90
CA GLU A 16 -11.97 -2.34 5.14
C GLU A 16 -12.29 -0.84 5.23
N ASP A 17 -11.27 -0.01 5.00
CA ASP A 17 -11.37 1.46 5.12
C ASP A 17 -11.75 2.08 3.77
N LEU A 18 -10.87 1.93 2.77
CA LEU A 18 -10.97 2.64 1.48
C LEU A 18 -12.19 2.19 0.64
N ILE A 19 -12.60 0.91 0.76
CA ILE A 19 -13.86 0.41 0.18
C ILE A 19 -14.99 0.56 1.22
N GLY A 20 -14.85 -0.14 2.36
CA GLY A 20 -15.86 -0.15 3.42
C GLY A 20 -16.13 -1.56 3.96
N PRO A 21 -17.09 -1.71 4.94
CA PRO A 21 -17.42 -3.02 5.56
C PRO A 21 -18.03 -4.02 4.56
N SER A 22 -18.60 -3.51 3.47
CA SER A 22 -19.14 -4.34 2.37
C SER A 22 -18.09 -4.46 1.25
N ALA A 23 -16.88 -4.89 1.63
CA ALA A 23 -15.74 -5.04 0.71
C ALA A 23 -16.01 -6.10 -0.36
N LYS A 24 -15.27 -6.00 -1.47
CA LYS A 24 -15.44 -6.89 -2.64
C LYS A 24 -14.16 -7.71 -2.82
N GLU A 25 -14.07 -8.85 -2.11
CA GLU A 25 -12.87 -9.72 -2.13
C GLU A 25 -12.73 -10.44 -3.49
N ASP A 26 -13.86 -10.47 -4.23
CA ASP A 26 -13.97 -11.10 -5.57
C ASP A 26 -13.07 -10.47 -6.62
N GLU A 27 -12.54 -9.26 -6.33
CA GLU A 27 -11.73 -8.48 -7.28
C GLU A 27 -10.35 -8.12 -6.69
N LEU A 28 -10.13 -8.49 -5.42
CA LEU A 28 -8.89 -8.19 -4.72
C LEU A 28 -7.80 -9.22 -5.06
N ASP A 29 -6.60 -8.71 -5.43
CA ASP A 29 -5.39 -9.52 -5.64
C ASP A 29 -4.15 -8.65 -5.39
N ASP A 30 -3.02 -9.35 -5.32
CA ASP A 30 -1.69 -8.74 -5.26
C ASP A 30 -1.31 -8.13 -6.62
N GLN A 31 -1.74 -8.79 -7.71
CA GLN A 31 -1.48 -8.37 -9.08
C GLN A 31 -2.55 -7.42 -9.61
N THR A 32 -3.69 -7.27 -8.88
CA THR A 32 -4.73 -6.30 -9.25
C THR A 32 -4.16 -4.88 -9.22
N PRO A 33 -4.16 -4.16 -10.38
CA PRO A 33 -3.72 -2.76 -10.44
C PRO A 33 -4.79 -1.84 -9.84
N LEU A 34 -4.54 -1.35 -8.62
CA LEU A 34 -5.52 -0.56 -7.87
C LEU A 34 -5.75 0.81 -8.54
N LEU A 35 -4.71 1.35 -9.21
CA LEU A 35 -4.81 2.64 -9.95
C LEU A 35 -5.83 2.53 -11.09
N GLU A 36 -5.64 1.48 -11.90
CA GLU A 36 -6.44 1.22 -13.11
C GLU A 36 -7.88 0.88 -12.72
N TRP A 37 -8.05 0.29 -11.52
CA TRP A 37 -9.37 -0.13 -11.01
C TRP A 37 -10.03 0.99 -10.18
N GLY A 38 -9.41 2.18 -10.16
CA GLY A 38 -9.99 3.37 -9.54
C GLY A 38 -10.01 3.32 -8.02
N ILE A 39 -9.21 2.41 -7.45
CA ILE A 39 -9.09 2.19 -6.02
C ILE A 39 -8.04 3.17 -5.45
N LEU A 40 -7.03 3.49 -6.29
CA LEU A 40 -6.01 4.51 -6.00
C LEU A 40 -5.93 5.48 -7.18
N ASN A 41 -5.41 6.70 -6.91
CA ASN A 41 -5.18 7.78 -7.91
C ASN A 41 -4.72 9.04 -7.18
N SER A 42 -5.50 9.41 -6.18
CA SER A 42 -5.45 10.70 -5.48
C SER A 42 -6.20 10.51 -4.15
N MET A 43 -6.63 11.61 -3.48
CA MET A 43 -7.26 11.67 -2.12
C MET A 43 -7.10 10.41 -1.21
N ASN A 44 -7.72 9.28 -1.61
CA ASN A 44 -7.78 8.06 -0.79
C ASN A 44 -6.45 7.27 -0.76
N ILE A 45 -5.51 7.64 -1.66
CA ILE A 45 -4.18 7.02 -1.75
C ILE A 45 -3.27 7.54 -0.62
N VAL A 46 -3.65 8.68 -0.05
CA VAL A 46 -2.90 9.37 1.01
C VAL A 46 -3.05 8.64 2.35
N LYS A 47 -4.13 7.85 2.45
CA LYS A 47 -4.40 6.99 3.61
C LYS A 47 -3.29 5.94 3.78
N LEU A 48 -2.68 5.54 2.65
CA LEU A 48 -1.58 4.56 2.62
C LEU A 48 -0.30 5.15 3.22
N MET A 49 -0.05 6.45 2.94
CA MET A 49 1.18 7.15 3.41
C MET A 49 1.27 7.09 4.94
N VAL A 50 0.17 7.48 5.59
CA VAL A 50 0.08 7.54 7.06
C VAL A 50 -0.05 6.12 7.68
N TYR A 51 -0.64 5.18 6.90
CA TYR A 51 -0.84 3.79 7.37
C TYR A 51 0.49 3.12 7.62
N ILE A 52 1.32 3.11 6.57
CA ILE A 52 2.63 2.46 6.55
C ILE A 52 3.59 3.10 7.56
N ARG A 53 3.36 4.40 7.81
CA ARG A 53 4.05 5.16 8.88
C ARG A 53 3.67 4.64 10.29
N ASP A 54 2.39 4.32 10.48
CA ASP A 54 1.87 3.83 11.78
C ASP A 54 2.10 2.31 11.94
N GLU A 55 2.19 1.61 10.79
CA GLU A 55 2.26 0.14 10.73
C GLU A 55 3.70 -0.34 10.86
N MET A 56 4.54 0.06 9.91
CA MET A 56 5.95 -0.38 9.80
C MET A 56 6.93 0.73 10.21
N GLY A 57 6.38 1.87 10.63
CA GLY A 57 7.18 2.99 11.13
C GLY A 57 7.83 3.83 10.03
N VAL A 58 7.42 3.61 8.78
CA VAL A 58 8.08 4.23 7.61
C VAL A 58 7.02 4.96 6.75
N SER A 59 7.20 6.26 6.58
CA SER A 59 6.37 7.07 5.69
C SER A 59 6.80 6.83 4.24
N ILE A 60 5.83 6.74 3.31
CA ILE A 60 6.12 6.88 1.88
C ILE A 60 6.37 8.37 1.61
N PRO A 61 7.64 8.78 1.29
CA PRO A 61 7.97 10.20 1.02
C PRO A 61 7.25 10.74 -0.22
N SER A 62 7.10 12.07 -0.32
CA SER A 62 6.32 12.71 -1.39
C SER A 62 6.99 12.52 -2.78
N THR A 63 8.30 12.24 -2.78
CA THR A 63 9.06 11.89 -4.00
C THR A 63 8.75 10.45 -4.47
N HIS A 64 8.24 9.61 -3.54
CA HIS A 64 7.87 8.21 -3.80
C HIS A 64 6.36 8.01 -3.87
N ILE A 65 5.62 9.12 -3.82
CA ILE A 65 4.21 9.12 -4.20
C ILE A 65 4.15 9.13 -5.71
N THR A 66 3.99 7.95 -6.30
CA THR A 66 3.91 7.82 -7.75
C THR A 66 3.14 6.54 -8.14
N GLY A 67 2.58 6.57 -9.35
CA GLY A 67 1.82 5.47 -9.90
C GLY A 67 2.61 4.18 -10.00
N LYS A 68 3.86 4.27 -10.48
CA LYS A 68 4.76 3.10 -10.64
C LYS A 68 5.04 2.37 -9.30
N TYR A 69 4.88 3.08 -8.18
CA TYR A 69 5.08 2.54 -6.82
C TYR A 69 3.77 2.02 -6.20
N PHE A 70 2.64 2.61 -6.59
CA PHE A 70 1.29 2.25 -6.06
C PHE A 70 0.43 1.55 -7.13
N LYS A 71 1.10 0.91 -8.13
CA LYS A 71 0.39 0.13 -9.18
C LYS A 71 -0.50 -0.92 -8.57
N ASP A 72 0.14 -1.77 -7.78
CA ASP A 72 -0.43 -2.96 -7.15
C ASP A 72 0.41 -3.35 -5.94
N LEU A 73 0.06 -4.48 -5.31
CA LEU A 73 0.76 -4.97 -4.11
C LEU A 73 2.20 -5.38 -4.44
N ASN A 74 2.45 -5.85 -5.67
CA ASN A 74 3.79 -6.27 -6.10
C ASN A 74 4.70 -5.04 -6.27
N ALA A 75 4.09 -3.87 -6.56
CA ALA A 75 4.80 -2.59 -6.62
C ALA A 75 5.11 -2.08 -5.19
N ILE A 76 4.06 -2.08 -4.35
CA ILE A 76 4.12 -1.58 -2.95
C ILE A 76 5.03 -2.45 -2.07
N SER A 77 5.12 -3.76 -2.37
CA SER A 77 6.00 -4.69 -1.62
C SER A 77 7.47 -4.31 -1.84
N ARG A 78 7.79 -4.01 -3.10
CA ARG A 78 9.15 -3.61 -3.52
C ARG A 78 9.50 -2.19 -3.05
N THR A 79 8.46 -1.35 -2.91
CA THR A 79 8.60 0.04 -2.44
C THR A 79 8.84 0.07 -0.92
N VAL A 80 8.00 -0.65 -0.19
CA VAL A 80 7.96 -0.58 1.26
C VAL A 80 9.21 -1.23 1.87
N GLU A 81 9.76 -2.26 1.18
CA GLU A 81 10.97 -2.96 1.64
C GLU A 81 12.21 -2.09 1.40
N GLN A 82 12.25 -1.41 0.22
CA GLN A 82 13.41 -0.61 -0.19
C GLN A 82 13.57 0.63 0.69
N LEU A 83 12.46 1.09 1.28
CA LEU A 83 12.46 2.23 2.21
C LEU A 83 13.09 1.83 3.55
N LYS A 84 12.61 0.72 4.12
CA LYS A 84 13.14 0.18 5.40
C LYS A 84 14.58 -0.33 5.26
N ALA A 85 14.98 -0.57 4.00
CA ALA A 85 16.35 -0.93 3.66
C ALA A 85 17.26 0.33 3.51
N GLU A 86 16.84 1.29 2.66
CA GLU A 86 17.69 2.44 2.27
C GLU A 86 17.66 3.55 3.32
N SER A 87 16.44 3.98 3.70
CA SER A 87 16.22 4.95 4.80
C SER A 87 16.51 4.32 6.17
N ALA A 88 16.55 2.97 6.20
CA ALA A 88 16.71 2.14 7.40
C ALA A 88 15.38 2.08 8.18
N LEU A 89 15.27 1.08 9.06
CA LEU A 89 14.11 0.92 9.94
C LEU A 89 14.18 1.92 11.14
N GLU A 90 15.37 2.51 11.33
CA GLU A 90 15.67 3.45 12.43
C GLU A 90 15.62 4.91 11.89
N MET A 1 5.70 -10.18 13.31
CA MET A 1 5.36 -10.71 11.96
C MET A 1 6.58 -10.60 11.04
N ASP A 2 6.59 -11.40 9.95
CA ASP A 2 7.71 -11.46 8.99
C ASP A 2 7.80 -10.15 8.17
N GLY A 3 6.63 -9.54 7.89
CA GLY A 3 6.54 -8.31 7.11
C GLY A 3 5.70 -8.47 5.85
N GLU A 4 5.61 -9.70 5.32
CA GLU A 4 4.88 -9.98 4.07
C GLU A 4 3.36 -10.01 4.28
N GLU A 5 2.95 -10.42 5.48
CA GLU A 5 1.56 -10.31 5.94
C GLU A 5 1.16 -8.83 6.07
N VAL A 6 2.11 -7.98 6.47
CA VAL A 6 1.84 -6.55 6.61
C VAL A 6 1.55 -5.95 5.23
N LYS A 7 2.21 -6.49 4.20
CA LYS A 7 2.00 -6.10 2.81
C LYS A 7 0.60 -6.49 2.31
N GLU A 8 0.07 -7.68 2.71
CA GLU A 8 -1.31 -8.04 2.36
C GLU A 8 -2.31 -7.18 3.16
N LYS A 9 -1.95 -6.85 4.43
CA LYS A 9 -2.78 -6.01 5.31
C LYS A 9 -2.95 -4.59 4.73
N ILE A 10 -2.02 -4.18 3.84
CA ILE A 10 -2.16 -2.94 3.08
C ILE A 10 -3.43 -3.03 2.19
N ARG A 11 -3.58 -4.18 1.52
CA ARG A 11 -4.67 -4.45 0.56
C ARG A 11 -6.00 -4.72 1.28
N ARG A 12 -5.92 -5.42 2.42
CA ARG A 12 -7.07 -5.65 3.30
C ARG A 12 -7.63 -4.30 3.75
N TYR A 13 -6.75 -3.48 4.36
CA TYR A 13 -7.05 -2.11 4.85
C TYR A 13 -7.86 -1.28 3.86
N ILE A 14 -7.46 -1.34 2.58
CA ILE A 14 -8.13 -0.60 1.50
C ILE A 14 -9.62 -1.00 1.41
N MET A 15 -9.87 -2.30 1.34
CA MET A 15 -11.23 -2.85 1.14
C MET A 15 -12.08 -2.73 2.42
N GLU A 16 -11.43 -2.98 3.58
CA GLU A 16 -12.08 -2.97 4.89
C GLU A 16 -12.55 -1.55 5.26
N ASP A 17 -11.75 -0.55 4.88
CA ASP A 17 -11.87 0.82 5.43
C ASP A 17 -12.15 1.87 4.34
N LEU A 18 -11.26 1.91 3.33
CA LEU A 18 -11.27 2.96 2.29
C LEU A 18 -12.47 2.80 1.34
N ILE A 19 -12.78 1.56 0.97
CA ILE A 19 -14.01 1.23 0.20
C ILE A 19 -15.23 1.40 1.15
N GLY A 20 -15.03 1.02 2.42
CA GLY A 20 -16.06 1.18 3.46
C GLY A 20 -16.57 -0.15 3.99
N PRO A 21 -17.78 -0.16 4.65
CA PRO A 21 -18.39 -1.40 5.20
C PRO A 21 -18.93 -2.35 4.11
N SER A 22 -18.96 -1.87 2.86
CA SER A 22 -19.48 -2.63 1.72
C SER A 22 -18.37 -2.78 0.67
N ALA A 23 -17.54 -3.83 0.81
CA ALA A 23 -16.47 -4.15 -0.15
C ALA A 23 -16.86 -5.34 -1.03
N LYS A 24 -16.08 -5.57 -2.10
CA LYS A 24 -16.22 -6.72 -2.99
C LYS A 24 -14.88 -7.41 -3.10
N GLU A 25 -14.73 -8.55 -2.43
CA GLU A 25 -13.46 -9.31 -2.33
C GLU A 25 -12.97 -9.75 -3.72
N ASP A 26 -13.96 -9.92 -4.63
CA ASP A 26 -13.79 -10.34 -6.03
C ASP A 26 -12.66 -9.56 -6.74
N GLU A 27 -12.72 -8.22 -6.60
CA GLU A 27 -11.83 -7.30 -7.32
C GLU A 27 -10.45 -7.19 -6.65
N LEU A 28 -10.35 -7.64 -5.39
CA LEU A 28 -9.11 -7.57 -4.62
C LEU A 28 -8.17 -8.75 -4.95
N ASP A 29 -6.88 -8.41 -5.09
CA ASP A 29 -5.75 -9.36 -5.17
C ASP A 29 -4.45 -8.57 -4.97
N ASP A 30 -3.32 -9.28 -4.83
CA ASP A 30 -2.02 -8.64 -4.63
C ASP A 30 -1.40 -8.18 -5.97
N GLN A 31 -1.59 -9.01 -7.00
CA GLN A 31 -1.09 -8.74 -8.36
C GLN A 31 -2.01 -7.75 -9.09
N THR A 32 -3.24 -7.55 -8.56
CA THR A 32 -4.21 -6.61 -9.11
C THR A 32 -3.69 -5.16 -9.01
N PRO A 33 -3.54 -4.46 -10.18
CA PRO A 33 -3.18 -3.04 -10.22
C PRO A 33 -4.36 -2.17 -9.72
N LEU A 34 -4.22 -1.65 -8.51
CA LEU A 34 -5.27 -0.90 -7.80
C LEU A 34 -5.60 0.43 -8.51
N LEU A 35 -4.55 1.17 -8.93
CA LEU A 35 -4.70 2.43 -9.71
C LEU A 35 -5.42 2.16 -11.03
N GLU A 36 -5.09 1.02 -11.65
CA GLU A 36 -5.68 0.62 -12.94
C GLU A 36 -7.16 0.28 -12.78
N TRP A 37 -7.50 -0.35 -11.65
CA TRP A 37 -8.87 -0.83 -11.38
C TRP A 37 -9.74 0.26 -10.73
N GLY A 38 -9.20 1.47 -10.63
CA GLY A 38 -9.93 2.61 -10.06
C GLY A 38 -10.20 2.47 -8.57
N ILE A 39 -9.45 1.58 -7.91
CA ILE A 39 -9.53 1.35 -6.47
C ILE A 39 -8.86 2.54 -5.75
N LEU A 40 -7.78 3.05 -6.36
CA LEU A 40 -7.05 4.23 -5.90
C LEU A 40 -7.01 5.26 -7.04
N ASN A 41 -6.89 6.53 -6.66
CA ASN A 41 -6.49 7.62 -7.56
C ASN A 41 -5.56 8.52 -6.75
N SER A 42 -6.16 9.22 -5.78
CA SER A 42 -5.46 9.95 -4.72
C SER A 42 -6.34 9.86 -3.47
N MET A 43 -6.23 10.84 -2.53
CA MET A 43 -7.13 10.96 -1.35
C MET A 43 -6.98 9.75 -0.39
N ASN A 44 -7.56 8.60 -0.79
CA ASN A 44 -7.41 7.32 -0.07
C ASN A 44 -5.95 6.82 -0.15
N ILE A 45 -5.22 7.29 -1.18
CA ILE A 45 -3.77 7.11 -1.35
C ILE A 45 -2.98 7.58 -0.12
N VAL A 46 -3.44 8.67 0.49
CA VAL A 46 -2.75 9.32 1.62
C VAL A 46 -2.89 8.46 2.91
N LYS A 47 -3.92 7.59 2.94
CA LYS A 47 -4.16 6.67 4.08
C LYS A 47 -3.17 5.49 4.04
N LEU A 48 -2.60 5.20 2.86
CA LEU A 48 -1.51 4.21 2.72
C LEU A 48 -0.29 4.69 3.51
N MET A 49 0.00 6.00 3.41
CA MET A 49 1.17 6.63 4.05
C MET A 49 1.13 6.39 5.56
N VAL A 50 -0.01 6.76 6.19
CA VAL A 50 -0.19 6.65 7.65
C VAL A 50 -0.21 5.18 8.13
N TYR A 51 -0.69 4.25 7.27
CA TYR A 51 -0.77 2.81 7.63
C TYR A 51 0.64 2.22 7.76
N ILE A 52 1.43 2.45 6.71
CA ILE A 52 2.80 1.96 6.59
C ILE A 52 3.73 2.66 7.61
N ARG A 53 3.40 3.92 7.89
CA ARG A 53 4.08 4.74 8.90
C ARG A 53 3.75 4.27 10.32
N ASP A 54 2.57 3.63 10.48
CA ASP A 54 2.12 3.06 11.76
C ASP A 54 2.76 1.70 11.99
N GLU A 55 2.65 0.84 10.96
CA GLU A 55 3.16 -0.53 10.98
C GLU A 55 4.68 -0.59 10.90
N MET A 56 5.21 -0.32 9.69
CA MET A 56 6.64 -0.45 9.37
C MET A 56 7.40 0.84 9.71
N GLY A 57 6.71 1.80 10.35
CA GLY A 57 7.34 3.03 10.87
C GLY A 57 7.87 3.96 9.79
N VAL A 58 7.54 3.67 8.52
CA VAL A 58 8.10 4.37 7.35
C VAL A 58 6.99 5.04 6.52
N SER A 59 7.12 6.33 6.26
CA SER A 59 6.21 7.08 5.39
C SER A 59 6.88 7.24 4.03
N ILE A 60 6.17 6.84 2.95
CA ILE A 60 6.66 7.01 1.58
C ILE A 60 6.70 8.53 1.24
N PRO A 61 7.88 9.07 0.78
CA PRO A 61 8.00 10.48 0.36
C PRO A 61 7.16 10.75 -0.91
N SER A 62 6.75 12.02 -1.10
CA SER A 62 5.84 12.43 -2.19
C SER A 62 6.43 12.19 -3.60
N THR A 63 7.77 12.12 -3.66
CA THR A 63 8.49 11.76 -4.89
C THR A 63 8.12 10.34 -5.38
N HIS A 64 7.76 9.45 -4.44
CA HIS A 64 7.34 8.08 -4.73
C HIS A 64 5.82 7.90 -4.60
N ILE A 65 5.07 8.99 -4.34
CA ILE A 65 3.59 8.92 -4.32
C ILE A 65 3.07 9.14 -5.73
N THR A 66 2.96 8.04 -6.49
CA THR A 66 2.36 8.04 -7.81
C THR A 66 1.93 6.60 -8.20
N GLY A 67 1.26 6.48 -9.36
CA GLY A 67 0.60 5.24 -9.79
C GLY A 67 1.55 4.07 -10.10
N LYS A 68 2.81 4.37 -10.47
CA LYS A 68 3.79 3.32 -10.84
C LYS A 68 4.30 2.58 -9.59
N TYR A 69 4.43 3.33 -8.47
CA TYR A 69 4.88 2.77 -7.18
C TYR A 69 3.70 2.11 -6.47
N PHE A 70 2.54 2.78 -6.53
CA PHE A 70 1.32 2.36 -5.83
C PHE A 70 0.49 1.39 -6.68
N LYS A 71 1.09 0.91 -7.80
CA LYS A 71 0.46 0.09 -8.82
C LYS A 71 -0.37 -1.04 -8.20
N ASP A 72 0.30 -1.82 -7.35
CA ASP A 72 -0.24 -3.06 -6.76
C ASP A 72 0.61 -3.44 -5.54
N LEU A 73 0.32 -4.59 -4.94
CA LEU A 73 0.97 -5.04 -3.70
C LEU A 73 2.45 -5.29 -3.93
N ASN A 74 2.78 -5.88 -5.07
CA ASN A 74 4.17 -6.27 -5.42
C ASN A 74 5.00 -5.04 -5.83
N ALA A 75 4.33 -4.02 -6.40
CA ALA A 75 4.98 -2.74 -6.74
C ALA A 75 5.34 -1.96 -5.46
N ILE A 76 4.33 -1.79 -4.57
CA ILE A 76 4.53 -1.18 -3.24
C ILE A 76 5.49 -2.02 -2.41
N SER A 77 5.45 -3.35 -2.59
CA SER A 77 6.35 -4.28 -1.87
C SER A 77 7.80 -3.87 -2.08
N ARG A 78 8.23 -3.84 -3.33
CA ARG A 78 9.62 -3.54 -3.69
C ARG A 78 10.01 -2.12 -3.27
N THR A 79 9.04 -1.20 -3.30
CA THR A 79 9.26 0.20 -2.92
C THR A 79 9.30 0.39 -1.39
N VAL A 80 8.49 -0.37 -0.65
CA VAL A 80 8.37 -0.21 0.80
C VAL A 80 9.54 -0.91 1.48
N GLU A 81 9.88 -2.12 0.98
CA GLU A 81 10.92 -2.98 1.57
C GLU A 81 12.28 -2.30 1.48
N GLN A 82 12.51 -1.59 0.34
CA GLN A 82 13.74 -0.82 0.15
C GLN A 82 13.81 0.32 1.16
N LEU A 83 12.67 1.01 1.44
CA LEU A 83 12.66 2.25 2.24
C LEU A 83 13.14 2.00 3.67
N LYS A 84 12.75 0.86 4.26
CA LYS A 84 13.19 0.44 5.61
C LYS A 84 14.71 0.14 5.60
N ALA A 85 15.18 -0.40 4.47
CA ALA A 85 16.62 -0.68 4.25
C ALA A 85 17.41 0.63 4.02
N GLU A 86 16.77 1.60 3.33
CA GLU A 86 17.41 2.88 2.97
C GLU A 86 17.48 3.81 4.18
N SER A 87 16.47 3.71 5.05
CA SER A 87 16.41 4.48 6.29
C SER A 87 17.43 3.94 7.31
N ALA A 88 17.81 2.65 7.17
CA ALA A 88 18.84 2.00 8.01
C ALA A 88 20.24 2.62 7.79
N LEU A 89 21.24 2.16 8.58
CA LEU A 89 22.63 2.69 8.55
C LEU A 89 23.38 2.26 7.27
N GLU A 90 22.70 1.51 6.40
CA GLU A 90 23.23 1.09 5.08
C GLU A 90 23.22 2.28 4.09
N MET A 1 5.54 -11.49 13.03
CA MET A 1 5.00 -11.75 11.70
C MET A 1 5.94 -11.21 10.62
N ASP A 2 5.86 -11.77 9.40
CA ASP A 2 6.74 -11.40 8.26
C ASP A 2 6.12 -10.31 7.40
N GLY A 3 6.86 -9.89 6.35
CA GLY A 3 6.40 -8.90 5.38
C GLY A 3 5.17 -9.38 4.63
N GLU A 4 5.15 -10.70 4.32
CA GLU A 4 4.01 -11.36 3.64
C GLU A 4 2.67 -11.09 4.36
N GLU A 5 2.73 -11.12 5.70
CA GLU A 5 1.56 -10.87 6.57
C GLU A 5 0.99 -9.47 6.33
N VAL A 6 1.86 -8.46 6.49
CA VAL A 6 1.44 -7.06 6.48
C VAL A 6 0.92 -6.64 5.11
N LYS A 7 1.45 -7.28 4.03
CA LYS A 7 0.99 -7.04 2.63
C LYS A 7 -0.54 -7.13 2.54
N GLU A 8 -1.08 -8.25 3.03
CA GLU A 8 -2.49 -8.54 3.03
C GLU A 8 -3.26 -7.48 3.83
N LYS A 9 -2.69 -7.02 4.95
CA LYS A 9 -3.33 -6.00 5.82
C LYS A 9 -3.39 -4.64 5.12
N ILE A 10 -2.37 -4.33 4.27
CA ILE A 10 -2.34 -3.08 3.49
C ILE A 10 -3.52 -3.04 2.51
N ARG A 11 -3.87 -4.22 1.98
CA ARG A 11 -4.98 -4.37 1.00
C ARG A 11 -6.34 -4.37 1.67
N ARG A 12 -6.48 -5.22 2.70
CA ARG A 12 -7.73 -5.39 3.46
C ARG A 12 -8.15 -4.07 4.10
N TYR A 13 -7.17 -3.31 4.58
CA TYR A 13 -7.37 -1.97 5.17
C TYR A 13 -8.09 -1.04 4.16
N ILE A 14 -7.63 -1.07 2.89
CA ILE A 14 -8.22 -0.25 1.81
C ILE A 14 -9.69 -0.64 1.60
N MET A 15 -9.95 -1.94 1.46
CA MET A 15 -11.29 -2.44 1.11
C MET A 15 -12.28 -2.24 2.28
N GLU A 16 -11.93 -2.74 3.47
CA GLU A 16 -12.84 -2.75 4.64
C GLU A 16 -13.10 -1.35 5.18
N ASP A 17 -12.10 -0.46 5.11
CA ASP A 17 -12.21 0.91 5.67
C ASP A 17 -12.45 1.95 4.57
N LEU A 18 -11.50 2.03 3.61
CA LEU A 18 -11.48 3.11 2.60
C LEU A 18 -12.58 2.95 1.54
N ILE A 19 -12.93 1.70 1.19
CA ILE A 19 -14.14 1.42 0.39
C ILE A 19 -15.33 1.44 1.36
N GLY A 20 -15.18 0.71 2.47
CA GLY A 20 -16.18 0.68 3.55
C GLY A 20 -16.70 -0.71 3.81
N PRO A 21 -17.86 -0.84 4.55
CA PRO A 21 -18.42 -2.13 4.99
C PRO A 21 -18.98 -2.97 3.80
N SER A 22 -19.12 -2.33 2.62
CA SER A 22 -19.51 -3.01 1.37
C SER A 22 -18.25 -3.18 0.49
N ALA A 23 -17.22 -3.79 1.10
CA ALA A 23 -15.93 -4.03 0.45
C ALA A 23 -16.01 -5.18 -0.57
N LYS A 24 -15.00 -5.25 -1.46
CA LYS A 24 -14.91 -6.30 -2.51
C LYS A 24 -13.54 -6.98 -2.47
N GLU A 25 -13.46 -8.15 -1.82
CA GLU A 25 -12.26 -9.02 -1.91
C GLU A 25 -12.07 -9.56 -3.34
N ASP A 26 -13.17 -9.54 -4.13
CA ASP A 26 -13.24 -10.09 -5.49
C ASP A 26 -12.08 -9.56 -6.36
N GLU A 27 -12.09 -8.24 -6.55
CA GLU A 27 -11.19 -7.54 -7.49
C GLU A 27 -9.84 -7.20 -6.84
N LEU A 28 -9.77 -7.36 -5.51
CA LEU A 28 -8.53 -7.22 -4.79
C LEU A 28 -7.68 -8.48 -5.07
N ASP A 29 -6.48 -8.24 -5.59
CA ASP A 29 -5.48 -9.29 -5.81
C ASP A 29 -4.09 -8.67 -5.61
N ASP A 30 -3.05 -9.51 -5.66
CA ASP A 30 -1.66 -9.09 -5.58
C ASP A 30 -1.22 -8.41 -6.90
N GLN A 31 -1.55 -9.05 -8.03
CA GLN A 31 -1.09 -8.61 -9.37
C GLN A 31 -2.18 -7.86 -10.15
N THR A 32 -3.20 -7.36 -9.44
CA THR A 32 -4.18 -6.42 -10.01
C THR A 32 -3.67 -4.97 -9.87
N PRO A 33 -3.60 -4.19 -11.00
CA PRO A 33 -3.16 -2.77 -10.96
C PRO A 33 -4.22 -1.85 -10.34
N LEU A 34 -3.99 -1.45 -9.09
CA LEU A 34 -4.94 -0.68 -8.29
C LEU A 34 -5.10 0.76 -8.80
N LEU A 35 -4.00 1.37 -9.27
CA LEU A 35 -4.01 2.75 -9.84
C LEU A 35 -4.77 2.78 -11.17
N GLU A 36 -4.51 1.77 -12.00
CA GLU A 36 -5.16 1.61 -13.32
C GLU A 36 -6.68 1.39 -13.14
N TRP A 37 -7.07 0.81 -11.99
CA TRP A 37 -8.50 0.57 -11.67
C TRP A 37 -9.10 1.75 -10.87
N GLY A 38 -8.28 2.77 -10.60
CA GLY A 38 -8.70 3.98 -9.87
C GLY A 38 -8.98 3.73 -8.37
N ILE A 39 -8.60 2.53 -7.88
CA ILE A 39 -8.83 2.08 -6.50
C ILE A 39 -8.06 2.98 -5.52
N LEU A 40 -6.88 3.45 -5.95
CA LEU A 40 -6.01 4.31 -5.14
C LEU A 40 -6.01 5.74 -5.69
N ASN A 41 -6.62 6.65 -4.92
CA ASN A 41 -6.62 8.10 -5.15
C ASN A 41 -6.42 8.78 -3.79
N SER A 42 -6.08 10.10 -3.77
CA SER A 42 -5.67 10.80 -2.51
C SER A 42 -6.80 10.98 -1.45
N MET A 43 -7.93 10.31 -1.63
CA MET A 43 -9.01 10.26 -0.61
C MET A 43 -8.90 8.97 0.23
N ASN A 44 -7.97 8.08 -0.15
CA ASN A 44 -7.79 6.76 0.50
C ASN A 44 -6.31 6.34 0.58
N ILE A 45 -5.52 6.75 -0.43
CA ILE A 45 -4.10 6.34 -0.59
C ILE A 45 -3.22 7.00 0.50
N VAL A 46 -3.70 8.15 1.02
CA VAL A 46 -3.01 8.93 2.06
C VAL A 46 -3.07 8.21 3.41
N LYS A 47 -4.11 7.38 3.57
CA LYS A 47 -4.31 6.56 4.77
C LYS A 47 -3.29 5.41 4.80
N LEU A 48 -2.81 5.00 3.62
CA LEU A 48 -1.72 4.02 3.50
C LEU A 48 -0.38 4.65 3.92
N MET A 49 -0.19 5.94 3.56
CA MET A 49 1.06 6.68 3.88
C MET A 49 1.30 6.69 5.41
N VAL A 50 0.23 7.03 6.16
CA VAL A 50 0.26 7.07 7.63
C VAL A 50 0.24 5.65 8.24
N TYR A 51 -0.43 4.70 7.53
CA TYR A 51 -0.57 3.30 7.98
C TYR A 51 0.80 2.65 8.12
N ILE A 52 1.56 2.73 7.03
CA ILE A 52 2.87 2.07 6.88
C ILE A 52 3.90 2.70 7.81
N ARG A 53 3.73 4.00 8.13
CA ARG A 53 4.57 4.71 9.11
C ARG A 53 4.18 4.37 10.57
N ASP A 54 2.91 3.99 10.78
CA ASP A 54 2.38 3.57 12.10
C ASP A 54 2.70 2.07 12.35
N GLU A 55 2.73 1.31 11.25
CA GLU A 55 2.89 -0.15 11.24
C GLU A 55 4.38 -0.52 11.28
N MET A 56 5.11 -0.08 10.25
CA MET A 56 6.53 -0.46 10.01
C MET A 56 7.49 0.73 10.17
N GLY A 57 6.95 1.94 10.42
CA GLY A 57 7.76 3.14 10.57
C GLY A 57 8.28 3.69 9.24
N VAL A 58 7.57 3.38 8.15
CA VAL A 58 7.97 3.75 6.77
C VAL A 58 7.01 4.81 6.19
N SER A 59 7.54 5.99 5.88
CA SER A 59 6.78 7.09 5.26
C SER A 59 6.96 7.08 3.73
N ILE A 60 5.87 7.30 3.00
CA ILE A 60 5.91 7.53 1.55
C ILE A 60 6.05 9.06 1.29
N PRO A 61 7.17 9.51 0.64
CA PRO A 61 7.34 10.91 0.22
C PRO A 61 6.47 11.26 -1.01
N SER A 62 6.30 12.57 -1.26
CA SER A 62 5.44 13.09 -2.34
C SER A 62 6.01 12.79 -3.75
N THR A 63 7.35 12.59 -3.84
CA THR A 63 8.02 12.21 -5.09
C THR A 63 7.78 10.71 -5.42
N HIS A 64 7.37 9.92 -4.42
CA HIS A 64 7.06 8.49 -4.60
C HIS A 64 5.54 8.26 -4.66
N ILE A 65 4.75 9.35 -4.77
CA ILE A 65 3.33 9.24 -5.15
C ILE A 65 3.29 9.12 -6.66
N THR A 66 3.26 7.88 -7.11
CA THR A 66 3.13 7.54 -8.52
C THR A 66 2.49 6.15 -8.66
N GLY A 67 2.09 5.82 -9.89
CA GLY A 67 1.54 4.53 -10.22
C GLY A 67 2.44 3.39 -9.82
N LYS A 68 3.68 3.39 -10.36
CA LYS A 68 4.63 2.24 -10.29
C LYS A 68 4.88 1.69 -8.86
N TYR A 69 4.81 2.56 -7.84
CA TYR A 69 5.11 2.17 -6.44
C TYR A 69 3.91 1.54 -5.75
N PHE A 70 2.73 2.15 -5.96
CA PHE A 70 1.46 1.68 -5.35
C PHE A 70 0.70 0.73 -6.29
N LYS A 71 1.31 0.50 -7.46
CA LYS A 71 0.73 -0.14 -8.65
C LYS A 71 -0.02 -1.43 -8.30
N ASP A 72 0.67 -2.27 -7.57
CA ASP A 72 0.21 -3.61 -7.19
C ASP A 72 0.48 -3.78 -5.69
N LEU A 73 0.17 -4.98 -5.19
CA LEU A 73 0.61 -5.38 -3.84
C LEU A 73 2.08 -5.80 -3.90
N ASN A 74 2.44 -6.54 -4.96
CA ASN A 74 3.83 -6.99 -5.21
C ASN A 74 4.75 -5.79 -5.48
N ALA A 75 4.17 -4.74 -6.07
CA ALA A 75 4.87 -3.46 -6.31
C ALA A 75 5.24 -2.78 -4.99
N ILE A 76 4.24 -2.66 -4.09
CA ILE A 76 4.41 -2.09 -2.73
C ILE A 76 5.29 -2.99 -1.87
N SER A 77 5.27 -4.30 -2.14
CA SER A 77 6.09 -5.27 -1.41
C SER A 77 7.60 -5.00 -1.68
N ARG A 78 7.90 -4.58 -2.92
CA ARG A 78 9.27 -4.19 -3.32
C ARG A 78 9.59 -2.77 -2.80
N THR A 79 8.60 -1.87 -2.92
CA THR A 79 8.76 -0.45 -2.56
C THR A 79 9.04 -0.28 -1.06
N VAL A 80 8.21 -0.91 -0.22
CA VAL A 80 8.30 -0.81 1.24
C VAL A 80 9.64 -1.37 1.75
N GLU A 81 10.17 -2.38 1.02
CA GLU A 81 11.49 -2.97 1.27
C GLU A 81 12.59 -1.95 1.07
N GLN A 82 12.64 -1.34 -0.12
CA GLN A 82 13.72 -0.41 -0.50
C GLN A 82 13.69 0.84 0.39
N LEU A 83 12.48 1.27 0.77
CA LEU A 83 12.29 2.48 1.60
C LEU A 83 12.89 2.28 2.99
N LYS A 84 12.80 1.06 3.54
CA LYS A 84 13.44 0.74 4.84
C LYS A 84 14.97 0.78 4.69
N ALA A 85 15.46 0.36 3.53
CA ALA A 85 16.89 0.35 3.19
C ALA A 85 17.41 1.80 3.01
N GLU A 86 16.58 2.67 2.41
CA GLU A 86 16.95 4.06 2.03
C GLU A 86 16.76 5.04 3.21
N SER A 87 15.72 4.79 4.03
CA SER A 87 15.32 5.69 5.13
C SER A 87 16.18 5.44 6.37
N ALA A 88 16.35 4.14 6.73
CA ALA A 88 17.17 3.74 7.88
C ALA A 88 18.66 3.83 7.54
N LEU A 89 19.49 3.80 8.58
CA LEU A 89 20.96 3.85 8.46
C LEU A 89 21.56 2.45 8.14
N GLU A 90 20.67 1.46 7.97
CA GLU A 90 20.98 0.06 7.74
C GLU A 90 21.90 -0.13 6.51
#